data_1Q8C
# 
_entry.id   1Q8C 
# 
_audit_conform.dict_name       mmcif_pdbx.dic 
_audit_conform.dict_version    5.386 
_audit_conform.dict_location   http://mmcif.pdb.org/dictionaries/ascii/mmcif_pdbx.dic 
# 
loop_
_database_2.database_id 
_database_2.database_code 
_database_2.pdbx_database_accession 
_database_2.pdbx_DOI 
PDB   1Q8C         pdb_00001q8c 10.2210/pdb1q8c/pdb 
RCSB  RCSB020043   ?            ?                   
WWPDB D_1000020043 ?            ?                   
# 
loop_
_pdbx_audit_revision_history.ordinal 
_pdbx_audit_revision_history.data_content_type 
_pdbx_audit_revision_history.major_revision 
_pdbx_audit_revision_history.minor_revision 
_pdbx_audit_revision_history.revision_date 
1 'Structure model' 1 0 2003-09-30 
2 'Structure model' 1 1 2008-04-29 
3 'Structure model' 1 2 2011-07-13 
4 'Structure model' 1 3 2024-02-14 
# 
_pdbx_audit_revision_details.ordinal             1 
_pdbx_audit_revision_details.revision_ordinal    1 
_pdbx_audit_revision_details.data_content_type   'Structure model' 
_pdbx_audit_revision_details.provider            repository 
_pdbx_audit_revision_details.type                'Initial release' 
_pdbx_audit_revision_details.description         ? 
_pdbx_audit_revision_details.details             ? 
# 
loop_
_pdbx_audit_revision_group.ordinal 
_pdbx_audit_revision_group.revision_ordinal 
_pdbx_audit_revision_group.data_content_type 
_pdbx_audit_revision_group.group 
1 2 'Structure model' 'Version format compliance' 
2 3 'Structure model' Advisory                    
3 3 'Structure model' 'Version format compliance' 
4 4 'Structure model' 'Data collection'           
5 4 'Structure model' 'Database references'       
6 4 'Structure model' 'Derived calculations'      
# 
loop_
_pdbx_audit_revision_category.ordinal 
_pdbx_audit_revision_category.revision_ordinal 
_pdbx_audit_revision_category.data_content_type 
_pdbx_audit_revision_category.category 
1 4 'Structure model' chem_comp_atom         
2 4 'Structure model' chem_comp_bond         
3 4 'Structure model' database_2             
4 4 'Structure model' pdbx_struct_conn_angle 
5 4 'Structure model' struct_conn            
6 4 'Structure model' struct_site            
# 
loop_
_pdbx_audit_revision_item.ordinal 
_pdbx_audit_revision_item.revision_ordinal 
_pdbx_audit_revision_item.data_content_type 
_pdbx_audit_revision_item.item 
1  4 'Structure model' '_database_2.pdbx_DOI'                        
2  4 'Structure model' '_database_2.pdbx_database_accession'         
3  4 'Structure model' '_pdbx_struct_conn_angle.ptnr1_auth_comp_id'  
4  4 'Structure model' '_pdbx_struct_conn_angle.ptnr1_auth_seq_id'   
5  4 'Structure model' '_pdbx_struct_conn_angle.ptnr1_label_asym_id' 
6  4 'Structure model' '_pdbx_struct_conn_angle.ptnr1_label_comp_id' 
7  4 'Structure model' '_pdbx_struct_conn_angle.ptnr1_label_seq_id'  
8  4 'Structure model' '_pdbx_struct_conn_angle.ptnr3_auth_comp_id'  
9  4 'Structure model' '_pdbx_struct_conn_angle.ptnr3_auth_seq_id'   
10 4 'Structure model' '_pdbx_struct_conn_angle.ptnr3_label_asym_id' 
11 4 'Structure model' '_pdbx_struct_conn_angle.ptnr3_label_comp_id' 
12 4 'Structure model' '_pdbx_struct_conn_angle.ptnr3_label_seq_id'  
13 4 'Structure model' '_struct_conn.pdbx_dist_value'                
14 4 'Structure model' '_struct_conn.ptnr1_auth_comp_id'             
15 4 'Structure model' '_struct_conn.ptnr1_auth_seq_id'              
16 4 'Structure model' '_struct_conn.ptnr1_label_asym_id'            
17 4 'Structure model' '_struct_conn.ptnr1_label_atom_id'            
18 4 'Structure model' '_struct_conn.ptnr1_label_comp_id'            
19 4 'Structure model' '_struct_conn.ptnr1_label_seq_id'             
20 4 'Structure model' '_struct_conn.ptnr2_auth_comp_id'             
21 4 'Structure model' '_struct_conn.ptnr2_auth_seq_id'              
22 4 'Structure model' '_struct_conn.ptnr2_label_asym_id'            
23 4 'Structure model' '_struct_conn.ptnr2_label_atom_id'            
24 4 'Structure model' '_struct_conn.ptnr2_label_comp_id'            
25 4 'Structure model' '_struct_site.pdbx_auth_asym_id'              
26 4 'Structure model' '_struct_site.pdbx_auth_comp_id'              
27 4 'Structure model' '_struct_site.pdbx_auth_seq_id'               
# 
_pdbx_database_status.status_code                     REL 
_pdbx_database_status.entry_id                        1Q8C 
_pdbx_database_status.recvd_initial_deposition_date   2003-08-20 
_pdbx_database_status.deposit_site                    RCSB 
_pdbx_database_status.process_site                    RCSB 
_pdbx_database_status.SG_entry                        Y 
_pdbx_database_status.status_code_sf                  REL 
_pdbx_database_status.status_code_mr                  ? 
_pdbx_database_status.pdb_format_compatible           Y 
_pdbx_database_status.status_code_cs                  ? 
_pdbx_database_status.status_code_nmr_data            ? 
_pdbx_database_status.methods_development_category    ? 
# 
_pdbx_database_related.db_name        TargetDB 
_pdbx_database_related.db_id          BSGCAIR30482 
_pdbx_database_related.details        . 
_pdbx_database_related.content_type   unspecified 
# 
loop_
_audit_author.name 
_audit_author.pdbx_ordinal 
'Liu, J.'                                    1 
'Yokota, H.'                                 2 
'Kim, R.'                                    3 
'Kim, S.-H.'                                 4 
'Berkeley Structural Genomics Center (BSGC)' 5 
# 
_citation.id                        primary 
_citation.title                     
'A conserved hypothetical protein from Mycoplasma genitalium shows structural homology to nusb proteins' 
_citation.journal_abbrev            Proteins 
_citation.journal_volume            55 
_citation.page_first                1082 
_citation.page_last                 1086 
_citation.year                      2004 
_citation.journal_id_ASTM           PSFGEY 
_citation.country                   US 
_citation.journal_id_ISSN           0887-3585 
_citation.journal_id_CSD            0867 
_citation.book_publisher            ? 
_citation.pdbx_database_id_PubMed   15146506 
_citation.pdbx_database_id_DOI      10.1002/prot.20119 
# 
loop_
_citation_author.citation_id 
_citation_author.name 
_citation_author.ordinal 
_citation_author.identifier_ORCID 
primary 'Liu, J.'    1 ? 
primary 'Yokota, H.' 2 ? 
primary 'Kim, R.'    3 ? 
primary 'Kim, S.-H.' 4 ? 
# 
loop_
_entity.id 
_entity.type 
_entity.src_method 
_entity.pdbx_description 
_entity.formula_weight 
_entity.pdbx_number_of_molecules 
_entity.pdbx_ec 
_entity.pdbx_mutation 
_entity.pdbx_fragment 
_entity.details 
1 polymer     nat 'Hypothetical protein MG027' 17505.410 1  ? ? ? ? 
2 non-polymer syn 'IODIDE ION'                 126.904   7  ? ? ? ? 
3 non-polymer syn 'CHLORIDE ION'               35.453    2  ? ? ? ? 
4 non-polymer syn 'SODIUM ION'                 22.990    3  ? ? ? ? 
5 water       nat water                        18.015    61 ? ? ? ? 
# 
_entity_poly.entity_id                      1 
_entity_poly.type                           'polypeptide(L)' 
_entity_poly.nstd_linkage                   no 
_entity_poly.nstd_monomer                   no 
_entity_poly.pdbx_seq_one_letter_code       
;MAITVKGLTNKLTRTQRRIAVVEFIFSLLFFLPKEAEVIQADFLEYDTKERQLNEWQKLIVKAFSENIFSFQKKIEEQQL
KNQLEIQTKYNKISGKKIDLLTTAVVLCALSEQKAHNTDKPLLISEALLIMDHYSQGAEKKQTHALLDKLL
;
_entity_poly.pdbx_seq_one_letter_code_can   
;MAITVKGLTNKLTRTQRRIAVVEFIFSLLFFLPKEAEVIQADFLEYDTKERQLNEWQKLIVKAFSENIFSFQKKIEEQQL
KNQLEIQTKYNKISGKKIDLLTTAVVLCALSEQKAHNTDKPLLISEALLIMDHYSQGAEKKQTHALLDKLL
;
_entity_poly.pdbx_strand_id                 A 
_entity_poly.pdbx_target_identifier         BSGCAIR30482 
# 
loop_
_pdbx_entity_nonpoly.entity_id 
_pdbx_entity_nonpoly.name 
_pdbx_entity_nonpoly.comp_id 
2 'IODIDE ION'   IOD 
3 'CHLORIDE ION' CL  
4 'SODIUM ION'   NA  
5 water          HOH 
# 
loop_
_entity_poly_seq.entity_id 
_entity_poly_seq.num 
_entity_poly_seq.mon_id 
_entity_poly_seq.hetero 
1 1   MET n 
1 2   ALA n 
1 3   ILE n 
1 4   THR n 
1 5   VAL n 
1 6   LYS n 
1 7   GLY n 
1 8   LEU n 
1 9   THR n 
1 10  ASN n 
1 11  LYS n 
1 12  LEU n 
1 13  THR n 
1 14  ARG n 
1 15  THR n 
1 16  GLN n 
1 17  ARG n 
1 18  ARG n 
1 19  ILE n 
1 20  ALA n 
1 21  VAL n 
1 22  VAL n 
1 23  GLU n 
1 24  PHE n 
1 25  ILE n 
1 26  PHE n 
1 27  SER n 
1 28  LEU n 
1 29  LEU n 
1 30  PHE n 
1 31  PHE n 
1 32  LEU n 
1 33  PRO n 
1 34  LYS n 
1 35  GLU n 
1 36  ALA n 
1 37  GLU n 
1 38  VAL n 
1 39  ILE n 
1 40  GLN n 
1 41  ALA n 
1 42  ASP n 
1 43  PHE n 
1 44  LEU n 
1 45  GLU n 
1 46  TYR n 
1 47  ASP n 
1 48  THR n 
1 49  LYS n 
1 50  GLU n 
1 51  ARG n 
1 52  GLN n 
1 53  LEU n 
1 54  ASN n 
1 55  GLU n 
1 56  TRP n 
1 57  GLN n 
1 58  LYS n 
1 59  LEU n 
1 60  ILE n 
1 61  VAL n 
1 62  LYS n 
1 63  ALA n 
1 64  PHE n 
1 65  SER n 
1 66  GLU n 
1 67  ASN n 
1 68  ILE n 
1 69  PHE n 
1 70  SER n 
1 71  PHE n 
1 72  GLN n 
1 73  LYS n 
1 74  LYS n 
1 75  ILE n 
1 76  GLU n 
1 77  GLU n 
1 78  GLN n 
1 79  GLN n 
1 80  LEU n 
1 81  LYS n 
1 82  ASN n 
1 83  GLN n 
1 84  LEU n 
1 85  GLU n 
1 86  ILE n 
1 87  GLN n 
1 88  THR n 
1 89  LYS n 
1 90  TYR n 
1 91  ASN n 
1 92  LYS n 
1 93  ILE n 
1 94  SER n 
1 95  GLY n 
1 96  LYS n 
1 97  LYS n 
1 98  ILE n 
1 99  ASP n 
1 100 LEU n 
1 101 LEU n 
1 102 THR n 
1 103 THR n 
1 104 ALA n 
1 105 VAL n 
1 106 VAL n 
1 107 LEU n 
1 108 CYS n 
1 109 ALA n 
1 110 LEU n 
1 111 SER n 
1 112 GLU n 
1 113 GLN n 
1 114 LYS n 
1 115 ALA n 
1 116 HIS n 
1 117 ASN n 
1 118 THR n 
1 119 ASP n 
1 120 LYS n 
1 121 PRO n 
1 122 LEU n 
1 123 LEU n 
1 124 ILE n 
1 125 SER n 
1 126 GLU n 
1 127 ALA n 
1 128 LEU n 
1 129 LEU n 
1 130 ILE n 
1 131 MET n 
1 132 ASP n 
1 133 HIS n 
1 134 TYR n 
1 135 SER n 
1 136 GLN n 
1 137 GLY n 
1 138 ALA n 
1 139 GLU n 
1 140 LYS n 
1 141 LYS n 
1 142 GLN n 
1 143 THR n 
1 144 HIS n 
1 145 ALA n 
1 146 LEU n 
1 147 LEU n 
1 148 ASP n 
1 149 LYS n 
1 150 LEU n 
1 151 LEU n 
# 
_entity_src_nat.entity_id                  1 
_entity_src_nat.pdbx_src_id                1 
_entity_src_nat.pdbx_alt_source_flag       sample 
_entity_src_nat.pdbx_beg_seq_num           ? 
_entity_src_nat.pdbx_end_seq_num           ? 
_entity_src_nat.common_name                ? 
_entity_src_nat.pdbx_organism_scientific   'Mycoplasma genitalium' 
_entity_src_nat.pdbx_ncbi_taxonomy_id      2097 
_entity_src_nat.genus                      Mycoplasma 
_entity_src_nat.species                    ? 
_entity_src_nat.strain                     ? 
_entity_src_nat.tissue                     ? 
_entity_src_nat.tissue_fraction            ? 
_entity_src_nat.pdbx_secretion             ? 
_entity_src_nat.pdbx_fragment              ? 
_entity_src_nat.pdbx_variant               ? 
_entity_src_nat.pdbx_cell_line             ? 
_entity_src_nat.pdbx_atcc                  ? 
_entity_src_nat.pdbx_cellular_location     ? 
_entity_src_nat.pdbx_organ                 ? 
_entity_src_nat.pdbx_organelle             ? 
_entity_src_nat.pdbx_cell                  ? 
_entity_src_nat.pdbx_plasmid_name          ? 
_entity_src_nat.pdbx_plasmid_details       ? 
_entity_src_nat.details                    ? 
# 
loop_
_chem_comp.id 
_chem_comp.type 
_chem_comp.mon_nstd_flag 
_chem_comp.name 
_chem_comp.pdbx_synonyms 
_chem_comp.formula 
_chem_comp.formula_weight 
ALA 'L-peptide linking' y ALANINE         ? 'C3 H7 N O2'     89.093  
ARG 'L-peptide linking' y ARGININE        ? 'C6 H15 N4 O2 1' 175.209 
ASN 'L-peptide linking' y ASPARAGINE      ? 'C4 H8 N2 O3'    132.118 
ASP 'L-peptide linking' y 'ASPARTIC ACID' ? 'C4 H7 N O4'     133.103 
CL  non-polymer         . 'CHLORIDE ION'  ? 'Cl -1'          35.453  
CYS 'L-peptide linking' y CYSTEINE        ? 'C3 H7 N O2 S'   121.158 
GLN 'L-peptide linking' y GLUTAMINE       ? 'C5 H10 N2 O3'   146.144 
GLU 'L-peptide linking' y 'GLUTAMIC ACID' ? 'C5 H9 N O4'     147.129 
GLY 'peptide linking'   y GLYCINE         ? 'C2 H5 N O2'     75.067  
HIS 'L-peptide linking' y HISTIDINE       ? 'C6 H10 N3 O2 1' 156.162 
HOH non-polymer         . WATER           ? 'H2 O'           18.015  
ILE 'L-peptide linking' y ISOLEUCINE      ? 'C6 H13 N O2'    131.173 
IOD non-polymer         . 'IODIDE ION'    ? 'I -1'           126.904 
LEU 'L-peptide linking' y LEUCINE         ? 'C6 H13 N O2'    131.173 
LYS 'L-peptide linking' y LYSINE          ? 'C6 H15 N2 O2 1' 147.195 
MET 'L-peptide linking' y METHIONINE      ? 'C5 H11 N O2 S'  149.211 
NA  non-polymer         . 'SODIUM ION'    ? 'Na 1'           22.990  
PHE 'L-peptide linking' y PHENYLALANINE   ? 'C9 H11 N O2'    165.189 
PRO 'L-peptide linking' y PROLINE         ? 'C5 H9 N O2'     115.130 
SER 'L-peptide linking' y SERINE          ? 'C3 H7 N O3'     105.093 
THR 'L-peptide linking' y THREONINE       ? 'C4 H9 N O3'     119.119 
TRP 'L-peptide linking' y TRYPTOPHAN      ? 'C11 H12 N2 O2'  204.225 
TYR 'L-peptide linking' y TYROSINE        ? 'C9 H11 N O3'    181.189 
VAL 'L-peptide linking' y VALINE          ? 'C5 H11 N O2'    117.146 
# 
loop_
_pdbx_poly_seq_scheme.asym_id 
_pdbx_poly_seq_scheme.entity_id 
_pdbx_poly_seq_scheme.seq_id 
_pdbx_poly_seq_scheme.mon_id 
_pdbx_poly_seq_scheme.ndb_seq_num 
_pdbx_poly_seq_scheme.pdb_seq_num 
_pdbx_poly_seq_scheme.auth_seq_num 
_pdbx_poly_seq_scheme.pdb_mon_id 
_pdbx_poly_seq_scheme.auth_mon_id 
_pdbx_poly_seq_scheme.pdb_strand_id 
_pdbx_poly_seq_scheme.pdb_ins_code 
_pdbx_poly_seq_scheme.hetero 
A 1 1   MET 1   1   ?   ?   ?   A . n 
A 1 2   ALA 2   2   ?   ?   ?   A . n 
A 1 3   ILE 3   3   ?   ?   ?   A . n 
A 1 4   THR 4   4   ?   ?   ?   A . n 
A 1 5   VAL 5   5   ?   ?   ?   A . n 
A 1 6   LYS 6   6   ?   ?   ?   A . n 
A 1 7   GLY 7   7   ?   ?   ?   A . n 
A 1 8   LEU 8   8   ?   ?   ?   A . n 
A 1 9   THR 9   9   ?   ?   ?   A . n 
A 1 10  ASN 10  10  ?   ?   ?   A . n 
A 1 11  LYS 11  11  ?   ?   ?   A . n 
A 1 12  LEU 12  12  12  LEU LEU A . n 
A 1 13  THR 13  13  13  THR THR A . n 
A 1 14  ARG 14  14  14  ARG ARG A . n 
A 1 15  THR 15  15  15  THR THR A . n 
A 1 16  GLN 16  16  16  GLN GLN A . n 
A 1 17  ARG 17  17  17  ARG ARG A . n 
A 1 18  ARG 18  18  18  ARG ARG A . n 
A 1 19  ILE 19  19  19  ILE ILE A . n 
A 1 20  ALA 20  20  20  ALA ALA A . n 
A 1 21  VAL 21  21  21  VAL VAL A . n 
A 1 22  VAL 22  22  22  VAL VAL A . n 
A 1 23  GLU 23  23  23  GLU GLU A . n 
A 1 24  PHE 24  24  24  PHE PHE A . n 
A 1 25  ILE 25  25  25  ILE ILE A . n 
A 1 26  PHE 26  26  26  PHE PHE A . n 
A 1 27  SER 27  27  27  SER SER A . n 
A 1 28  LEU 28  28  28  LEU LEU A . n 
A 1 29  LEU 29  29  29  LEU LEU A . n 
A 1 30  PHE 30  30  30  PHE PHE A . n 
A 1 31  PHE 31  31  31  PHE PHE A . n 
A 1 32  LEU 32  32  32  LEU LEU A . n 
A 1 33  PRO 33  33  33  PRO PRO A . n 
A 1 34  LYS 34  34  34  LYS LYS A . n 
A 1 35  GLU 35  35  35  GLU GLU A . n 
A 1 36  ALA 36  36  36  ALA ALA A . n 
A 1 37  GLU 37  37  37  GLU GLU A . n 
A 1 38  VAL 38  38  38  VAL VAL A . n 
A 1 39  ILE 39  39  39  ILE ILE A . n 
A 1 40  GLN 40  40  40  GLN GLN A . n 
A 1 41  ALA 41  41  41  ALA ALA A . n 
A 1 42  ASP 42  42  42  ASP ASP A . n 
A 1 43  PHE 43  43  43  PHE PHE A . n 
A 1 44  LEU 44  44  44  LEU LEU A . n 
A 1 45  GLU 45  45  45  GLU GLU A . n 
A 1 46  TYR 46  46  46  TYR TYR A . n 
A 1 47  ASP 47  47  47  ASP ASP A . n 
A 1 48  THR 48  48  48  THR THR A . n 
A 1 49  LYS 49  49  49  LYS LYS A . n 
A 1 50  GLU 50  50  50  GLU GLU A . n 
A 1 51  ARG 51  51  51  ARG ARG A . n 
A 1 52  GLN 52  52  52  GLN GLN A . n 
A 1 53  LEU 53  53  53  LEU LEU A . n 
A 1 54  ASN 54  54  54  ASN ASN A . n 
A 1 55  GLU 55  55  55  GLU GLU A . n 
A 1 56  TRP 56  56  56  TRP TRP A . n 
A 1 57  GLN 57  57  57  GLN GLN A . n 
A 1 58  LYS 58  58  58  LYS LYS A . n 
A 1 59  LEU 59  59  59  LEU LEU A . n 
A 1 60  ILE 60  60  60  ILE ILE A . n 
A 1 61  VAL 61  61  61  VAL VAL A . n 
A 1 62  LYS 62  62  62  LYS LYS A . n 
A 1 63  ALA 63  63  63  ALA ALA A . n 
A 1 64  PHE 64  64  64  PHE PHE A . n 
A 1 65  SER 65  65  65  SER SER A . n 
A 1 66  GLU 66  66  66  GLU GLU A . n 
A 1 67  ASN 67  67  67  ASN ASN A . n 
A 1 68  ILE 68  68  68  ILE ILE A . n 
A 1 69  PHE 69  69  69  PHE PHE A . n 
A 1 70  SER 70  70  70  SER SER A . n 
A 1 71  PHE 71  71  71  PHE PHE A . n 
A 1 72  GLN 72  72  72  GLN GLN A . n 
A 1 73  LYS 73  73  73  LYS LYS A . n 
A 1 74  LYS 74  74  74  LYS LYS A . n 
A 1 75  ILE 75  75  75  ILE ILE A . n 
A 1 76  GLU 76  76  76  GLU GLU A . n 
A 1 77  GLU 77  77  77  GLU GLU A . n 
A 1 78  GLN 78  78  78  GLN GLN A . n 
A 1 79  GLN 79  79  79  GLN GLN A . n 
A 1 80  LEU 80  80  80  LEU LEU A . n 
A 1 81  LYS 81  81  81  LYS LYS A . n 
A 1 82  ASN 82  82  82  ASN ASN A . n 
A 1 83  GLN 83  83  83  GLN GLN A . n 
A 1 84  LEU 84  84  84  LEU LEU A . n 
A 1 85  GLU 85  85  85  GLU GLU A . n 
A 1 86  ILE 86  86  86  ILE ILE A . n 
A 1 87  GLN 87  87  87  GLN GLN A . n 
A 1 88  THR 88  88  88  THR THR A . n 
A 1 89  LYS 89  89  ?   ?   ?   A . n 
A 1 90  TYR 90  90  ?   ?   ?   A . n 
A 1 91  ASN 91  91  ?   ?   ?   A . n 
A 1 92  LYS 92  92  ?   ?   ?   A . n 
A 1 93  ILE 93  93  ?   ?   ?   A . n 
A 1 94  SER 94  94  ?   ?   ?   A . n 
A 1 95  GLY 95  95  ?   ?   ?   A . n 
A 1 96  LYS 96  96  ?   ?   ?   A . n 
A 1 97  LYS 97  97  97  LYS LYS A . n 
A 1 98  ILE 98  98  98  ILE ILE A . n 
A 1 99  ASP 99  99  99  ASP ASP A . n 
A 1 100 LEU 100 100 100 LEU LEU A . n 
A 1 101 LEU 101 101 101 LEU LEU A . n 
A 1 102 THR 102 102 102 THR THR A . n 
A 1 103 THR 103 103 103 THR THR A . n 
A 1 104 ALA 104 104 104 ALA ALA A . n 
A 1 105 VAL 105 105 105 VAL VAL A . n 
A 1 106 VAL 106 106 106 VAL VAL A . n 
A 1 107 LEU 107 107 107 LEU LEU A . n 
A 1 108 CYS 108 108 108 CYS CYS A . n 
A 1 109 ALA 109 109 109 ALA ALA A . n 
A 1 110 LEU 110 110 110 LEU LEU A . n 
A 1 111 SER 111 111 111 SER SER A . n 
A 1 112 GLU 112 112 112 GLU GLU A . n 
A 1 113 GLN 113 113 113 GLN GLN A . n 
A 1 114 LYS 114 114 114 LYS LYS A . n 
A 1 115 ALA 115 115 115 ALA ALA A . n 
A 1 116 HIS 116 116 116 HIS HIS A . n 
A 1 117 ASN 117 117 117 ASN ASN A . n 
A 1 118 THR 118 118 118 THR THR A . n 
A 1 119 ASP 119 119 119 ASP ASP A . n 
A 1 120 LYS 120 120 120 LYS LYS A . n 
A 1 121 PRO 121 121 121 PRO PRO A . n 
A 1 122 LEU 122 122 122 LEU LEU A . n 
A 1 123 LEU 123 123 123 LEU LEU A . n 
A 1 124 ILE 124 124 124 ILE ILE A . n 
A 1 125 SER 125 125 125 SER SER A . n 
A 1 126 GLU 126 126 126 GLU GLU A . n 
A 1 127 ALA 127 127 127 ALA ALA A . n 
A 1 128 LEU 128 128 128 LEU LEU A . n 
A 1 129 LEU 129 129 129 LEU LEU A . n 
A 1 130 ILE 130 130 130 ILE ILE A . n 
A 1 131 MET 131 131 131 MET MET A . n 
A 1 132 ASP 132 132 132 ASP ASP A . n 
A 1 133 HIS 133 133 133 HIS HIS A . n 
A 1 134 TYR 134 134 134 TYR TYR A . n 
A 1 135 SER 135 135 135 SER SER A . n 
A 1 136 GLN 136 136 136 GLN GLN A . n 
A 1 137 GLY 137 137 137 GLY GLY A . n 
A 1 138 ALA 138 138 138 ALA ALA A . n 
A 1 139 GLU 139 139 139 GLU GLU A . n 
A 1 140 LYS 140 140 140 LYS LYS A . n 
A 1 141 LYS 141 141 141 LYS LYS A . n 
A 1 142 GLN 142 142 142 GLN GLN A . n 
A 1 143 THR 143 143 143 THR THR A . n 
A 1 144 HIS 144 144 144 HIS HIS A . n 
A 1 145 ALA 145 145 145 ALA ALA A . n 
A 1 146 LEU 146 146 146 LEU LEU A . n 
A 1 147 LEU 147 147 147 LEU LEU A . n 
A 1 148 ASP 148 148 148 ASP ASP A . n 
A 1 149 LYS 149 149 149 LYS LYS A . n 
A 1 150 LEU 150 150 150 LEU LEU A . n 
A 1 151 LEU 151 151 151 LEU LEU A . n 
# 
loop_
_pdbx_nonpoly_scheme.asym_id 
_pdbx_nonpoly_scheme.entity_id 
_pdbx_nonpoly_scheme.mon_id 
_pdbx_nonpoly_scheme.ndb_seq_num 
_pdbx_nonpoly_scheme.pdb_seq_num 
_pdbx_nonpoly_scheme.auth_seq_num 
_pdbx_nonpoly_scheme.pdb_mon_id 
_pdbx_nonpoly_scheme.auth_mon_id 
_pdbx_nonpoly_scheme.pdb_strand_id 
_pdbx_nonpoly_scheme.pdb_ins_code 
B 2 IOD 1  152 101 IOD IOD A . 
C 2 IOD 1  153 102 IOD IOD A . 
D 2 IOD 1  154 103 IOD IOD A . 
E 2 IOD 1  155 104 IOD IOD A . 
F 2 IOD 1  156 105 IOD IOD A . 
G 2 IOD 1  157 106 IOD IOD A . 
H 2 IOD 1  158 107 IOD IOD A . 
I 3 CL  1  159 112 CL  CL  A . 
J 3 CL  1  160 113 CL  CL  A . 
K 4 NA  1  161 122 NA  NA  A . 
L 4 NA  1  162 123 NA  NA  A . 
M 4 NA  1  163 124 NA  NA  A . 
N 5 HOH 1  164 2   HOH HOH A . 
N 5 HOH 2  165 3   HOH HOH A . 
N 5 HOH 3  166 4   HOH HOH A . 
N 5 HOH 4  167 5   HOH HOH A . 
N 5 HOH 5  168 7   HOH HOH A . 
N 5 HOH 6  169 9   HOH HOH A . 
N 5 HOH 7  170 10  HOH HOH A . 
N 5 HOH 8  171 12  HOH HOH A . 
N 5 HOH 9  172 14  HOH HOH A . 
N 5 HOH 10 173 19  HOH HOH A . 
N 5 HOH 11 174 20  HOH HOH A . 
N 5 HOH 12 175 21  HOH HOH A . 
N 5 HOH 13 176 22  HOH HOH A . 
N 5 HOH 14 177 23  HOH HOH A . 
N 5 HOH 15 178 24  HOH HOH A . 
N 5 HOH 16 179 25  HOH HOH A . 
N 5 HOH 17 180 26  HOH HOH A . 
N 5 HOH 18 181 27  HOH HOH A . 
N 5 HOH 19 182 28  HOH HOH A . 
N 5 HOH 20 183 29  HOH HOH A . 
N 5 HOH 21 184 31  HOH HOH A . 
N 5 HOH 22 185 32  HOH HOH A . 
N 5 HOH 23 186 34  HOH HOH A . 
N 5 HOH 24 187 35  HOH HOH A . 
N 5 HOH 25 188 36  HOH HOH A . 
N 5 HOH 26 189 37  HOH HOH A . 
N 5 HOH 27 190 38  HOH HOH A . 
N 5 HOH 28 191 39  HOH HOH A . 
N 5 HOH 29 192 41  HOH HOH A . 
N 5 HOH 30 193 42  HOH HOH A . 
N 5 HOH 31 194 43  HOH HOH A . 
N 5 HOH 32 195 44  HOH HOH A . 
N 5 HOH 33 196 45  HOH HOH A . 
N 5 HOH 34 197 46  HOH HOH A . 
N 5 HOH 35 198 47  HOH HOH A . 
N 5 HOH 36 199 48  HOH HOH A . 
N 5 HOH 37 200 49  HOH HOH A . 
N 5 HOH 38 201 50  HOH HOH A . 
N 5 HOH 39 202 51  HOH HOH A . 
N 5 HOH 40 203 53  HOH HOH A . 
N 5 HOH 41 204 54  HOH HOH A . 
N 5 HOH 42 205 55  HOH HOH A . 
N 5 HOH 43 206 56  HOH HOH A . 
N 5 HOH 44 207 57  HOH HOH A . 
N 5 HOH 45 208 58  HOH HOH A . 
N 5 HOH 46 209 59  HOH HOH A . 
N 5 HOH 47 210 60  HOH HOH A . 
N 5 HOH 48 211 61  HOH HOH A . 
N 5 HOH 49 212 62  HOH HOH A . 
N 5 HOH 50 213 63  HOH HOH A . 
N 5 HOH 51 214 64  HOH HOH A . 
N 5 HOH 52 215 66  HOH HOH A . 
N 5 HOH 53 216 68  HOH HOH A . 
N 5 HOH 54 217 71  HOH HOH A . 
N 5 HOH 55 218 72  HOH HOH A . 
N 5 HOH 56 219 73  HOH HOH A . 
N 5 HOH 57 220 74  HOH HOH A . 
N 5 HOH 58 221 75  HOH HOH A . 
N 5 HOH 59 222 76  HOH HOH A . 
N 5 HOH 60 223 77  HOH HOH A . 
N 5 HOH 61 224 78  HOH HOH A . 
# 
_software.name             REFMAC 
_software.classification   refinement 
_software.version          5.0 
_software.citation_id      ? 
_software.pdbx_ordinal     1 
# 
_cell.entry_id           1Q8C 
_cell.length_a           41.401 
_cell.length_b           41.401 
_cell.length_c           99.008 
_cell.angle_alpha        90.00 
_cell.angle_beta         90.00 
_cell.angle_gamma        90.00 
_cell.Z_PDB              4 
_cell.pdbx_unique_axis   ? 
# 
_symmetry.entry_id                         1Q8C 
_symmetry.space_group_name_H-M             'P 41' 
_symmetry.pdbx_full_space_group_name_H-M   ? 
_symmetry.cell_setting                     ? 
_symmetry.Int_Tables_number                76 
_symmetry.space_group_name_Hall            ? 
# 
_exptl.entry_id          1Q8C 
_exptl.method            'X-RAY DIFFRACTION' 
_exptl.crystals_number   1 
# 
_exptl_crystal.id                    1 
_exptl_crystal.density_meas          ? 
_exptl_crystal.density_Matthews      2.42 
_exptl_crystal.density_percent_sol   49.25 
_exptl_crystal.description           ? 
_exptl_crystal.F_000                 ? 
_exptl_crystal.preparation           ? 
# 
_diffrn.id                     1 
_diffrn.ambient_temp           100 
_diffrn.ambient_temp_details   ? 
_diffrn.crystal_id             1 
# 
_diffrn_detector.diffrn_id              1 
_diffrn_detector.detector               CCD 
_diffrn_detector.type                   'ADSC QUANTUM 210' 
_diffrn_detector.pdbx_collection_date   ? 
_diffrn_detector.details                ? 
# 
_diffrn_radiation.diffrn_id                        1 
_diffrn_radiation.wavelength_id                    1 
_diffrn_radiation.pdbx_monochromatic_or_laue_m_l   M 
_diffrn_radiation.monochromator                    ? 
_diffrn_radiation.pdbx_diffrn_protocol             MAD 
_diffrn_radiation.pdbx_scattering_type             x-ray 
# 
loop_
_diffrn_radiation_wavelength.id 
_diffrn_radiation_wavelength.wavelength 
_diffrn_radiation_wavelength.wt 
1 0.9790 1.0 
2 0.9638 1.0 
3 1.0086 1.0 
# 
_diffrn_source.diffrn_id                   1 
_diffrn_source.source                      SYNCHROTRON 
_diffrn_source.type                        'ALS BEAMLINE 5.0.2' 
_diffrn_source.pdbx_synchrotron_site       ALS 
_diffrn_source.pdbx_synchrotron_beamline   5.0.2 
_diffrn_source.pdbx_wavelength             ? 
_diffrn_source.pdbx_wavelength_list        '0.9790, 0.9638, 1.0086' 
# 
_reflns.entry_id                     1Q8C 
_reflns.observed_criterion_sigma_I   0 
_reflns.observed_criterion_sigma_F   0 
_reflns.d_resolution_low             25 
_reflns.d_resolution_high            2.0 
_reflns.number_obs                   11286 
_reflns.number_all                   12019 
_reflns.percent_possible_obs         ? 
_reflns.pdbx_Rmerge_I_obs            ? 
_reflns.pdbx_Rsym_value              0.064 
_reflns.pdbx_netI_over_sigmaI        ? 
_reflns.B_iso_Wilson_estimate        ? 
_reflns.pdbx_redundancy              ? 
_reflns.R_free_details               ? 
_reflns.limit_h_max                  ? 
_reflns.limit_h_min                  ? 
_reflns.limit_k_max                  ? 
_reflns.limit_k_min                  ? 
_reflns.limit_l_max                  ? 
_reflns.limit_l_min                  ? 
_reflns.observed_criterion_F_max     ? 
_reflns.observed_criterion_F_min     ? 
_reflns.pdbx_chi_squared             ? 
_reflns.pdbx_scaling_rejects         ? 
_reflns.pdbx_ordinal                 1 
_reflns.pdbx_diffrn_id               1 
# 
_reflns_shell.d_res_high             2.0 
_reflns_shell.d_res_low              2.05 
_reflns_shell.percent_possible_all   98.4 
_reflns_shell.Rmerge_I_obs           ? 
_reflns_shell.pdbx_Rsym_value        ? 
_reflns_shell.meanI_over_sigI_obs    ? 
_reflns_shell.pdbx_redundancy        ? 
_reflns_shell.percent_possible_obs   ? 
_reflns_shell.number_unique_all      ? 
_reflns_shell.number_measured_all    ? 
_reflns_shell.number_measured_obs    ? 
_reflns_shell.number_unique_obs      ? 
_reflns_shell.pdbx_chi_squared       ? 
_reflns_shell.pdbx_ordinal           1 
_reflns_shell.pdbx_diffrn_id         1 
# 
_refine.entry_id                                 1Q8C 
_refine.ls_number_reflns_obs                     9565 
_refine.ls_number_reflns_all                     10112 
_refine.pdbx_ls_sigma_I                          ? 
_refine.pdbx_ls_sigma_F                          ? 
_refine.pdbx_data_cutoff_high_absF               ? 
_refine.pdbx_data_cutoff_low_absF                ? 
_refine.pdbx_data_cutoff_high_rms_absF           ? 
_refine.ls_d_res_low                             20.00 
_refine.ls_d_res_high                            2.00 
_refine.ls_percent_reflns_obs                    94.00 
_refine.ls_R_factor_obs                          0.25527 
_refine.ls_R_factor_all                          ? 
_refine.ls_R_factor_R_work                       0.25352 
_refine.ls_R_factor_R_free                       0.27153 
_refine.ls_R_factor_R_free_error                 ? 
_refine.ls_R_factor_R_free_error_details         ? 
_refine.ls_percent_reflns_R_free                 9.7 
_refine.ls_number_reflns_R_free                  1032 
_refine.ls_number_parameters                     ? 
_refine.ls_number_restraints                     ? 
_refine.occupancy_min                            ? 
_refine.occupancy_max                            ? 
_refine.correlation_coeff_Fo_to_Fc               0.914 
_refine.correlation_coeff_Fo_to_Fc_free          0.913 
_refine.B_iso_mean                               40.739 
_refine.aniso_B[1][1]                            1.35 
_refine.aniso_B[2][2]                            1.35 
_refine.aniso_B[3][3]                            -2.69 
_refine.aniso_B[1][2]                            0.00 
_refine.aniso_B[1][3]                            0.00 
_refine.aniso_B[2][3]                            0.00 
_refine.solvent_model_details                    'BABINET MODEL WITH MASK' 
_refine.solvent_model_param_ksol                 ? 
_refine.solvent_model_param_bsol                 ? 
_refine.pdbx_solvent_vdw_probe_radii             1.40 
_refine.pdbx_solvent_ion_probe_radii             0.80 
_refine.pdbx_solvent_shrinkage_radii             0.80 
_refine.pdbx_ls_cross_valid_method               THROUGHOUT 
_refine.details                                  'HYDROGENS HAVE BEEN ADDED IN THE RIDING POSITIONS' 
_refine.pdbx_starting_model                      ? 
_refine.pdbx_method_to_determine_struct          MAD 
_refine.pdbx_isotropic_thermal_model             ? 
_refine.pdbx_stereochemistry_target_values       'MAXIMUM LIKELIHOOD' 
_refine.pdbx_stereochem_target_val_spec_case     ? 
_refine.pdbx_R_Free_selection_details            RANDOM 
_refine.pdbx_overall_ESU_R                       0.260 
_refine.pdbx_overall_ESU_R_Free                  0.200 
_refine.overall_SU_ML                            0.194 
_refine.overall_SU_B                             7.457 
_refine.ls_redundancy_reflns_obs                 ? 
_refine.B_iso_min                                ? 
_refine.B_iso_max                                ? 
_refine.overall_SU_R_Cruickshank_DPI             ? 
_refine.overall_SU_R_free                        ? 
_refine.ls_wR_factor_R_free                      ? 
_refine.ls_wR_factor_R_work                      ? 
_refine.overall_FOM_free_R_set                   ? 
_refine.overall_FOM_work_R_set                   ? 
_refine.pdbx_refine_id                           'X-RAY DIFFRACTION' 
_refine.pdbx_TLS_residual_ADP_flag               'LIKELY RESIDUAL' 
_refine.pdbx_diffrn_id                           1 
_refine.pdbx_overall_phase_error                 ? 
_refine.pdbx_overall_SU_R_free_Cruickshank_DPI   ? 
_refine.pdbx_overall_SU_R_Blow_DPI               ? 
_refine.pdbx_overall_SU_R_free_Blow_DPI          ? 
# 
_refine_hist.pdbx_refine_id                   'X-RAY DIFFRACTION' 
_refine_hist.cycle_id                         LAST 
_refine_hist.pdbx_number_atoms_protein        1087 
_refine_hist.pdbx_number_atoms_nucleic_acid   0 
_refine_hist.pdbx_number_atoms_ligand         12 
_refine_hist.number_atoms_solvent             61 
_refine_hist.number_atoms_total               1160 
_refine_hist.d_res_high                       2.00 
_refine_hist.d_res_low                        20.00 
# 
loop_
_refine_ls_restr.type 
_refine_ls_restr.dev_ideal 
_refine_ls_restr.dev_ideal_target 
_refine_ls_restr.weight 
_refine_ls_restr.number 
_refine_ls_restr.pdbx_refine_id 
_refine_ls_restr.pdbx_restraint_function 
r_bond_refined_d         0.013  0.022  ? 1102 'X-RAY DIFFRACTION' ? 
r_bond_other_d           0.002  0.020  ? 1033 'X-RAY DIFFRACTION' ? 
r_angle_refined_deg      1.472  1.970  ? 1482 'X-RAY DIFFRACTION' ? 
r_angle_other_deg        0.941  3.000  ? 2419 'X-RAY DIFFRACTION' ? 
r_dihedral_angle_1_deg   4.765  5.000  ? 130  'X-RAY DIFFRACTION' ? 
r_dihedral_angle_2_deg   16.167 15.000 ? 227  'X-RAY DIFFRACTION' ? 
r_dihedral_angle_3_deg   ?      ?      ? ?    'X-RAY DIFFRACTION' ? 
r_dihedral_angle_4_deg   ?      ?      ? ?    'X-RAY DIFFRACTION' ? 
r_chiral_restr           0.085  0.200  ? 176  'X-RAY DIFFRACTION' ? 
r_gen_planes_refined     0.004  0.020  ? 1176 'X-RAY DIFFRACTION' ? 
r_gen_planes_other       0.002  0.020  ? 203  'X-RAY DIFFRACTION' ? 
r_nbd_refined            0.250  0.200  ? 311  'X-RAY DIFFRACTION' ? 
r_nbd_other              0.239  0.200  ? 1151 'X-RAY DIFFRACTION' ? 
r_nbtor_refined          ?      ?      ? ?    'X-RAY DIFFRACTION' ? 
r_nbtor_other            0.086  0.200  ? 606  'X-RAY DIFFRACTION' ? 
r_xyhbond_nbd_refined    0.254  0.200  ? 25   'X-RAY DIFFRACTION' ? 
r_xyhbond_nbd_other      0.223  0.500  ? 1    'X-RAY DIFFRACTION' ? 
r_metal_ion_refined      ?      ?      ? ?    'X-RAY DIFFRACTION' ? 
r_metal_ion_other        ?      ?      ? ?    'X-RAY DIFFRACTION' ? 
r_symmetry_vdw_refined   0.247  0.200  ? 4    'X-RAY DIFFRACTION' ? 
r_symmetry_vdw_other     0.390  0.200  ? 25   'X-RAY DIFFRACTION' ? 
r_symmetry_hbond_refined 0.371  0.200  ? 8    'X-RAY DIFFRACTION' ? 
r_symmetry_hbond_other   ?      ?      ? ?    'X-RAY DIFFRACTION' ? 
r_mcbond_it              0.243  1.500  ? 660  'X-RAY DIFFRACTION' ? 
r_mcbond_other           ?      ?      ? ?    'X-RAY DIFFRACTION' ? 
r_mcangle_it             0.412  2.000  ? 1068 'X-RAY DIFFRACTION' ? 
r_scbond_it              0.811  3.000  ? 442  'X-RAY DIFFRACTION' ? 
r_scangle_it             1.303  4.500  ? 414  'X-RAY DIFFRACTION' ? 
r_rigid_bond_restr       ?      ?      ? ?    'X-RAY DIFFRACTION' ? 
r_sphericity_free        ?      ?      ? ?    'X-RAY DIFFRACTION' ? 
r_sphericity_bonded      ?      ?      ? ?    'X-RAY DIFFRACTION' ? 
# 
_refine_ls_shell.pdbx_total_number_of_bins_used   20 
_refine_ls_shell.d_res_high                       2.001 
_refine_ls_shell.d_res_low                        2.052 
_refine_ls_shell.number_reflns_R_work             534 
_refine_ls_shell.R_factor_R_work                  0.356 
_refine_ls_shell.percent_reflns_obs               ? 
_refine_ls_shell.R_factor_R_free                  0.369 
_refine_ls_shell.R_factor_R_free_error            ? 
_refine_ls_shell.percent_reflns_R_free            ? 
_refine_ls_shell.number_reflns_R_free             64 
_refine_ls_shell.redundancy_reflns_obs            ? 
_refine_ls_shell.number_reflns_all                ? 
_refine_ls_shell.number_reflns_obs                ? 
_refine_ls_shell.pdbx_refine_id                   'X-RAY DIFFRACTION' 
_refine_ls_shell.R_factor_all                     ? 
# 
_struct.entry_id                  1Q8C 
_struct.title                     
'A conserved hypothetical protein from Mycoplasma genitalium shows structural homology to NusB proteins' 
_struct.pdbx_model_details        ? 
_struct.pdbx_CASP_flag            ? 
_struct.pdbx_model_type_details   ? 
# 
_struct_keywords.entry_id        1Q8C 
_struct_keywords.pdbx_keywords   'STRUCTURAL GENOMICS,UNKNOWN FUNCTION' 
_struct_keywords.text            
;structural genomics, NusB, hypothetical protein, MG027, GI 3844637, BSGC structure funded by NIH, Protein Structure Initiative, PSI, Berkeley Structural Genomics Center, UNKNOWN FUNCTION
;
# 
loop_
_struct_asym.id 
_struct_asym.pdbx_blank_PDB_chainid_flag 
_struct_asym.pdbx_modified 
_struct_asym.entity_id 
_struct_asym.details 
A N N 1 ? 
B N N 2 ? 
C N N 2 ? 
D N N 2 ? 
E N N 2 ? 
F N N 2 ? 
G N N 2 ? 
H N N 2 ? 
I N N 3 ? 
J N N 3 ? 
K N N 4 ? 
L N N 4 ? 
M N N 4 ? 
N N N 5 ? 
# 
_struct_ref.id                         1 
_struct_ref.db_name                    UNP 
_struct_ref.db_code                    Y027_MYCGE 
_struct_ref.pdbx_db_accession          P47273 
_struct_ref.entity_id                  1 
_struct_ref.pdbx_seq_one_letter_code   
;MAITVKGLTNKLTRTQRRIAVVEFIFSLLFFLPKEAEVIQADFLEYDTKERQLNEWQKLIVKAFSENIFSFQKKIEEQQL
KNQLEIQTKYNKISGKKIDLLTTAVVLCALSEQKAHNTDKPLLISEALLIMDHYSQGAEKKQTHALLDKLL
;
_struct_ref.pdbx_align_begin           1 
_struct_ref.pdbx_db_isoform            ? 
# 
_struct_ref_seq.align_id                      1 
_struct_ref_seq.ref_id                        1 
_struct_ref_seq.pdbx_PDB_id_code              1Q8C 
_struct_ref_seq.pdbx_strand_id                A 
_struct_ref_seq.seq_align_beg                 1 
_struct_ref_seq.pdbx_seq_align_beg_ins_code   ? 
_struct_ref_seq.seq_align_end                 151 
_struct_ref_seq.pdbx_seq_align_end_ins_code   ? 
_struct_ref_seq.pdbx_db_accession             P47273 
_struct_ref_seq.db_align_beg                  1 
_struct_ref_seq.pdbx_db_align_beg_ins_code    ? 
_struct_ref_seq.db_align_end                  151 
_struct_ref_seq.pdbx_db_align_end_ins_code    ? 
_struct_ref_seq.pdbx_auth_seq_align_beg       1 
_struct_ref_seq.pdbx_auth_seq_align_end       151 
# 
_pdbx_struct_assembly.id                   1 
_pdbx_struct_assembly.details              author_defined_assembly 
_pdbx_struct_assembly.method_details       ? 
_pdbx_struct_assembly.oligomeric_details   monomeric 
_pdbx_struct_assembly.oligomeric_count     1 
# 
_pdbx_struct_assembly_gen.assembly_id       1 
_pdbx_struct_assembly_gen.oper_expression   1 
_pdbx_struct_assembly_gen.asym_id_list      A,B,C,D,E,F,G,H,I,J,K,L,M,N 
# 
_pdbx_struct_oper_list.id                   1 
_pdbx_struct_oper_list.type                 'identity operation' 
_pdbx_struct_oper_list.name                 1_555 
_pdbx_struct_oper_list.symmetry_operation   x,y,z 
_pdbx_struct_oper_list.matrix[1][1]         1.0000000000 
_pdbx_struct_oper_list.matrix[1][2]         0.0000000000 
_pdbx_struct_oper_list.matrix[1][3]         0.0000000000 
_pdbx_struct_oper_list.vector[1]            0.0000000000 
_pdbx_struct_oper_list.matrix[2][1]         0.0000000000 
_pdbx_struct_oper_list.matrix[2][2]         1.0000000000 
_pdbx_struct_oper_list.matrix[2][3]         0.0000000000 
_pdbx_struct_oper_list.vector[2]            0.0000000000 
_pdbx_struct_oper_list.matrix[3][1]         0.0000000000 
_pdbx_struct_oper_list.matrix[3][2]         0.0000000000 
_pdbx_struct_oper_list.matrix[3][3]         1.0000000000 
_pdbx_struct_oper_list.vector[3]            0.0000000000 
# 
_struct_biol.id                    1 
_struct_biol.pdbx_parent_biol_id   ? 
_struct_biol.details               ? 
# 
loop_
_struct_conf.conf_type_id 
_struct_conf.id 
_struct_conf.pdbx_PDB_helix_id 
_struct_conf.beg_label_comp_id 
_struct_conf.beg_label_asym_id 
_struct_conf.beg_label_seq_id 
_struct_conf.pdbx_beg_PDB_ins_code 
_struct_conf.end_label_comp_id 
_struct_conf.end_label_asym_id 
_struct_conf.end_label_seq_id 
_struct_conf.pdbx_end_PDB_ins_code 
_struct_conf.beg_auth_comp_id 
_struct_conf.beg_auth_asym_id 
_struct_conf.beg_auth_seq_id 
_struct_conf.end_auth_comp_id 
_struct_conf.end_auth_asym_id 
_struct_conf.end_auth_seq_id 
_struct_conf.pdbx_PDB_helix_class 
_struct_conf.details 
_struct_conf.pdbx_PDB_helix_length 
HELX_P HELX_P1 1 THR A 13  ? LEU A 29  ? THR A 13  LEU A 29  1 ? 17 
HELX_P HELX_P2 2 PHE A 30  ? LEU A 32  ? PHE A 30  LEU A 32  5 ? 3  
HELX_P HELX_P3 3 GLU A 35  ? TYR A 46  ? GLU A 35  TYR A 46  1 ? 12 
HELX_P HELX_P4 4 ASN A 54  ? ASN A 82  ? ASN A 54  ASN A 82  1 ? 29 
HELX_P HELX_P5 5 ASP A 99  ? ASN A 117 ? ASP A 99  ASN A 117 1 ? 19 
HELX_P HELX_P6 6 ASP A 119 ? TYR A 134 ? ASP A 119 TYR A 134 1 ? 16 
# 
_struct_conf_type.id          HELX_P 
_struct_conf_type.criteria    ? 
_struct_conf_type.reference   ? 
# 
loop_
_struct_conn.id 
_struct_conn.conn_type_id 
_struct_conn.pdbx_leaving_atom_flag 
_struct_conn.pdbx_PDB_id 
_struct_conn.ptnr1_label_asym_id 
_struct_conn.ptnr1_label_comp_id 
_struct_conn.ptnr1_label_seq_id 
_struct_conn.ptnr1_label_atom_id 
_struct_conn.pdbx_ptnr1_label_alt_id 
_struct_conn.pdbx_ptnr1_PDB_ins_code 
_struct_conn.pdbx_ptnr1_standard_comp_id 
_struct_conn.ptnr1_symmetry 
_struct_conn.ptnr2_label_asym_id 
_struct_conn.ptnr2_label_comp_id 
_struct_conn.ptnr2_label_seq_id 
_struct_conn.ptnr2_label_atom_id 
_struct_conn.pdbx_ptnr2_label_alt_id 
_struct_conn.pdbx_ptnr2_PDB_ins_code 
_struct_conn.ptnr1_auth_asym_id 
_struct_conn.ptnr1_auth_comp_id 
_struct_conn.ptnr1_auth_seq_id 
_struct_conn.ptnr2_auth_asym_id 
_struct_conn.ptnr2_auth_comp_id 
_struct_conn.ptnr2_auth_seq_id 
_struct_conn.ptnr2_symmetry 
_struct_conn.pdbx_ptnr3_label_atom_id 
_struct_conn.pdbx_ptnr3_label_seq_id 
_struct_conn.pdbx_ptnr3_label_comp_id 
_struct_conn.pdbx_ptnr3_label_asym_id 
_struct_conn.pdbx_ptnr3_label_alt_id 
_struct_conn.pdbx_ptnr3_PDB_ins_code 
_struct_conn.details 
_struct_conn.pdbx_dist_value 
_struct_conn.pdbx_value_order 
_struct_conn.pdbx_role 
metalc1 metalc ? ? A LYS 58 O   ? ? ? 1_555 K NA  . NA ? ? A LYS 58  A NA  161 1_555 ? ? ? ? ? ? ? 2.759 ? ? 
metalc2 metalc ? ? A ASN 67 ND2 ? ? ? 1_555 M NA  . NA ? ? A ASN 67  A NA  163 1_555 ? ? ? ? ? ? ? 2.923 ? ? 
metalc3 metalc ? ? K NA  .  NA  ? ? ? 1_555 N HOH . O  ? ? A NA  161 A HOH 170 1_555 ? ? ? ? ? ? ? 2.479 ? ? 
metalc4 metalc ? ? L NA  .  NA  ? ? ? 1_555 N HOH . O  ? ? A NA  162 A HOH 187 1_555 ? ? ? ? ? ? ? 2.455 ? ? 
# 
_struct_conn_type.id          metalc 
_struct_conn_type.criteria    ? 
_struct_conn_type.reference   ? 
# 
_pdbx_struct_conn_angle.id                    1 
_pdbx_struct_conn_angle.ptnr1_label_atom_id   O 
_pdbx_struct_conn_angle.ptnr1_label_alt_id    ? 
_pdbx_struct_conn_angle.ptnr1_label_asym_id   A 
_pdbx_struct_conn_angle.ptnr1_label_comp_id   LYS 
_pdbx_struct_conn_angle.ptnr1_label_seq_id    58 
_pdbx_struct_conn_angle.ptnr1_auth_atom_id    ? 
_pdbx_struct_conn_angle.ptnr1_auth_asym_id    A 
_pdbx_struct_conn_angle.ptnr1_auth_comp_id    LYS 
_pdbx_struct_conn_angle.ptnr1_auth_seq_id     58 
_pdbx_struct_conn_angle.ptnr1_PDB_ins_code    ? 
_pdbx_struct_conn_angle.ptnr1_symmetry        1_555 
_pdbx_struct_conn_angle.ptnr2_label_atom_id   NA 
_pdbx_struct_conn_angle.ptnr2_label_alt_id    ? 
_pdbx_struct_conn_angle.ptnr2_label_asym_id   K 
_pdbx_struct_conn_angle.ptnr2_label_comp_id   NA 
_pdbx_struct_conn_angle.ptnr2_label_seq_id    . 
_pdbx_struct_conn_angle.ptnr2_auth_atom_id    ? 
_pdbx_struct_conn_angle.ptnr2_auth_asym_id    A 
_pdbx_struct_conn_angle.ptnr2_auth_comp_id    NA 
_pdbx_struct_conn_angle.ptnr2_auth_seq_id     161 
_pdbx_struct_conn_angle.ptnr2_PDB_ins_code    ? 
_pdbx_struct_conn_angle.ptnr2_symmetry        1_555 
_pdbx_struct_conn_angle.ptnr3_label_atom_id   O 
_pdbx_struct_conn_angle.ptnr3_label_alt_id    ? 
_pdbx_struct_conn_angle.ptnr3_label_asym_id   N 
_pdbx_struct_conn_angle.ptnr3_label_comp_id   HOH 
_pdbx_struct_conn_angle.ptnr3_label_seq_id    . 
_pdbx_struct_conn_angle.ptnr3_auth_atom_id    ? 
_pdbx_struct_conn_angle.ptnr3_auth_asym_id    A 
_pdbx_struct_conn_angle.ptnr3_auth_comp_id    HOH 
_pdbx_struct_conn_angle.ptnr3_auth_seq_id     170 
_pdbx_struct_conn_angle.ptnr3_PDB_ins_code    ? 
_pdbx_struct_conn_angle.ptnr3_symmetry        1_555 
_pdbx_struct_conn_angle.value                 128.4 
_pdbx_struct_conn_angle.value_esd             ? 
# 
_struct_mon_prot_cis.pdbx_id                1 
_struct_mon_prot_cis.label_comp_id          LEU 
_struct_mon_prot_cis.label_seq_id           32 
_struct_mon_prot_cis.label_asym_id          A 
_struct_mon_prot_cis.label_alt_id           . 
_struct_mon_prot_cis.pdbx_PDB_ins_code      ? 
_struct_mon_prot_cis.auth_comp_id           LEU 
_struct_mon_prot_cis.auth_seq_id            32 
_struct_mon_prot_cis.auth_asym_id           A 
_struct_mon_prot_cis.pdbx_label_comp_id_2   PRO 
_struct_mon_prot_cis.pdbx_label_seq_id_2    33 
_struct_mon_prot_cis.pdbx_label_asym_id_2   A 
_struct_mon_prot_cis.pdbx_PDB_ins_code_2    ? 
_struct_mon_prot_cis.pdbx_auth_comp_id_2    PRO 
_struct_mon_prot_cis.pdbx_auth_seq_id_2     33 
_struct_mon_prot_cis.pdbx_auth_asym_id_2    A 
_struct_mon_prot_cis.pdbx_PDB_model_num     1 
_struct_mon_prot_cis.pdbx_omega_angle       0.80 
# 
loop_
_struct_site.id 
_struct_site.pdbx_evidence_code 
_struct_site.pdbx_auth_asym_id 
_struct_site.pdbx_auth_comp_id 
_struct_site.pdbx_auth_seq_id 
_struct_site.pdbx_auth_ins_code 
_struct_site.pdbx_num_residues 
_struct_site.details 
AC1 Software A IOD 153 ? 3 'BINDING SITE FOR RESIDUE IOD A 153' 
AC2 Software A IOD 154 ? 1 'BINDING SITE FOR RESIDUE IOD A 154' 
AC3 Software A IOD 155 ? 1 'BINDING SITE FOR RESIDUE IOD A 155' 
AC4 Software A IOD 157 ? 1 'BINDING SITE FOR RESIDUE IOD A 157' 
AC5 Software A IOD 158 ? 5 'BINDING SITE FOR RESIDUE IOD A 158' 
AC6 Software A CL  160 ? 1 'BINDING SITE FOR RESIDUE CL A 160'  
AC7 Software A NA  161 ? 3 'BINDING SITE FOR RESIDUE NA A 161'  
AC8 Software A NA  162 ? 3 'BINDING SITE FOR RESIDUE NA A 162'  
AC9 Software A NA  163 ? 2 'BINDING SITE FOR RESIDUE NA A 163'  
# 
loop_
_struct_site_gen.id 
_struct_site_gen.site_id 
_struct_site_gen.pdbx_num_res 
_struct_site_gen.label_comp_id 
_struct_site_gen.label_asym_id 
_struct_site_gen.label_seq_id 
_struct_site_gen.pdbx_auth_ins_code 
_struct_site_gen.auth_comp_id 
_struct_site_gen.auth_asym_id 
_struct_site_gen.auth_seq_id 
_struct_site_gen.label_atom_id 
_struct_site_gen.label_alt_id 
_struct_site_gen.symmetry 
_struct_site_gen.details 
1  AC1 3 ARG A 14  ? ARG A 14  . ? 1_555 ? 
2  AC1 3 ASN A 54  ? ASN A 54  . ? 1_555 ? 
3  AC1 3 IOD H .   ? IOD A 158 . ? 1_555 ? 
4  AC2 1 PRO A 33  ? PRO A 33  . ? 1_555 ? 
5  AC3 1 LYS A 120 ? LYS A 120 . ? 1_555 ? 
6  AC4 1 ASN A 82  ? ASN A 82  . ? 1_555 ? 
7  AC5 5 ARG A 14  ? ARG A 14  . ? 1_555 ? 
8  AC5 5 ARG A 17  ? ARG A 17  . ? 1_555 ? 
9  AC5 5 ASN A 54  ? ASN A 54  . ? 1_555 ? 
10 AC5 5 IOD C .   ? IOD A 153 . ? 1_555 ? 
11 AC5 5 NA  L .   ? NA  A 162 . ? 1_555 ? 
12 AC6 1 ARG A 51  ? ARG A 51  . ? 1_555 ? 
13 AC7 3 GLN A 40  ? GLN A 40  . ? 1_555 ? 
14 AC7 3 LYS A 58  ? LYS A 58  . ? 1_555 ? 
15 AC7 3 HOH N .   ? HOH A 170 . ? 1_555 ? 
16 AC8 3 LEU A 12  ? LEU A 12  . ? 1_555 ? 
17 AC8 3 IOD H .   ? IOD A 158 . ? 1_555 ? 
18 AC8 3 HOH N .   ? HOH A 187 . ? 1_555 ? 
19 AC9 2 GLU A 66  ? GLU A 66  . ? 1_555 ? 
20 AC9 2 ASN A 67  ? ASN A 67  . ? 1_555 ? 
# 
_pdbx_validate_close_contact.id               1 
_pdbx_validate_close_contact.PDB_model_num    1 
_pdbx_validate_close_contact.auth_atom_id_1   O 
_pdbx_validate_close_contact.auth_asym_id_1   A 
_pdbx_validate_close_contact.auth_comp_id_1   HOH 
_pdbx_validate_close_contact.auth_seq_id_1    167 
_pdbx_validate_close_contact.PDB_ins_code_1   ? 
_pdbx_validate_close_contact.label_alt_id_1   ? 
_pdbx_validate_close_contact.auth_atom_id_2   O 
_pdbx_validate_close_contact.auth_asym_id_2   A 
_pdbx_validate_close_contact.auth_comp_id_2   HOH 
_pdbx_validate_close_contact.auth_seq_id_2    189 
_pdbx_validate_close_contact.PDB_ins_code_2   ? 
_pdbx_validate_close_contact.label_alt_id_2   ? 
_pdbx_validate_close_contact.dist             1.92 
# 
_pdbx_validate_symm_contact.id                1 
_pdbx_validate_symm_contact.PDB_model_num     1 
_pdbx_validate_symm_contact.auth_atom_id_1    O 
_pdbx_validate_symm_contact.auth_asym_id_1    A 
_pdbx_validate_symm_contact.auth_comp_id_1    HOH 
_pdbx_validate_symm_contact.auth_seq_id_1     184 
_pdbx_validate_symm_contact.PDB_ins_code_1    ? 
_pdbx_validate_symm_contact.label_alt_id_1    ? 
_pdbx_validate_symm_contact.site_symmetry_1   1_555 
_pdbx_validate_symm_contact.auth_atom_id_2    O 
_pdbx_validate_symm_contact.auth_asym_id_2    A 
_pdbx_validate_symm_contact.auth_comp_id_2    HOH 
_pdbx_validate_symm_contact.auth_seq_id_2     191 
_pdbx_validate_symm_contact.PDB_ins_code_2    ? 
_pdbx_validate_symm_contact.label_alt_id_2    ? 
_pdbx_validate_symm_contact.site_symmetry_2   4_654 
_pdbx_validate_symm_contact.dist              1.91 
# 
_pdbx_validate_rmsd_angle.id                         1 
_pdbx_validate_rmsd_angle.PDB_model_num              1 
_pdbx_validate_rmsd_angle.auth_atom_id_1             CB 
_pdbx_validate_rmsd_angle.auth_asym_id_1             A 
_pdbx_validate_rmsd_angle.auth_comp_id_1             ASP 
_pdbx_validate_rmsd_angle.auth_seq_id_1              148 
_pdbx_validate_rmsd_angle.PDB_ins_code_1             ? 
_pdbx_validate_rmsd_angle.label_alt_id_1             ? 
_pdbx_validate_rmsd_angle.auth_atom_id_2             CG 
_pdbx_validate_rmsd_angle.auth_asym_id_2             A 
_pdbx_validate_rmsd_angle.auth_comp_id_2             ASP 
_pdbx_validate_rmsd_angle.auth_seq_id_2              148 
_pdbx_validate_rmsd_angle.PDB_ins_code_2             ? 
_pdbx_validate_rmsd_angle.label_alt_id_2             ? 
_pdbx_validate_rmsd_angle.auth_atom_id_3             OD2 
_pdbx_validate_rmsd_angle.auth_asym_id_3             A 
_pdbx_validate_rmsd_angle.auth_comp_id_3             ASP 
_pdbx_validate_rmsd_angle.auth_seq_id_3              148 
_pdbx_validate_rmsd_angle.PDB_ins_code_3             ? 
_pdbx_validate_rmsd_angle.label_alt_id_3             ? 
_pdbx_validate_rmsd_angle.angle_value                123.85 
_pdbx_validate_rmsd_angle.angle_target_value         118.30 
_pdbx_validate_rmsd_angle.angle_deviation            5.55 
_pdbx_validate_rmsd_angle.angle_standard_deviation   0.90 
_pdbx_validate_rmsd_angle.linker_flag                N 
# 
loop_
_pdbx_validate_torsion.id 
_pdbx_validate_torsion.PDB_model_num 
_pdbx_validate_torsion.auth_comp_id 
_pdbx_validate_torsion.auth_asym_id 
_pdbx_validate_torsion.auth_seq_id 
_pdbx_validate_torsion.PDB_ins_code 
_pdbx_validate_torsion.label_alt_id 
_pdbx_validate_torsion.phi 
_pdbx_validate_torsion.psi 
1 1 GLN A 83  ? ? -141.81 51.15  
2 1 GLN A 87  ? ? -156.03 56.14  
3 1 SER A 135 ? ? 31.21   56.31  
4 1 GLU A 139 ? ? -39.53  -34.03 
5 1 GLN A 142 ? ? -37.99  171.84 
6 1 HIS A 144 ? ? 31.70   108.10 
# 
_pdbx_SG_project.id                    1 
_pdbx_SG_project.project_name          'PSI, Protein Structure Initiative' 
_pdbx_SG_project.full_name_of_center   'Berkeley Structural Genomics Center' 
_pdbx_SG_project.initial_of_center     BSGC 
# 
loop_
_pdbx_refine_tls.id 
_pdbx_refine_tls.details 
_pdbx_refine_tls.method 
_pdbx_refine_tls.origin_x 
_pdbx_refine_tls.origin_y 
_pdbx_refine_tls.origin_z 
_pdbx_refine_tls.T[1][1] 
_pdbx_refine_tls.T[2][2] 
_pdbx_refine_tls.T[3][3] 
_pdbx_refine_tls.T[1][2] 
_pdbx_refine_tls.T[1][3] 
_pdbx_refine_tls.T[2][3] 
_pdbx_refine_tls.L[1][1] 
_pdbx_refine_tls.L[2][2] 
_pdbx_refine_tls.L[3][3] 
_pdbx_refine_tls.L[1][2] 
_pdbx_refine_tls.L[1][3] 
_pdbx_refine_tls.L[2][3] 
_pdbx_refine_tls.S[1][1] 
_pdbx_refine_tls.S[1][2] 
_pdbx_refine_tls.S[1][3] 
_pdbx_refine_tls.S[2][1] 
_pdbx_refine_tls.S[2][2] 
_pdbx_refine_tls.S[2][3] 
_pdbx_refine_tls.S[3][1] 
_pdbx_refine_tls.S[3][2] 
_pdbx_refine_tls.S[3][3] 
_pdbx_refine_tls.pdbx_refine_id 
1 ? refined 3.6127  -1.5080 -1.7230 0.1637 0.0228 0.0362 0.0492 0.0149 -0.0016 4.9964 4.0440 5.0891 -0.0608 -1.3888 -0.3201 0.1715 -0.0034 0.4941 -0.0076 -0.1987 0.0046 -0.6514 -0.2876 0.0272 'X-RAY DIFFRACTION' 
2 ? refined -5.1938 1.9499  2.4278  0.2761 0.1725 0.1873 0.1650 0.0291 -0.0484 4.2438 5.5236 6.3546 1.4743  0.0744  1.1852  0.0706 -0.3212 0.7373 0.1814  -0.2834 0.4392 -0.9218 -0.5618 0.2128 'X-RAY DIFFRACTION' 
# 
loop_
_pdbx_refine_tls_group.id 
_pdbx_refine_tls_group.refine_tls_id 
_pdbx_refine_tls_group.beg_label_asym_id 
_pdbx_refine_tls_group.beg_label_seq_id 
_pdbx_refine_tls_group.beg_auth_seq_id 
_pdbx_refine_tls_group.end_label_asym_id 
_pdbx_refine_tls_group.end_label_seq_id 
_pdbx_refine_tls_group.end_auth_seq_id 
_pdbx_refine_tls_group.selection 
_pdbx_refine_tls_group.beg_auth_asym_id 
_pdbx_refine_tls_group.end_auth_asym_id 
_pdbx_refine_tls_group.pdbx_refine_id 
_pdbx_refine_tls_group.selection_details 
1 1 A 12 12 A 88  88  ? A A 'X-RAY DIFFRACTION' ? 
2 2 A 97 97 A 151 151 ? A A 'X-RAY DIFFRACTION' ? 
# 
loop_
_pdbx_unobs_or_zero_occ_residues.id 
_pdbx_unobs_or_zero_occ_residues.PDB_model_num 
_pdbx_unobs_or_zero_occ_residues.polymer_flag 
_pdbx_unobs_or_zero_occ_residues.occupancy_flag 
_pdbx_unobs_or_zero_occ_residues.auth_asym_id 
_pdbx_unobs_or_zero_occ_residues.auth_comp_id 
_pdbx_unobs_or_zero_occ_residues.auth_seq_id 
_pdbx_unobs_or_zero_occ_residues.PDB_ins_code 
_pdbx_unobs_or_zero_occ_residues.label_asym_id 
_pdbx_unobs_or_zero_occ_residues.label_comp_id 
_pdbx_unobs_or_zero_occ_residues.label_seq_id 
1  1 Y 1 A MET 1  ? A MET 1  
2  1 Y 1 A ALA 2  ? A ALA 2  
3  1 Y 1 A ILE 3  ? A ILE 3  
4  1 Y 1 A THR 4  ? A THR 4  
5  1 Y 1 A VAL 5  ? A VAL 5  
6  1 Y 1 A LYS 6  ? A LYS 6  
7  1 Y 1 A GLY 7  ? A GLY 7  
8  1 Y 1 A LEU 8  ? A LEU 8  
9  1 Y 1 A THR 9  ? A THR 9  
10 1 Y 1 A ASN 10 ? A ASN 10 
11 1 Y 1 A LYS 11 ? A LYS 11 
12 1 Y 1 A LYS 89 ? A LYS 89 
13 1 Y 1 A TYR 90 ? A TYR 90 
14 1 Y 1 A ASN 91 ? A ASN 91 
15 1 Y 1 A LYS 92 ? A LYS 92 
16 1 Y 1 A ILE 93 ? A ILE 93 
17 1 Y 1 A SER 94 ? A SER 94 
18 1 Y 1 A GLY 95 ? A GLY 95 
19 1 Y 1 A LYS 96 ? A LYS 96 
# 
loop_
_chem_comp_atom.comp_id 
_chem_comp_atom.atom_id 
_chem_comp_atom.type_symbol 
_chem_comp_atom.pdbx_aromatic_flag 
_chem_comp_atom.pdbx_stereo_config 
_chem_comp_atom.pdbx_ordinal 
ALA N    N  N N 1   
ALA CA   C  N S 2   
ALA C    C  N N 3   
ALA O    O  N N 4   
ALA CB   C  N N 5   
ALA OXT  O  N N 6   
ALA H    H  N N 7   
ALA H2   H  N N 8   
ALA HA   H  N N 9   
ALA HB1  H  N N 10  
ALA HB2  H  N N 11  
ALA HB3  H  N N 12  
ALA HXT  H  N N 13  
ARG N    N  N N 14  
ARG CA   C  N S 15  
ARG C    C  N N 16  
ARG O    O  N N 17  
ARG CB   C  N N 18  
ARG CG   C  N N 19  
ARG CD   C  N N 20  
ARG NE   N  N N 21  
ARG CZ   C  N N 22  
ARG NH1  N  N N 23  
ARG NH2  N  N N 24  
ARG OXT  O  N N 25  
ARG H    H  N N 26  
ARG H2   H  N N 27  
ARG HA   H  N N 28  
ARG HB2  H  N N 29  
ARG HB3  H  N N 30  
ARG HG2  H  N N 31  
ARG HG3  H  N N 32  
ARG HD2  H  N N 33  
ARG HD3  H  N N 34  
ARG HE   H  N N 35  
ARG HH11 H  N N 36  
ARG HH12 H  N N 37  
ARG HH21 H  N N 38  
ARG HH22 H  N N 39  
ARG HXT  H  N N 40  
ASN N    N  N N 41  
ASN CA   C  N S 42  
ASN C    C  N N 43  
ASN O    O  N N 44  
ASN CB   C  N N 45  
ASN CG   C  N N 46  
ASN OD1  O  N N 47  
ASN ND2  N  N N 48  
ASN OXT  O  N N 49  
ASN H    H  N N 50  
ASN H2   H  N N 51  
ASN HA   H  N N 52  
ASN HB2  H  N N 53  
ASN HB3  H  N N 54  
ASN HD21 H  N N 55  
ASN HD22 H  N N 56  
ASN HXT  H  N N 57  
ASP N    N  N N 58  
ASP CA   C  N S 59  
ASP C    C  N N 60  
ASP O    O  N N 61  
ASP CB   C  N N 62  
ASP CG   C  N N 63  
ASP OD1  O  N N 64  
ASP OD2  O  N N 65  
ASP OXT  O  N N 66  
ASP H    H  N N 67  
ASP H2   H  N N 68  
ASP HA   H  N N 69  
ASP HB2  H  N N 70  
ASP HB3  H  N N 71  
ASP HD2  H  N N 72  
ASP HXT  H  N N 73  
CL  CL   CL N N 74  
CYS N    N  N N 75  
CYS CA   C  N R 76  
CYS C    C  N N 77  
CYS O    O  N N 78  
CYS CB   C  N N 79  
CYS SG   S  N N 80  
CYS OXT  O  N N 81  
CYS H    H  N N 82  
CYS H2   H  N N 83  
CYS HA   H  N N 84  
CYS HB2  H  N N 85  
CYS HB3  H  N N 86  
CYS HG   H  N N 87  
CYS HXT  H  N N 88  
GLN N    N  N N 89  
GLN CA   C  N S 90  
GLN C    C  N N 91  
GLN O    O  N N 92  
GLN CB   C  N N 93  
GLN CG   C  N N 94  
GLN CD   C  N N 95  
GLN OE1  O  N N 96  
GLN NE2  N  N N 97  
GLN OXT  O  N N 98  
GLN H    H  N N 99  
GLN H2   H  N N 100 
GLN HA   H  N N 101 
GLN HB2  H  N N 102 
GLN HB3  H  N N 103 
GLN HG2  H  N N 104 
GLN HG3  H  N N 105 
GLN HE21 H  N N 106 
GLN HE22 H  N N 107 
GLN HXT  H  N N 108 
GLU N    N  N N 109 
GLU CA   C  N S 110 
GLU C    C  N N 111 
GLU O    O  N N 112 
GLU CB   C  N N 113 
GLU CG   C  N N 114 
GLU CD   C  N N 115 
GLU OE1  O  N N 116 
GLU OE2  O  N N 117 
GLU OXT  O  N N 118 
GLU H    H  N N 119 
GLU H2   H  N N 120 
GLU HA   H  N N 121 
GLU HB2  H  N N 122 
GLU HB3  H  N N 123 
GLU HG2  H  N N 124 
GLU HG3  H  N N 125 
GLU HE2  H  N N 126 
GLU HXT  H  N N 127 
GLY N    N  N N 128 
GLY CA   C  N N 129 
GLY C    C  N N 130 
GLY O    O  N N 131 
GLY OXT  O  N N 132 
GLY H    H  N N 133 
GLY H2   H  N N 134 
GLY HA2  H  N N 135 
GLY HA3  H  N N 136 
GLY HXT  H  N N 137 
HIS N    N  N N 138 
HIS CA   C  N S 139 
HIS C    C  N N 140 
HIS O    O  N N 141 
HIS CB   C  N N 142 
HIS CG   C  Y N 143 
HIS ND1  N  Y N 144 
HIS CD2  C  Y N 145 
HIS CE1  C  Y N 146 
HIS NE2  N  Y N 147 
HIS OXT  O  N N 148 
HIS H    H  N N 149 
HIS H2   H  N N 150 
HIS HA   H  N N 151 
HIS HB2  H  N N 152 
HIS HB3  H  N N 153 
HIS HD1  H  N N 154 
HIS HD2  H  N N 155 
HIS HE1  H  N N 156 
HIS HE2  H  N N 157 
HIS HXT  H  N N 158 
HOH O    O  N N 159 
HOH H1   H  N N 160 
HOH H2   H  N N 161 
ILE N    N  N N 162 
ILE CA   C  N S 163 
ILE C    C  N N 164 
ILE O    O  N N 165 
ILE CB   C  N S 166 
ILE CG1  C  N N 167 
ILE CG2  C  N N 168 
ILE CD1  C  N N 169 
ILE OXT  O  N N 170 
ILE H    H  N N 171 
ILE H2   H  N N 172 
ILE HA   H  N N 173 
ILE HB   H  N N 174 
ILE HG12 H  N N 175 
ILE HG13 H  N N 176 
ILE HG21 H  N N 177 
ILE HG22 H  N N 178 
ILE HG23 H  N N 179 
ILE HD11 H  N N 180 
ILE HD12 H  N N 181 
ILE HD13 H  N N 182 
ILE HXT  H  N N 183 
IOD I    I  N N 184 
LEU N    N  N N 185 
LEU CA   C  N S 186 
LEU C    C  N N 187 
LEU O    O  N N 188 
LEU CB   C  N N 189 
LEU CG   C  N N 190 
LEU CD1  C  N N 191 
LEU CD2  C  N N 192 
LEU OXT  O  N N 193 
LEU H    H  N N 194 
LEU H2   H  N N 195 
LEU HA   H  N N 196 
LEU HB2  H  N N 197 
LEU HB3  H  N N 198 
LEU HG   H  N N 199 
LEU HD11 H  N N 200 
LEU HD12 H  N N 201 
LEU HD13 H  N N 202 
LEU HD21 H  N N 203 
LEU HD22 H  N N 204 
LEU HD23 H  N N 205 
LEU HXT  H  N N 206 
LYS N    N  N N 207 
LYS CA   C  N S 208 
LYS C    C  N N 209 
LYS O    O  N N 210 
LYS CB   C  N N 211 
LYS CG   C  N N 212 
LYS CD   C  N N 213 
LYS CE   C  N N 214 
LYS NZ   N  N N 215 
LYS OXT  O  N N 216 
LYS H    H  N N 217 
LYS H2   H  N N 218 
LYS HA   H  N N 219 
LYS HB2  H  N N 220 
LYS HB3  H  N N 221 
LYS HG2  H  N N 222 
LYS HG3  H  N N 223 
LYS HD2  H  N N 224 
LYS HD3  H  N N 225 
LYS HE2  H  N N 226 
LYS HE3  H  N N 227 
LYS HZ1  H  N N 228 
LYS HZ2  H  N N 229 
LYS HZ3  H  N N 230 
LYS HXT  H  N N 231 
MET N    N  N N 232 
MET CA   C  N S 233 
MET C    C  N N 234 
MET O    O  N N 235 
MET CB   C  N N 236 
MET CG   C  N N 237 
MET SD   S  N N 238 
MET CE   C  N N 239 
MET OXT  O  N N 240 
MET H    H  N N 241 
MET H2   H  N N 242 
MET HA   H  N N 243 
MET HB2  H  N N 244 
MET HB3  H  N N 245 
MET HG2  H  N N 246 
MET HG3  H  N N 247 
MET HE1  H  N N 248 
MET HE2  H  N N 249 
MET HE3  H  N N 250 
MET HXT  H  N N 251 
NA  NA   NA N N 252 
PHE N    N  N N 253 
PHE CA   C  N S 254 
PHE C    C  N N 255 
PHE O    O  N N 256 
PHE CB   C  N N 257 
PHE CG   C  Y N 258 
PHE CD1  C  Y N 259 
PHE CD2  C  Y N 260 
PHE CE1  C  Y N 261 
PHE CE2  C  Y N 262 
PHE CZ   C  Y N 263 
PHE OXT  O  N N 264 
PHE H    H  N N 265 
PHE H2   H  N N 266 
PHE HA   H  N N 267 
PHE HB2  H  N N 268 
PHE HB3  H  N N 269 
PHE HD1  H  N N 270 
PHE HD2  H  N N 271 
PHE HE1  H  N N 272 
PHE HE2  H  N N 273 
PHE HZ   H  N N 274 
PHE HXT  H  N N 275 
PRO N    N  N N 276 
PRO CA   C  N S 277 
PRO C    C  N N 278 
PRO O    O  N N 279 
PRO CB   C  N N 280 
PRO CG   C  N N 281 
PRO CD   C  N N 282 
PRO OXT  O  N N 283 
PRO H    H  N N 284 
PRO HA   H  N N 285 
PRO HB2  H  N N 286 
PRO HB3  H  N N 287 
PRO HG2  H  N N 288 
PRO HG3  H  N N 289 
PRO HD2  H  N N 290 
PRO HD3  H  N N 291 
PRO HXT  H  N N 292 
SER N    N  N N 293 
SER CA   C  N S 294 
SER C    C  N N 295 
SER O    O  N N 296 
SER CB   C  N N 297 
SER OG   O  N N 298 
SER OXT  O  N N 299 
SER H    H  N N 300 
SER H2   H  N N 301 
SER HA   H  N N 302 
SER HB2  H  N N 303 
SER HB3  H  N N 304 
SER HG   H  N N 305 
SER HXT  H  N N 306 
THR N    N  N N 307 
THR CA   C  N S 308 
THR C    C  N N 309 
THR O    O  N N 310 
THR CB   C  N R 311 
THR OG1  O  N N 312 
THR CG2  C  N N 313 
THR OXT  O  N N 314 
THR H    H  N N 315 
THR H2   H  N N 316 
THR HA   H  N N 317 
THR HB   H  N N 318 
THR HG1  H  N N 319 
THR HG21 H  N N 320 
THR HG22 H  N N 321 
THR HG23 H  N N 322 
THR HXT  H  N N 323 
TRP N    N  N N 324 
TRP CA   C  N S 325 
TRP C    C  N N 326 
TRP O    O  N N 327 
TRP CB   C  N N 328 
TRP CG   C  Y N 329 
TRP CD1  C  Y N 330 
TRP CD2  C  Y N 331 
TRP NE1  N  Y N 332 
TRP CE2  C  Y N 333 
TRP CE3  C  Y N 334 
TRP CZ2  C  Y N 335 
TRP CZ3  C  Y N 336 
TRP CH2  C  Y N 337 
TRP OXT  O  N N 338 
TRP H    H  N N 339 
TRP H2   H  N N 340 
TRP HA   H  N N 341 
TRP HB2  H  N N 342 
TRP HB3  H  N N 343 
TRP HD1  H  N N 344 
TRP HE1  H  N N 345 
TRP HE3  H  N N 346 
TRP HZ2  H  N N 347 
TRP HZ3  H  N N 348 
TRP HH2  H  N N 349 
TRP HXT  H  N N 350 
TYR N    N  N N 351 
TYR CA   C  N S 352 
TYR C    C  N N 353 
TYR O    O  N N 354 
TYR CB   C  N N 355 
TYR CG   C  Y N 356 
TYR CD1  C  Y N 357 
TYR CD2  C  Y N 358 
TYR CE1  C  Y N 359 
TYR CE2  C  Y N 360 
TYR CZ   C  Y N 361 
TYR OH   O  N N 362 
TYR OXT  O  N N 363 
TYR H    H  N N 364 
TYR H2   H  N N 365 
TYR HA   H  N N 366 
TYR HB2  H  N N 367 
TYR HB3  H  N N 368 
TYR HD1  H  N N 369 
TYR HD2  H  N N 370 
TYR HE1  H  N N 371 
TYR HE2  H  N N 372 
TYR HH   H  N N 373 
TYR HXT  H  N N 374 
VAL N    N  N N 375 
VAL CA   C  N S 376 
VAL C    C  N N 377 
VAL O    O  N N 378 
VAL CB   C  N N 379 
VAL CG1  C  N N 380 
VAL CG2  C  N N 381 
VAL OXT  O  N N 382 
VAL H    H  N N 383 
VAL H2   H  N N 384 
VAL HA   H  N N 385 
VAL HB   H  N N 386 
VAL HG11 H  N N 387 
VAL HG12 H  N N 388 
VAL HG13 H  N N 389 
VAL HG21 H  N N 390 
VAL HG22 H  N N 391 
VAL HG23 H  N N 392 
VAL HXT  H  N N 393 
# 
loop_
_chem_comp_bond.comp_id 
_chem_comp_bond.atom_id_1 
_chem_comp_bond.atom_id_2 
_chem_comp_bond.value_order 
_chem_comp_bond.pdbx_aromatic_flag 
_chem_comp_bond.pdbx_stereo_config 
_chem_comp_bond.pdbx_ordinal 
ALA N   CA   sing N N 1   
ALA N   H    sing N N 2   
ALA N   H2   sing N N 3   
ALA CA  C    sing N N 4   
ALA CA  CB   sing N N 5   
ALA CA  HA   sing N N 6   
ALA C   O    doub N N 7   
ALA C   OXT  sing N N 8   
ALA CB  HB1  sing N N 9   
ALA CB  HB2  sing N N 10  
ALA CB  HB3  sing N N 11  
ALA OXT HXT  sing N N 12  
ARG N   CA   sing N N 13  
ARG N   H    sing N N 14  
ARG N   H2   sing N N 15  
ARG CA  C    sing N N 16  
ARG CA  CB   sing N N 17  
ARG CA  HA   sing N N 18  
ARG C   O    doub N N 19  
ARG C   OXT  sing N N 20  
ARG CB  CG   sing N N 21  
ARG CB  HB2  sing N N 22  
ARG CB  HB3  sing N N 23  
ARG CG  CD   sing N N 24  
ARG CG  HG2  sing N N 25  
ARG CG  HG3  sing N N 26  
ARG CD  NE   sing N N 27  
ARG CD  HD2  sing N N 28  
ARG CD  HD3  sing N N 29  
ARG NE  CZ   sing N N 30  
ARG NE  HE   sing N N 31  
ARG CZ  NH1  sing N N 32  
ARG CZ  NH2  doub N N 33  
ARG NH1 HH11 sing N N 34  
ARG NH1 HH12 sing N N 35  
ARG NH2 HH21 sing N N 36  
ARG NH2 HH22 sing N N 37  
ARG OXT HXT  sing N N 38  
ASN N   CA   sing N N 39  
ASN N   H    sing N N 40  
ASN N   H2   sing N N 41  
ASN CA  C    sing N N 42  
ASN CA  CB   sing N N 43  
ASN CA  HA   sing N N 44  
ASN C   O    doub N N 45  
ASN C   OXT  sing N N 46  
ASN CB  CG   sing N N 47  
ASN CB  HB2  sing N N 48  
ASN CB  HB3  sing N N 49  
ASN CG  OD1  doub N N 50  
ASN CG  ND2  sing N N 51  
ASN ND2 HD21 sing N N 52  
ASN ND2 HD22 sing N N 53  
ASN OXT HXT  sing N N 54  
ASP N   CA   sing N N 55  
ASP N   H    sing N N 56  
ASP N   H2   sing N N 57  
ASP CA  C    sing N N 58  
ASP CA  CB   sing N N 59  
ASP CA  HA   sing N N 60  
ASP C   O    doub N N 61  
ASP C   OXT  sing N N 62  
ASP CB  CG   sing N N 63  
ASP CB  HB2  sing N N 64  
ASP CB  HB3  sing N N 65  
ASP CG  OD1  doub N N 66  
ASP CG  OD2  sing N N 67  
ASP OD2 HD2  sing N N 68  
ASP OXT HXT  sing N N 69  
CYS N   CA   sing N N 70  
CYS N   H    sing N N 71  
CYS N   H2   sing N N 72  
CYS CA  C    sing N N 73  
CYS CA  CB   sing N N 74  
CYS CA  HA   sing N N 75  
CYS C   O    doub N N 76  
CYS C   OXT  sing N N 77  
CYS CB  SG   sing N N 78  
CYS CB  HB2  sing N N 79  
CYS CB  HB3  sing N N 80  
CYS SG  HG   sing N N 81  
CYS OXT HXT  sing N N 82  
GLN N   CA   sing N N 83  
GLN N   H    sing N N 84  
GLN N   H2   sing N N 85  
GLN CA  C    sing N N 86  
GLN CA  CB   sing N N 87  
GLN CA  HA   sing N N 88  
GLN C   O    doub N N 89  
GLN C   OXT  sing N N 90  
GLN CB  CG   sing N N 91  
GLN CB  HB2  sing N N 92  
GLN CB  HB3  sing N N 93  
GLN CG  CD   sing N N 94  
GLN CG  HG2  sing N N 95  
GLN CG  HG3  sing N N 96  
GLN CD  OE1  doub N N 97  
GLN CD  NE2  sing N N 98  
GLN NE2 HE21 sing N N 99  
GLN NE2 HE22 sing N N 100 
GLN OXT HXT  sing N N 101 
GLU N   CA   sing N N 102 
GLU N   H    sing N N 103 
GLU N   H2   sing N N 104 
GLU CA  C    sing N N 105 
GLU CA  CB   sing N N 106 
GLU CA  HA   sing N N 107 
GLU C   O    doub N N 108 
GLU C   OXT  sing N N 109 
GLU CB  CG   sing N N 110 
GLU CB  HB2  sing N N 111 
GLU CB  HB3  sing N N 112 
GLU CG  CD   sing N N 113 
GLU CG  HG2  sing N N 114 
GLU CG  HG3  sing N N 115 
GLU CD  OE1  doub N N 116 
GLU CD  OE2  sing N N 117 
GLU OE2 HE2  sing N N 118 
GLU OXT HXT  sing N N 119 
GLY N   CA   sing N N 120 
GLY N   H    sing N N 121 
GLY N   H2   sing N N 122 
GLY CA  C    sing N N 123 
GLY CA  HA2  sing N N 124 
GLY CA  HA3  sing N N 125 
GLY C   O    doub N N 126 
GLY C   OXT  sing N N 127 
GLY OXT HXT  sing N N 128 
HIS N   CA   sing N N 129 
HIS N   H    sing N N 130 
HIS N   H2   sing N N 131 
HIS CA  C    sing N N 132 
HIS CA  CB   sing N N 133 
HIS CA  HA   sing N N 134 
HIS C   O    doub N N 135 
HIS C   OXT  sing N N 136 
HIS CB  CG   sing N N 137 
HIS CB  HB2  sing N N 138 
HIS CB  HB3  sing N N 139 
HIS CG  ND1  sing Y N 140 
HIS CG  CD2  doub Y N 141 
HIS ND1 CE1  doub Y N 142 
HIS ND1 HD1  sing N N 143 
HIS CD2 NE2  sing Y N 144 
HIS CD2 HD2  sing N N 145 
HIS CE1 NE2  sing Y N 146 
HIS CE1 HE1  sing N N 147 
HIS NE2 HE2  sing N N 148 
HIS OXT HXT  sing N N 149 
HOH O   H1   sing N N 150 
HOH O   H2   sing N N 151 
ILE N   CA   sing N N 152 
ILE N   H    sing N N 153 
ILE N   H2   sing N N 154 
ILE CA  C    sing N N 155 
ILE CA  CB   sing N N 156 
ILE CA  HA   sing N N 157 
ILE C   O    doub N N 158 
ILE C   OXT  sing N N 159 
ILE CB  CG1  sing N N 160 
ILE CB  CG2  sing N N 161 
ILE CB  HB   sing N N 162 
ILE CG1 CD1  sing N N 163 
ILE CG1 HG12 sing N N 164 
ILE CG1 HG13 sing N N 165 
ILE CG2 HG21 sing N N 166 
ILE CG2 HG22 sing N N 167 
ILE CG2 HG23 sing N N 168 
ILE CD1 HD11 sing N N 169 
ILE CD1 HD12 sing N N 170 
ILE CD1 HD13 sing N N 171 
ILE OXT HXT  sing N N 172 
LEU N   CA   sing N N 173 
LEU N   H    sing N N 174 
LEU N   H2   sing N N 175 
LEU CA  C    sing N N 176 
LEU CA  CB   sing N N 177 
LEU CA  HA   sing N N 178 
LEU C   O    doub N N 179 
LEU C   OXT  sing N N 180 
LEU CB  CG   sing N N 181 
LEU CB  HB2  sing N N 182 
LEU CB  HB3  sing N N 183 
LEU CG  CD1  sing N N 184 
LEU CG  CD2  sing N N 185 
LEU CG  HG   sing N N 186 
LEU CD1 HD11 sing N N 187 
LEU CD1 HD12 sing N N 188 
LEU CD1 HD13 sing N N 189 
LEU CD2 HD21 sing N N 190 
LEU CD2 HD22 sing N N 191 
LEU CD2 HD23 sing N N 192 
LEU OXT HXT  sing N N 193 
LYS N   CA   sing N N 194 
LYS N   H    sing N N 195 
LYS N   H2   sing N N 196 
LYS CA  C    sing N N 197 
LYS CA  CB   sing N N 198 
LYS CA  HA   sing N N 199 
LYS C   O    doub N N 200 
LYS C   OXT  sing N N 201 
LYS CB  CG   sing N N 202 
LYS CB  HB2  sing N N 203 
LYS CB  HB3  sing N N 204 
LYS CG  CD   sing N N 205 
LYS CG  HG2  sing N N 206 
LYS CG  HG3  sing N N 207 
LYS CD  CE   sing N N 208 
LYS CD  HD2  sing N N 209 
LYS CD  HD3  sing N N 210 
LYS CE  NZ   sing N N 211 
LYS CE  HE2  sing N N 212 
LYS CE  HE3  sing N N 213 
LYS NZ  HZ1  sing N N 214 
LYS NZ  HZ2  sing N N 215 
LYS NZ  HZ3  sing N N 216 
LYS OXT HXT  sing N N 217 
MET N   CA   sing N N 218 
MET N   H    sing N N 219 
MET N   H2   sing N N 220 
MET CA  C    sing N N 221 
MET CA  CB   sing N N 222 
MET CA  HA   sing N N 223 
MET C   O    doub N N 224 
MET C   OXT  sing N N 225 
MET CB  CG   sing N N 226 
MET CB  HB2  sing N N 227 
MET CB  HB3  sing N N 228 
MET CG  SD   sing N N 229 
MET CG  HG2  sing N N 230 
MET CG  HG3  sing N N 231 
MET SD  CE   sing N N 232 
MET CE  HE1  sing N N 233 
MET CE  HE2  sing N N 234 
MET CE  HE3  sing N N 235 
MET OXT HXT  sing N N 236 
PHE N   CA   sing N N 237 
PHE N   H    sing N N 238 
PHE N   H2   sing N N 239 
PHE CA  C    sing N N 240 
PHE CA  CB   sing N N 241 
PHE CA  HA   sing N N 242 
PHE C   O    doub N N 243 
PHE C   OXT  sing N N 244 
PHE CB  CG   sing N N 245 
PHE CB  HB2  sing N N 246 
PHE CB  HB3  sing N N 247 
PHE CG  CD1  doub Y N 248 
PHE CG  CD2  sing Y N 249 
PHE CD1 CE1  sing Y N 250 
PHE CD1 HD1  sing N N 251 
PHE CD2 CE2  doub Y N 252 
PHE CD2 HD2  sing N N 253 
PHE CE1 CZ   doub Y N 254 
PHE CE1 HE1  sing N N 255 
PHE CE2 CZ   sing Y N 256 
PHE CE2 HE2  sing N N 257 
PHE CZ  HZ   sing N N 258 
PHE OXT HXT  sing N N 259 
PRO N   CA   sing N N 260 
PRO N   CD   sing N N 261 
PRO N   H    sing N N 262 
PRO CA  C    sing N N 263 
PRO CA  CB   sing N N 264 
PRO CA  HA   sing N N 265 
PRO C   O    doub N N 266 
PRO C   OXT  sing N N 267 
PRO CB  CG   sing N N 268 
PRO CB  HB2  sing N N 269 
PRO CB  HB3  sing N N 270 
PRO CG  CD   sing N N 271 
PRO CG  HG2  sing N N 272 
PRO CG  HG3  sing N N 273 
PRO CD  HD2  sing N N 274 
PRO CD  HD3  sing N N 275 
PRO OXT HXT  sing N N 276 
SER N   CA   sing N N 277 
SER N   H    sing N N 278 
SER N   H2   sing N N 279 
SER CA  C    sing N N 280 
SER CA  CB   sing N N 281 
SER CA  HA   sing N N 282 
SER C   O    doub N N 283 
SER C   OXT  sing N N 284 
SER CB  OG   sing N N 285 
SER CB  HB2  sing N N 286 
SER CB  HB3  sing N N 287 
SER OG  HG   sing N N 288 
SER OXT HXT  sing N N 289 
THR N   CA   sing N N 290 
THR N   H    sing N N 291 
THR N   H2   sing N N 292 
THR CA  C    sing N N 293 
THR CA  CB   sing N N 294 
THR CA  HA   sing N N 295 
THR C   O    doub N N 296 
THR C   OXT  sing N N 297 
THR CB  OG1  sing N N 298 
THR CB  CG2  sing N N 299 
THR CB  HB   sing N N 300 
THR OG1 HG1  sing N N 301 
THR CG2 HG21 sing N N 302 
THR CG2 HG22 sing N N 303 
THR CG2 HG23 sing N N 304 
THR OXT HXT  sing N N 305 
TRP N   CA   sing N N 306 
TRP N   H    sing N N 307 
TRP N   H2   sing N N 308 
TRP CA  C    sing N N 309 
TRP CA  CB   sing N N 310 
TRP CA  HA   sing N N 311 
TRP C   O    doub N N 312 
TRP C   OXT  sing N N 313 
TRP CB  CG   sing N N 314 
TRP CB  HB2  sing N N 315 
TRP CB  HB3  sing N N 316 
TRP CG  CD1  doub Y N 317 
TRP CG  CD2  sing Y N 318 
TRP CD1 NE1  sing Y N 319 
TRP CD1 HD1  sing N N 320 
TRP CD2 CE2  doub Y N 321 
TRP CD2 CE3  sing Y N 322 
TRP NE1 CE2  sing Y N 323 
TRP NE1 HE1  sing N N 324 
TRP CE2 CZ2  sing Y N 325 
TRP CE3 CZ3  doub Y N 326 
TRP CE3 HE3  sing N N 327 
TRP CZ2 CH2  doub Y N 328 
TRP CZ2 HZ2  sing N N 329 
TRP CZ3 CH2  sing Y N 330 
TRP CZ3 HZ3  sing N N 331 
TRP CH2 HH2  sing N N 332 
TRP OXT HXT  sing N N 333 
TYR N   CA   sing N N 334 
TYR N   H    sing N N 335 
TYR N   H2   sing N N 336 
TYR CA  C    sing N N 337 
TYR CA  CB   sing N N 338 
TYR CA  HA   sing N N 339 
TYR C   O    doub N N 340 
TYR C   OXT  sing N N 341 
TYR CB  CG   sing N N 342 
TYR CB  HB2  sing N N 343 
TYR CB  HB3  sing N N 344 
TYR CG  CD1  doub Y N 345 
TYR CG  CD2  sing Y N 346 
TYR CD1 CE1  sing Y N 347 
TYR CD1 HD1  sing N N 348 
TYR CD2 CE2  doub Y N 349 
TYR CD2 HD2  sing N N 350 
TYR CE1 CZ   doub Y N 351 
TYR CE1 HE1  sing N N 352 
TYR CE2 CZ   sing Y N 353 
TYR CE2 HE2  sing N N 354 
TYR CZ  OH   sing N N 355 
TYR OH  HH   sing N N 356 
TYR OXT HXT  sing N N 357 
VAL N   CA   sing N N 358 
VAL N   H    sing N N 359 
VAL N   H2   sing N N 360 
VAL CA  C    sing N N 361 
VAL CA  CB   sing N N 362 
VAL CA  HA   sing N N 363 
VAL C   O    doub N N 364 
VAL C   OXT  sing N N 365 
VAL CB  CG1  sing N N 366 
VAL CB  CG2  sing N N 367 
VAL CB  HB   sing N N 368 
VAL CG1 HG11 sing N N 369 
VAL CG1 HG12 sing N N 370 
VAL CG1 HG13 sing N N 371 
VAL CG2 HG21 sing N N 372 
VAL CG2 HG22 sing N N 373 
VAL CG2 HG23 sing N N 374 
VAL OXT HXT  sing N N 375 
# 
_atom_sites.entry_id                    1Q8C 
_atom_sites.fract_transf_matrix[1][1]   0.00366223 
_atom_sites.fract_transf_matrix[1][2]   -0.02181441 
_atom_sites.fract_transf_matrix[1][3]   -0.00970233 
_atom_sites.fract_transf_matrix[2][1]   -0.01662642 
_atom_sites.fract_transf_matrix[2][2]   0.00471405 
_atom_sites.fract_transf_matrix[2][3]   -0.01687470 
_atom_sites.fract_transf_matrix[3][1]   0.00716449 
_atom_sites.fract_transf_matrix[3][2]   0.00386252 
_atom_sites.fract_transf_matrix[3][3]   -0.00598006 
_atom_sites.fract_transf_vector[1]      0.635955 
_atom_sites.fract_transf_vector[2]      0.125240 
_atom_sites.fract_transf_vector[3]      0.793839 
# 
loop_
_atom_type.symbol 
C  
CL 
I  
N  
NA 
O  
S  
# 
loop_
_atom_site.group_PDB 
_atom_site.id 
_atom_site.type_symbol 
_atom_site.label_atom_id 
_atom_site.label_alt_id 
_atom_site.label_comp_id 
_atom_site.label_asym_id 
_atom_site.label_entity_id 
_atom_site.label_seq_id 
_atom_site.pdbx_PDB_ins_code 
_atom_site.Cartn_x 
_atom_site.Cartn_y 
_atom_site.Cartn_z 
_atom_site.occupancy 
_atom_site.B_iso_or_equiv 
_atom_site.pdbx_formal_charge 
_atom_site.auth_seq_id 
_atom_site.auth_comp_id 
_atom_site.auth_asym_id 
_atom_site.auth_atom_id 
_atom_site.pdbx_PDB_model_num 
ATOM   1    N  N   . LEU A 1 12  ? 2.649   -15.274 12.388  1.00 44.87 ? 12  LEU A N   1 
ATOM   2    C  CA  . LEU A 1 12  ? 2.375   -13.828 12.192  1.00 44.44 ? 12  LEU A CA  1 
ATOM   3    C  C   . LEU A 1 12  ? 0.926   -13.687 11.755  1.00 44.39 ? 12  LEU A C   1 
ATOM   4    O  O   . LEU A 1 12  ? 0.378   -14.588 11.166  1.00 44.10 ? 12  LEU A O   1 
ATOM   5    C  CB  . LEU A 1 12  ? 3.309   -13.249 11.124  1.00 44.73 ? 12  LEU A CB  1 
ATOM   6    C  CG  . LEU A 1 12  ? 4.814   -13.343 11.423  1.00 44.76 ? 12  LEU A CG  1 
ATOM   7    C  CD1 . LEU A 1 12  ? 5.643   -13.216 10.131  1.00 45.14 ? 12  LEU A CD1 1 
ATOM   8    C  CD2 . LEU A 1 12  ? 5.214   -12.289 12.438  1.00 45.38 ? 12  LEU A CD2 1 
ATOM   9    N  N   . THR A 1 13  ? 0.323   -12.546 12.058  1.00 44.27 ? 13  THR A N   1 
ATOM   10   C  CA  . THR A 1 13  ? -1.056  -12.245 11.692  1.00 44.15 ? 13  THR A CA  1 
ATOM   11   C  C   . THR A 1 13  ? -1.017  -11.614 10.306  1.00 43.81 ? 13  THR A C   1 
ATOM   12   O  O   . THR A 1 13  ? 0.022   -11.101 9.913   1.00 43.62 ? 13  THR A O   1 
ATOM   13   C  CB  . THR A 1 13  ? -1.584  -11.231 12.655  1.00 43.92 ? 13  THR A CB  1 
ATOM   14   O  OG1 . THR A 1 13  ? -0.647  -10.149 12.704  1.00 45.05 ? 13  THR A OG1 1 
ATOM   15   C  CG2 . THR A 1 13  ? -1.570  -11.766 14.068  1.00 44.14 ? 13  THR A CG2 1 
ATOM   16   N  N   . ARG A 1 14  ? -2.137  -11.630 9.579   1.00 43.65 ? 14  ARG A N   1 
ATOM   17   C  CA  . ARG A 1 14  ? -2.209  -10.968 8.275   1.00 43.49 ? 14  ARG A CA  1 
ATOM   18   C  C   . ARG A 1 14  ? -1.840  -9.475  8.390   1.00 43.47 ? 14  ARG A C   1 
ATOM   19   O  O   . ARG A 1 14  ? -1.230  -8.909  7.485   1.00 43.25 ? 14  ARG A O   1 
ATOM   20   C  CB  . ARG A 1 14  ? -3.600  -11.142 7.655   1.00 43.60 ? 14  ARG A CB  1 
ATOM   21   C  CG  . ARG A 1 14  ? -3.774  -12.451 6.885   1.00 43.57 ? 14  ARG A CG  1 
ATOM   22   C  CD  . ARG A 1 14  ? -3.525  -12.247 5.436   1.00 44.28 ? 14  ARG A CD  1 
ATOM   23   N  NE  . ARG A 1 14  ? -3.547  -13.465 4.642   1.00 43.82 ? 14  ARG A NE  1 
ATOM   24   C  CZ  . ARG A 1 14  ? -4.582  -13.863 3.908   1.00 43.51 ? 14  ARG A CZ  1 
ATOM   25   N  NH1 . ARG A 1 14  ? -5.701  -13.151 3.891   1.00 43.51 ? 14  ARG A NH1 1 
ATOM   26   N  NH2 . ARG A 1 14  ? -4.489  -14.970 3.184   1.00 42.97 ? 14  ARG A NH2 1 
ATOM   27   N  N   . THR A 1 15  ? -2.209  -8.846  9.506   1.00 43.37 ? 15  THR A N   1 
ATOM   28   C  CA  . THR A 1 15  ? -1.868  -7.443  9.754   1.00 43.38 ? 15  THR A CA  1 
ATOM   29   C  C   . THR A 1 15  ? -0.358  -7.229  9.805   1.00 43.70 ? 15  THR A C   1 
ATOM   30   O  O   . THR A 1 15  ? 0.157   -6.327  9.142   1.00 43.96 ? 15  THR A O   1 
ATOM   31   C  CB  . THR A 1 15  ? -2.505  -6.921  11.059  1.00 43.37 ? 15  THR A CB  1 
ATOM   32   O  OG1 . THR A 1 15  ? -3.928  -7.035  10.994  1.00 42.22 ? 15  THR A OG1 1 
ATOM   33   C  CG2 . THR A 1 15  ? -2.253  -5.424  11.222  1.00 43.80 ? 15  THR A CG2 1 
ATOM   34   N  N   . GLN A 1 16  ? 0.342   -8.052  10.582  1.00 43.63 ? 16  GLN A N   1 
ATOM   35   C  CA  . GLN A 1 16  ? 1.804   -7.985  10.652  1.00 43.83 ? 16  GLN A CA  1 
ATOM   36   C  C   . GLN A 1 16  ? 2.458   -8.159  9.265   1.00 44.13 ? 16  GLN A C   1 
ATOM   37   O  O   . GLN A 1 16  ? 3.423   -7.485  8.943   1.00 43.98 ? 16  GLN A O   1 
ATOM   38   C  CB  . GLN A 1 16  ? 2.331   -9.030  11.633  1.00 44.10 ? 16  GLN A CB  1 
ATOM   39   C  CG  . GLN A 1 16  ? 1.963   -8.683  13.074  1.00 44.16 ? 16  GLN A CG  1 
ATOM   40   C  CD  . GLN A 1 16  ? 2.431   -9.700  14.060  1.00 45.64 ? 16  GLN A CD  1 
ATOM   41   O  OE1 . GLN A 1 16  ? 3.237   -9.385  14.945  1.00 46.25 ? 16  GLN A OE1 1 
ATOM   42   N  NE2 . GLN A 1 16  ? 1.926   -10.922 13.938  1.00 44.52 ? 16  GLN A NE2 1 
ATOM   43   N  N   . ARG A 1 17  ? 1.901   -9.050  8.448   1.00 44.18 ? 17  ARG A N   1 
ATOM   44   C  CA  . ARG A 1 17  ? 2.401   -9.302  7.093   1.00 44.37 ? 17  ARG A CA  1 
ATOM   45   C  C   . ARG A 1 17  ? 2.197   -8.117  6.168   1.00 44.09 ? 17  ARG A C   1 
ATOM   46   O  O   . ARG A 1 17  ? 3.038   -7.820  5.333   1.00 44.48 ? 17  ARG A O   1 
ATOM   47   C  CB  . ARG A 1 17  ? 1.672   -10.485 6.491   1.00 44.80 ? 17  ARG A CB  1 
ATOM   48   C  CG  . ARG A 1 17  ? 1.449   -11.554 7.464   1.00 45.41 ? 17  ARG A CG  1 
ATOM   49   C  CD  . ARG A 1 17  ? 1.597   -12.871 6.905   1.00 45.96 ? 17  ARG A CD  1 
ATOM   50   N  NE  . ARG A 1 17  ? 2.996   -13.129 6.706   1.00 47.26 ? 17  ARG A NE  1 
ATOM   51   C  CZ  . ARG A 1 17  ? 3.563   -14.302 6.893   1.00 45.63 ? 17  ARG A CZ  1 
ATOM   52   N  NH1 . ARG A 1 17  ? 2.839   -15.322 7.282   1.00 46.17 ? 17  ARG A NH1 1 
ATOM   53   N  NH2 . ARG A 1 17  ? 4.846   -14.452 6.641   1.00 44.80 ? 17  ARG A NH2 1 
ATOM   54   N  N   . ARG A 1 18  ? 1.049   -7.472  6.303   1.00 44.00 ? 18  ARG A N   1 
ATOM   55   C  CA  . ARG A 1 18  ? 0.788   -6.223  5.626   1.00 43.59 ? 18  ARG A CA  1 
ATOM   56   C  C   . ARG A 1 18  ? 1.790   -5.144  6.052   1.00 43.50 ? 18  ARG A C   1 
ATOM   57   O  O   . ARG A 1 18  ? 2.327   -4.440  5.210   1.00 43.93 ? 18  ARG A O   1 
ATOM   58   C  CB  . ARG A 1 18  ? -0.654  -5.791  5.907   1.00 43.57 ? 18  ARG A CB  1 
ATOM   59   C  CG  . ARG A 1 18  ? -1.703  -6.559  5.123   1.00 42.78 ? 18  ARG A CG  1 
ATOM   60   C  CD  . ARG A 1 18  ? -3.118  -6.044  5.342   1.00 43.75 ? 18  ARG A CD  1 
ATOM   61   N  NE  . ARG A 1 18  ? -4.099  -6.895  4.673   1.00 44.43 ? 18  ARG A NE  1 
ATOM   62   C  CZ  . ARG A 1 18  ? -4.814  -7.866  5.249   1.00 43.69 ? 18  ARG A CZ  1 
ATOM   63   N  NH1 . ARG A 1 18  ? -4.729  -8.109  6.552   1.00 43.03 ? 18  ARG A NH1 1 
ATOM   64   N  NH2 . ARG A 1 18  ? -5.629  -8.603  4.494   1.00 43.09 ? 18  ARG A NH2 1 
ATOM   65   N  N   . ILE A 1 19  ? 2.064   -5.018  7.345   1.00 43.36 ? 19  ILE A N   1 
ATOM   66   C  CA  . ILE A 1 19  ? 3.044   -4.030  7.842   1.00 43.42 ? 19  ILE A CA  1 
ATOM   67   C  C   . ILE A 1 19  ? 4.417   -4.245  7.190   1.00 43.27 ? 19  ILE A C   1 
ATOM   68   O  O   . ILE A 1 19  ? 5.071   -3.293  6.770   1.00 42.37 ? 19  ILE A O   1 
ATOM   69   C  CB  . ILE A 1 19  ? 3.108   -4.039  9.401   1.00 43.40 ? 19  ILE A CB  1 
ATOM   70   C  CG1 . ILE A 1 19  ? 1.814   -3.441  9.990   1.00 44.05 ? 19  ILE A CG1 1 
ATOM   71   C  CG2 . ILE A 1 19  ? 4.297   -3.259  9.901   1.00 44.13 ? 19  ILE A CG2 1 
ATOM   72   C  CD1 . ILE A 1 19  ? 1.612   -3.636  11.512  1.00 43.47 ? 19  ILE A CD1 1 
ATOM   73   N  N   . ALA A 1 20  ? 4.827   -5.508  7.051   1.00 43.20 ? 20  ALA A N   1 
ATOM   74   C  CA  . ALA A 1 20  ? 6.088   -5.839  6.391   1.00 43.45 ? 20  ALA A CA  1 
ATOM   75   C  C   . ALA A 1 20  ? 6.160   -5.353  4.933   1.00 43.46 ? 20  ALA A C   1 
ATOM   76   O  O   . ALA A 1 20  ? 7.207   -4.915  4.476   1.00 43.92 ? 20  ALA A O   1 
ATOM   77   C  CB  . ALA A 1 20  ? 6.362   -7.358  6.477   1.00 43.52 ? 20  ALA A CB  1 
ATOM   78   N  N   . VAL A 1 21  ? 5.056   -5.411  4.202   1.00 43.67 ? 21  VAL A N   1 
ATOM   79   C  CA  . VAL A 1 21  ? 5.030   -4.929  2.827   1.00 43.41 ? 21  VAL A CA  1 
ATOM   80   C  C   . VAL A 1 21  ? 5.095   -3.398  2.817   1.00 43.78 ? 21  VAL A C   1 
ATOM   81   O  O   . VAL A 1 21  ? 5.873   -2.785  2.074   1.00 43.83 ? 21  VAL A O   1 
ATOM   82   C  CB  . VAL A 1 21  ? 3.787   -5.462  2.125   1.00 43.20 ? 21  VAL A CB  1 
ATOM   83   C  CG1 . VAL A 1 21  ? 3.742   -5.000  0.694   1.00 44.15 ? 21  VAL A CG1 1 
ATOM   84   C  CG2 . VAL A 1 21  ? 3.796   -7.009  2.174   1.00 43.72 ? 21  VAL A CG2 1 
ATOM   85   N  N   . VAL A 1 22  ? 4.300   -2.773  3.677   1.00 43.41 ? 22  VAL A N   1 
ATOM   86   C  CA  . VAL A 1 22  ? 4.287   -1.320  3.792   1.00 43.33 ? 22  VAL A CA  1 
ATOM   87   C  C   . VAL A 1 22  ? 5.685   -0.750  4.067   1.00 43.42 ? 22  VAL A C   1 
ATOM   88   O  O   . VAL A 1 22  ? 6.133   0.208   3.424   1.00 43.60 ? 22  VAL A O   1 
ATOM   89   C  CB  . VAL A 1 22  ? 3.331   -0.885  4.910   1.00 43.05 ? 22  VAL A CB  1 
ATOM   90   C  CG1 . VAL A 1 22  ? 3.547   0.593   5.267   1.00 43.33 ? 22  VAL A CG1 1 
ATOM   91   C  CG2 . VAL A 1 22  ? 1.876   -1.111  4.487   1.00 43.39 ? 22  VAL A CG2 1 
ATOM   92   N  N   . GLU A 1 23  ? 6.379   -1.330  5.031   1.00 43.51 ? 23  GLU A N   1 
ATOM   93   C  CA  . GLU A 1 23  ? 7.706   -0.849  5.397   1.00 44.21 ? 23  GLU A CA  1 
ATOM   94   C  C   . GLU A 1 23  ? 8.655   -1.012  4.215   1.00 43.84 ? 23  GLU A C   1 
ATOM   95   O  O   . GLU A 1 23  ? 9.466   -0.138  3.944   1.00 43.80 ? 23  GLU A O   1 
ATOM   96   C  CB  . GLU A 1 23  ? 8.250   -1.572  6.634   1.00 44.41 ? 23  GLU A CB  1 
ATOM   97   C  CG  . GLU A 1 23  ? 8.609   -0.670  7.809   1.00 47.56 ? 23  GLU A CG  1 
ATOM   98   C  CD  . GLU A 1 23  ? 9.074   0.734   7.424   1.00 51.00 ? 23  GLU A CD  1 
ATOM   99   O  OE1 . GLU A 1 23  ? 10.310  0.978   7.453   1.00 52.31 ? 23  GLU A OE1 1 
ATOM   100  O  OE2 . GLU A 1 23  ? 8.205   1.610   7.115   1.00 54.98 ? 23  GLU A OE2 1 
ATOM   101  N  N   . PHE A 1 24  ? 8.512   -2.124  3.503   1.00 43.71 ? 24  PHE A N   1 
ATOM   102  C  CA  . PHE A 1 24  ? 9.321   -2.391  2.313   1.00 43.59 ? 24  PHE A CA  1 
ATOM   103  C  C   . PHE A 1 24  ? 9.106   -1.325  1.220   1.00 43.89 ? 24  PHE A C   1 
ATOM   104  O  O   . PHE A 1 24  ? 10.056  -0.708  0.731   1.00 43.83 ? 24  PHE A O   1 
ATOM   105  C  CB  . PHE A 1 24  ? 8.971   -3.778  1.781   1.00 43.43 ? 24  PHE A CB  1 
ATOM   106  C  CG  . PHE A 1 24  ? 9.657   -4.125  0.512   1.00 43.07 ? 24  PHE A CG  1 
ATOM   107  C  CD1 . PHE A 1 24  ? 11.017  -4.349  0.476   1.00 43.65 ? 24  PHE A CD1 1 
ATOM   108  C  CD2 . PHE A 1 24  ? 8.924   -4.248  -0.664  1.00 44.06 ? 24  PHE A CD2 1 
ATOM   109  C  CE1 . PHE A 1 24  ? 11.649  -4.670  -0.737  1.00 43.40 ? 24  PHE A CE1 1 
ATOM   110  C  CE2 . PHE A 1 24  ? 9.525   -4.573  -1.849  1.00 43.68 ? 24  PHE A CE2 1 
ATOM   111  C  CZ  . PHE A 1 24  ? 10.899  -4.780  -1.888  1.00 43.91 ? 24  PHE A CZ  1 
ATOM   112  N  N   . ILE A 1 25  ? 7.840   -1.122  0.858   1.00 44.03 ? 25  ILE A N   1 
ATOM   113  C  CA  . ILE A 1 25  ? 7.448   -0.169  -0.166  1.00 44.14 ? 25  ILE A CA  1 
ATOM   114  C  C   . ILE A 1 25  ? 8.011   1.194   0.257   1.00 44.06 ? 25  ILE A C   1 
ATOM   115  O  O   . ILE A 1 25  ? 8.691   1.851   -0.521  1.00 44.40 ? 25  ILE A O   1 
ATOM   116  C  CB  . ILE A 1 25  ? 5.903   -0.109  -0.306  1.00 44.21 ? 25  ILE A CB  1 
ATOM   117  C  CG1 . ILE A 1 25  ? 5.344   -1.406  -0.902  1.00 44.56 ? 25  ILE A CG1 1 
ATOM   118  C  CG2 . ILE A 1 25  ? 5.516   1.063   -1.184  1.00 44.18 ? 25  ILE A CG2 1 
ATOM   119  C  CD1 . ILE A 1 25  ? 3.832   -1.529  -0.813  1.00 45.60 ? 25  ILE A CD1 1 
ATOM   120  N  N   . PHE A 1 26  ? 7.771   1.570   1.513   1.00 43.82 ? 26  PHE A N   1 
ATOM   121  C  CA  . PHE A 1 26  ? 8.248   2.830   2.084   1.00 43.84 ? 26  PHE A CA  1 
ATOM   122  C  C   . PHE A 1 26  ? 9.726   3.081   1.823   1.00 43.95 ? 26  PHE A C   1 
ATOM   123  O  O   . PHE A 1 26  ? 10.107  4.202   1.476   1.00 43.34 ? 26  PHE A O   1 
ATOM   124  C  CB  . PHE A 1 26  ? 8.037   2.866   3.608   1.00 43.70 ? 26  PHE A CB  1 
ATOM   125  C  CG  . PHE A 1 26  ? 8.517   4.133   4.254   1.00 43.72 ? 26  PHE A CG  1 
ATOM   126  C  CD1 . PHE A 1 26  ? 8.043   5.358   3.821   1.00 43.94 ? 26  PHE A CD1 1 
ATOM   127  C  CD2 . PHE A 1 26  ? 9.437   4.105   5.300   1.00 44.06 ? 26  PHE A CD2 1 
ATOM   128  C  CE1 . PHE A 1 26  ? 8.472   6.544   4.410   1.00 44.71 ? 26  PHE A CE1 1 
ATOM   129  C  CE2 . PHE A 1 26  ? 9.872   5.279   5.903   1.00 44.85 ? 26  PHE A CE2 1 
ATOM   130  C  CZ  . PHE A 1 26  ? 9.386   6.509   5.457   1.00 44.95 ? 26  PHE A CZ  1 
ATOM   131  N  N   . SER A 1 27  ? 10.543  2.043   2.030   1.00 44.04 ? 27  SER A N   1 
ATOM   132  C  CA  . SER A 1 27  ? 11.994  2.142   1.907   1.00 44.01 ? 27  SER A CA  1 
ATOM   133  C  C   . SER A 1 27  ? 12.419  2.354   0.468   1.00 44.19 ? 27  SER A C   1 
ATOM   134  O  O   . SER A 1 27  ? 13.503  2.883   0.221   1.00 44.44 ? 27  SER A O   1 
ATOM   135  C  CB  . SER A 1 27  ? 12.684  0.890   2.467   1.00 44.21 ? 27  SER A CB  1 
ATOM   136  O  OG  . SER A 1 27  ? 12.418  -0.268  1.666   1.00 44.24 ? 27  SER A OG  1 
ATOM   137  N  N   . LEU A 1 28  ? 11.565  1.935   -0.465  1.00 44.00 ? 28  LEU A N   1 
ATOM   138  C  CA  . LEU A 1 28  ? 11.796  2.071   -1.896  1.00 44.00 ? 28  LEU A CA  1 
ATOM   139  C  C   . LEU A 1 28  ? 11.367  3.425   -2.453  1.00 44.28 ? 28  LEU A C   1 
ATOM   140  O  O   . LEU A 1 28  ? 11.926  3.886   -3.459  1.00 43.54 ? 28  LEU A O   1 
ATOM   141  C  CB  . LEU A 1 28  ? 11.012  1.000   -2.675  1.00 44.72 ? 28  LEU A CB  1 
ATOM   142  C  CG  . LEU A 1 28  ? 11.328  -0.505  -2.655  1.00 44.36 ? 28  LEU A CG  1 
ATOM   143  C  CD1 . LEU A 1 28  ? 10.226  -1.231  -3.371  1.00 44.77 ? 28  LEU A CD1 1 
ATOM   144  C  CD2 . LEU A 1 28  ? 12.634  -0.832  -3.350  1.00 46.17 ? 28  LEU A CD2 1 
ATOM   145  N  N   . LEU A 1 29  ? 10.378  4.075   -1.833  1.00 44.25 ? 29  LEU A N   1 
ATOM   146  C  CA  . LEU A 1 29  ? 9.859   5.314   -2.421  1.00 44.28 ? 29  LEU A CA  1 
ATOM   147  C  C   . LEU A 1 29  ? 10.857  6.466   -2.437  1.00 44.09 ? 29  LEU A C   1 
ATOM   148  O  O   . LEU A 1 29  ? 10.654  7.429   -3.153  1.00 44.47 ? 29  LEU A O   1 
ATOM   149  C  CB  . LEU A 1 29  ? 8.537   5.739   -1.774  1.00 44.27 ? 29  LEU A CB  1 
ATOM   150  C  CG  . LEU A 1 29  ? 7.401   4.755   -2.060  1.00 44.96 ? 29  LEU A CG  1 
ATOM   151  C  CD1 . LEU A 1 29  ? 6.173   5.140   -1.237  1.00 45.00 ? 29  LEU A CD1 1 
ATOM   152  C  CD2 . LEU A 1 29  ? 7.073   4.694   -3.570  1.00 45.95 ? 29  LEU A CD2 1 
ATOM   153  N  N   . PHE A 1 30  ? 11.940  6.350   -1.677  1.00 44.12 ? 30  PHE A N   1 
ATOM   154  C  CA  . PHE A 1 30  ? 12.984  7.361   -1.636  1.00 44.37 ? 30  PHE A CA  1 
ATOM   155  C  C   . PHE A 1 30  ? 13.908  7.313   -2.859  1.00 44.48 ? 30  PHE A C   1 
ATOM   156  O  O   . PHE A 1 30  ? 14.625  8.271   -3.129  1.00 44.70 ? 30  PHE A O   1 
ATOM   157  C  CB  . PHE A 1 30  ? 13.830  7.171   -0.369  1.00 44.47 ? 30  PHE A CB  1 
ATOM   158  C  CG  . PHE A 1 30  ? 13.068  7.360   0.919   1.00 44.57 ? 30  PHE A CG  1 
ATOM   159  C  CD1 . PHE A 1 30  ? 12.963  8.619   1.500   1.00 45.03 ? 30  PHE A CD1 1 
ATOM   160  C  CD2 . PHE A 1 30  ? 12.463  6.279   1.551   1.00 44.21 ? 30  PHE A CD2 1 
ATOM   161  C  CE1 . PHE A 1 30  ? 12.266  8.798   2.685   1.00 44.92 ? 30  PHE A CE1 1 
ATOM   162  C  CE2 . PHE A 1 30  ? 11.767  6.450   2.732   1.00 44.07 ? 30  PHE A CE2 1 
ATOM   163  C  CZ  . PHE A 1 30  ? 11.670  7.709   3.302   1.00 44.57 ? 30  PHE A CZ  1 
ATOM   164  N  N   . PHE A 1 31  ? 13.894  6.195   -3.580  1.00 44.81 ? 31  PHE A N   1 
ATOM   165  C  CA  . PHE A 1 31  ? 14.860  5.894   -4.637  1.00 45.14 ? 31  PHE A CA  1 
ATOM   166  C  C   . PHE A 1 31  ? 14.231  5.312   -5.911  1.00 45.72 ? 31  PHE A C   1 
ATOM   167  O  O   . PHE A 1 31  ? 14.823  4.434   -6.576  1.00 46.17 ? 31  PHE A O   1 
ATOM   168  C  CB  . PHE A 1 31  ? 15.865  4.877   -4.098  1.00 45.19 ? 31  PHE A CB  1 
ATOM   169  C  CG  . PHE A 1 31  ? 16.503  5.290   -2.801  1.00 45.21 ? 31  PHE A CG  1 
ATOM   170  C  CD1 . PHE A 1 31  ? 17.531  6.209   -2.786  1.00 44.85 ? 31  PHE A CD1 1 
ATOM   171  C  CD2 . PHE A 1 31  ? 16.059  4.771   -1.594  1.00 45.65 ? 31  PHE A CD2 1 
ATOM   172  C  CE1 . PHE A 1 31  ? 18.121  6.603   -1.587  1.00 45.15 ? 31  PHE A CE1 1 
ATOM   173  C  CE2 . PHE A 1 31  ? 16.643  5.171   -0.398  1.00 45.07 ? 31  PHE A CE2 1 
ATOM   174  C  CZ  . PHE A 1 31  ? 17.672  6.083   -0.399  1.00 44.43 ? 31  PHE A CZ  1 
ATOM   175  N  N   . LEU A 1 32  ? 13.037  5.758   -6.271  1.00 45.89 ? 32  LEU A N   1 
ATOM   176  C  CA  . LEU A 1 32  ? 12.390  5.131   -7.422  1.00 46.12 ? 32  LEU A CA  1 
ATOM   177  C  C   . LEU A 1 32  ? 12.904  5.770   -8.716  1.00 45.86 ? 32  LEU A C   1 
ATOM   178  O  O   . LEU A 1 32  ? 13.503  6.845   -8.671  1.00 46.29 ? 32  LEU A O   1 
ATOM   179  C  CB  . LEU A 1 32  ? 10.863  5.174   -7.262  1.00 46.12 ? 32  LEU A CB  1 
ATOM   180  C  CG  . LEU A 1 32  ? 10.317  3.991   -6.444  1.00 46.10 ? 32  LEU A CG  1 
ATOM   181  C  CD1 . LEU A 1 32  ? 9.205   3.331   -7.179  1.00 46.42 ? 32  LEU A CD1 1 
ATOM   182  C  CD2 . LEU A 1 32  ? 11.359  2.899   -6.115  1.00 46.59 ? 32  LEU A CD2 1 
ATOM   183  N  N   . PRO A 1 33  ? 12.735  5.129   -9.874  1.00 45.48 ? 33  PRO A N   1 
ATOM   184  C  CA  . PRO A 1 33  ? 12.078  3.837   -10.103 1.00 45.14 ? 33  PRO A CA  1 
ATOM   185  C  C   . PRO A 1 33  ? 13.100  2.719   -10.196 1.00 44.79 ? 33  PRO A C   1 
ATOM   186  O  O   . PRO A 1 33  ? 14.268  3.003   -10.486 1.00 44.17 ? 33  PRO A O   1 
ATOM   187  C  CB  . PRO A 1 33  ? 11.483  4.039   -11.483 1.00 45.32 ? 33  PRO A CB  1 
ATOM   188  C  CG  . PRO A 1 33  ? 12.594  4.830   -12.215 1.00 45.37 ? 33  PRO A CG  1 
ATOM   189  C  CD  . PRO A 1 33  ? 13.213  5.717   -11.140 1.00 45.55 ? 33  PRO A CD  1 
ATOM   190  N  N   . LYS A 1 34  ? 12.652  1.483   -9.965  1.00 44.33 ? 34  LYS A N   1 
ATOM   191  C  CA  . LYS A 1 34  ? 13.467  0.284   -10.124 1.00 43.87 ? 34  LYS A CA  1 
ATOM   192  C  C   . LYS A 1 34  ? 12.680  -0.626  -11.031 1.00 43.58 ? 34  LYS A C   1 
ATOM   193  O  O   . LYS A 1 34  ? 11.455  -0.569  -11.032 1.00 43.40 ? 34  LYS A O   1 
ATOM   194  C  CB  . LYS A 1 34  ? 13.657  -0.414  -8.761  1.00 44.02 ? 34  LYS A CB  1 
ATOM   195  C  CG  . LYS A 1 34  ? 14.683  0.238   -7.816  1.00 44.18 ? 34  LYS A CG  1 
ATOM   196  C  CD  . LYS A 1 34  ? 14.566  -0.292  -6.382  1.00 45.02 ? 34  LYS A CD  1 
ATOM   197  C  CE  . LYS A 1 34  ? 15.962  -0.482  -5.718  1.00 45.96 ? 34  LYS A CE  1 
ATOM   198  N  NZ  . LYS A 1 34  ? 16.765  -1.589  -6.355  1.00 44.34 ? 34  LYS A NZ  1 
ATOM   199  N  N   . GLU A 1 35  ? 13.360  -1.493  -11.773 1.00 43.48 ? 35  GLU A N   1 
ATOM   200  C  CA  . GLU A 1 35  ? 12.663  -2.447  -12.625 1.00 43.58 ? 35  GLU A CA  1 
ATOM   201  C  C   . GLU A 1 35  ? 11.888  -3.456  -11.752 1.00 43.16 ? 35  GLU A C   1 
ATOM   202  O  O   . GLU A 1 35  ? 12.312  -3.787  -10.647 1.00 42.75 ? 35  GLU A O   1 
ATOM   203  C  CB  . GLU A 1 35  ? 13.636  -3.188  -13.563 1.00 43.72 ? 35  GLU A CB  1 
ATOM   204  C  CG  . GLU A 1 35  ? 14.336  -2.353  -14.643 1.00 44.78 ? 35  GLU A CG  1 
ATOM   205  C  CD  . GLU A 1 35  ? 13.389  -1.667  -15.624 1.00 45.28 ? 35  GLU A CD  1 
ATOM   206  O  OE1 . GLU A 1 35  ? 12.342  -2.241  -15.961 1.00 45.38 ? 35  GLU A OE1 1 
ATOM   207  O  OE2 . GLU A 1 35  ? 13.703  -0.538  -16.066 1.00 47.57 ? 35  GLU A OE2 1 
ATOM   208  N  N   . ALA A 1 36  ? 10.754  -3.929  -12.269 1.00 43.09 ? 36  ALA A N   1 
ATOM   209  C  CA  . ALA A 1 36  ? 9.854   -4.838  -11.550 1.00 43.21 ? 36  ALA A CA  1 
ATOM   210  C  C   . ALA A 1 36  ? 10.529  -6.063  -10.943 1.00 43.08 ? 36  ALA A C   1 
ATOM   211  O  O   . ALA A 1 36  ? 10.308  -6.375  -9.763  1.00 42.46 ? 36  ALA A O   1 
ATOM   212  C  CB  . ALA A 1 36  ? 8.683   -5.280  -12.469 1.00 43.54 ? 36  ALA A CB  1 
ATOM   213  N  N   . GLU A 1 37  ? 11.350  -6.765  -11.724 1.00 42.78 ? 37  GLU A N   1 
ATOM   214  C  CA  . GLU A 1 37  ? 11.979  -7.972  -11.202 1.00 43.53 ? 37  GLU A CA  1 
ATOM   215  C  C   . GLU A 1 37  ? 13.039  -7.637  -10.149 1.00 43.37 ? 37  GLU A C   1 
ATOM   216  O  O   . GLU A 1 37  ? 13.237  -8.384  -9.213  1.00 43.48 ? 37  GLU A O   1 
ATOM   217  C  CB  . GLU A 1 37  ? 12.542  -8.835  -12.328 1.00 43.79 ? 37  GLU A CB  1 
ATOM   218  C  CG  . GLU A 1 37  ? 11.411  -9.521  -13.100 1.00 45.57 ? 37  GLU A CG  1 
ATOM   219  C  CD  . GLU A 1 37  ? 11.909  -10.643 -14.004 1.00 47.74 ? 37  GLU A CD  1 
ATOM   220  O  OE1 . GLU A 1 37  ? 12.410  -10.336 -15.117 1.00 48.47 ? 37  GLU A OE1 1 
ATOM   221  O  OE2 . GLU A 1 37  ? 11.801  -11.827 -13.586 1.00 49.59 ? 37  GLU A OE2 1 
ATOM   222  N  N   . VAL A 1 38  ? 13.662  -6.474  -10.280 1.00 43.30 ? 38  VAL A N   1 
ATOM   223  C  CA  . VAL A 1 38  ? 14.600  -5.991  -9.282  1.00 42.83 ? 38  VAL A CA  1 
ATOM   224  C  C   . VAL A 1 38  ? 13.917  -5.795  -7.912  1.00 42.76 ? 38  VAL A C   1 
ATOM   225  O  O   . VAL A 1 38  ? 14.463  -6.223  -6.912  1.00 42.11 ? 38  VAL A O   1 
ATOM   226  C  CB  . VAL A 1 38  ? 15.323  -4.713  -9.778  1.00 42.98 ? 38  VAL A CB  1 
ATOM   227  C  CG1 . VAL A 1 38  ? 16.093  -4.027  -8.656  1.00 42.67 ? 38  VAL A CG1 1 
ATOM   228  C  CG2 . VAL A 1 38  ? 16.263  -5.086  -10.942 1.00 42.54 ? 38  VAL A CG2 1 
ATOM   229  N  N   . ILE A 1 39  ? 12.726  -5.193  -7.877  1.00 42.93 ? 39  ILE A N   1 
ATOM   230  C  CA  . ILE A 1 39  ? 12.003  -4.977  -6.627  1.00 43.24 ? 39  ILE A CA  1 
ATOM   231  C  C   . ILE A 1 39  ? 11.613  -6.313  -5.993  1.00 43.65 ? 39  ILE A C   1 
ATOM   232  O  O   . ILE A 1 39  ? 11.762  -6.508  -4.776  1.00 43.74 ? 39  ILE A O   1 
ATOM   233  C  CB  . ILE A 1 39  ? 10.731  -4.157  -6.859  1.00 43.40 ? 39  ILE A CB  1 
ATOM   234  C  CG1 . ILE A 1 39  ? 11.053  -2.722  -7.297  1.00 43.14 ? 39  ILE A CG1 1 
ATOM   235  C  CG2 . ILE A 1 39  ? 9.946   -4.075  -5.562  1.00 43.92 ? 39  ILE A CG2 1 
ATOM   236  C  CD1 . ILE A 1 39  ? 9.884   -2.041  -8.063  1.00 42.02 ? 39  ILE A CD1 1 
ATOM   237  N  N   . GLN A 1 40  ? 11.085  -7.209  -6.832  1.00 43.69 ? 40  GLN A N   1 
ATOM   238  C  CA  . GLN A 1 40  ? 10.767  -8.579  -6.442  1.00 43.80 ? 40  GLN A CA  1 
ATOM   239  C  C   . GLN A 1 40  ? 12.003  -9.285  -5.856  1.00 44.11 ? 40  GLN A C   1 
ATOM   240  O  O   . GLN A 1 40  ? 11.878  -9.918  -4.832  1.00 45.08 ? 40  GLN A O   1 
ATOM   241  C  CB  . GLN A 1 40  ? 10.174  -9.365  -7.625  1.00 43.77 ? 40  GLN A CB  1 
ATOM   242  C  CG  . GLN A 1 40  ? 8.836   -8.785  -8.168  1.00 43.36 ? 40  GLN A CG  1 
ATOM   243  C  CD  . GLN A 1 40  ? 8.361   -9.431  -9.473  1.00 43.85 ? 40  GLN A CD  1 
ATOM   244  O  OE1 . GLN A 1 40  ? 8.450   -10.647 -9.630  1.00 45.26 ? 40  GLN A OE1 1 
ATOM   245  N  NE2 . GLN A 1 40  ? 7.854   -8.616  -10.402 1.00 41.95 ? 40  GLN A NE2 1 
ATOM   246  N  N   . ALA A 1 41  ? 13.185  -9.182  -6.478  1.00 44.52 ? 41  ALA A N   1 
ATOM   247  C  CA  . ALA A 1 41  ? 14.419  -9.759  -5.897  1.00 44.12 ? 41  ALA A CA  1 
ATOM   248  C  C   . ALA A 1 41  ? 14.918  -9.019  -4.639  1.00 44.06 ? 41  ALA A C   1 
ATOM   249  O  O   . ALA A 1 41  ? 15.473  -9.661  -3.737  1.00 43.84 ? 41  ALA A O   1 
ATOM   250  C  CB  . ALA A 1 41  ? 15.524  -9.844  -6.916  1.00 44.44 ? 41  ALA A CB  1 
ATOM   251  N  N   . ASP A 1 42  ? 14.714  -7.696  -4.565  1.00 43.68 ? 42  ASP A N   1 
ATOM   252  C  CA  . ASP A 1 42  ? 15.042  -6.896  -3.365  1.00 43.71 ? 42  ASP A CA  1 
ATOM   253  C  C   . ASP A 1 42  ? 14.190  -7.379  -2.166  1.00 43.46 ? 42  ASP A C   1 
ATOM   254  O  O   . ASP A 1 42  ? 14.668  -7.425  -1.037  1.00 43.35 ? 42  ASP A O   1 
ATOM   255  C  CB  . ASP A 1 42  ? 14.733  -5.390  -3.581  1.00 43.44 ? 42  ASP A CB  1 
ATOM   256  C  CG  . ASP A 1 42  ? 15.747  -4.670  -4.493  1.00 43.89 ? 42  ASP A CG  1 
ATOM   257  O  OD1 . ASP A 1 42  ? 16.627  -5.310  -5.099  1.00 43.78 ? 42  ASP A OD1 1 
ATOM   258  O  OD2 . ASP A 1 42  ? 15.720  -3.435  -4.639  1.00 44.46 ? 42  ASP A OD2 1 
ATOM   259  N  N   . PHE A 1 43  ? 12.929  -7.710  -2.436  1.00 43.45 ? 43  PHE A N   1 
ATOM   260  C  CA  . PHE A 1 43  ? 12.012  -8.260  -1.433  1.00 43.90 ? 43  PHE A CA  1 
ATOM   261  C  C   . PHE A 1 43  ? 12.531  -9.550  -0.848  1.00 44.03 ? 43  PHE A C   1 
ATOM   262  O  O   . PHE A 1 43  ? 12.401  -9.755  0.338   1.00 44.97 ? 43  PHE A O   1 
ATOM   263  C  CB  . PHE A 1 43  ? 10.607  -8.522  -1.996  1.00 43.96 ? 43  PHE A CB  1 
ATOM   264  C  CG  . PHE A 1 43  ? 9.519   -8.660  -0.922  1.00 44.08 ? 43  PHE A CG  1 
ATOM   265  C  CD1 . PHE A 1 43  ? 9.408   -7.726  0.111   1.00 43.80 ? 43  PHE A CD1 1 
ATOM   266  C  CD2 . PHE A 1 43  ? 8.593   -9.694  -0.984  1.00 43.48 ? 43  PHE A CD2 1 
ATOM   267  C  CE1 . PHE A 1 43  ? 8.399   -7.832  1.063   1.00 43.59 ? 43  PHE A CE1 1 
ATOM   268  C  CE2 . PHE A 1 43  ? 7.576   -9.806  -0.039  1.00 43.62 ? 43  PHE A CE2 1 
ATOM   269  C  CZ  . PHE A 1 43  ? 7.470   -8.870  0.980   1.00 43.69 ? 43  PHE A CZ  1 
ATOM   270  N  N   . LEU A 1 44  ? 13.123  -10.419 -1.661  1.00 44.08 ? 44  LEU A N   1 
ATOM   271  C  CA  . LEU A 1 44  ? 13.752  -11.613 -1.127  1.00 44.07 ? 44  LEU A CA  1 
ATOM   272  C  C   . LEU A 1 44  ? 14.900  -11.315 -0.153  1.00 44.07 ? 44  LEU A C   1 
ATOM   273  O  O   . LEU A 1 44  ? 15.003  -11.994 0.877   1.00 44.23 ? 44  LEU A O   1 
ATOM   274  C  CB  . LEU A 1 44  ? 14.278  -12.523 -2.231  1.00 44.30 ? 44  LEU A CB  1 
ATOM   275  C  CG  . LEU A 1 44  ? 13.309  -12.980 -3.320  1.00 45.09 ? 44  LEU A CG  1 
ATOM   276  C  CD1 . LEU A 1 44  ? 13.932  -14.142 -4.064  1.00 44.95 ? 44  LEU A CD1 1 
ATOM   277  C  CD2 . LEU A 1 44  ? 11.942  -13.353 -2.745  1.00 46.54 ? 44  LEU A CD2 1 
ATOM   278  N  N   . GLU A 1 45  ? 15.757  -10.333 -0.468  1.00 43.63 ? 45  GLU A N   1 
ATOM   279  C  CA  . GLU A 1 45  ? 16.887  -9.957  0.412   1.00 43.73 ? 45  GLU A CA  1 
ATOM   280  C  C   . GLU A 1 45  ? 16.434  -9.250  1.687   1.00 43.65 ? 45  GLU A C   1 
ATOM   281  O  O   . GLU A 1 45  ? 17.217  -9.094  2.633   1.00 43.39 ? 45  GLU A O   1 
ATOM   282  C  CB  . GLU A 1 45  ? 17.856  -9.026  -0.298  1.00 43.72 ? 45  GLU A CB  1 
ATOM   283  C  CG  . GLU A 1 45  ? 18.597  -9.657  -1.461  1.00 43.88 ? 45  GLU A CG  1 
ATOM   284  C  CD  . GLU A 1 45  ? 19.936  -9.004  -1.668  1.00 43.56 ? 45  GLU A CD  1 
ATOM   285  O  OE1 . GLU A 1 45  ? 19.974  -8.046  -2.460  1.00 42.78 ? 45  GLU A OE1 1 
ATOM   286  O  OE2 . GLU A 1 45  ? 20.935  -9.435  -1.030  1.00 43.35 ? 45  GLU A OE2 1 
ATOM   287  N  N   . TYR A 1 46  ? 15.186  -8.791  1.662   1.00 43.48 ? 46  TYR A N   1 
ATOM   288  C  CA  . TYR A 1 46  ? 14.526  -8.096  2.768   1.00 43.50 ? 46  TYR A CA  1 
ATOM   289  C  C   . TYR A 1 46  ? 14.051  -9.074  3.865   1.00 43.42 ? 46  TYR A C   1 
ATOM   290  O  O   . TYR A 1 46  ? 13.704  -8.655  4.958   1.00 43.46 ? 46  TYR A O   1 
ATOM   291  C  CB  . TYR A 1 46  ? 13.293  -7.403  2.193   1.00 43.56 ? 46  TYR A CB  1 
ATOM   292  C  CG  . TYR A 1 46  ? 12.572  -6.476  3.125   1.00 43.34 ? 46  TYR A CG  1 
ATOM   293  C  CD1 . TYR A 1 46  ? 13.193  -5.335  3.592   1.00 44.40 ? 46  TYR A CD1 1 
ATOM   294  C  CD2 . TYR A 1 46  ? 11.248  -6.716  3.493   1.00 44.40 ? 46  TYR A CD2 1 
ATOM   295  C  CE1 . TYR A 1 46  ? 12.540  -4.475  4.407   1.00 45.22 ? 46  TYR A CE1 1 
ATOM   296  C  CE2 . TYR A 1 46  ? 10.587  -5.862  4.326   1.00 45.29 ? 46  TYR A CE2 1 
ATOM   297  C  CZ  . TYR A 1 46  ? 11.246  -4.741  4.776   1.00 46.09 ? 46  TYR A CZ  1 
ATOM   298  O  OH  . TYR A 1 46  ? 10.634  -3.851  5.618   1.00 48.75 ? 46  TYR A OH  1 
ATOM   299  N  N   . ASP A 1 47  ? 14.017  -10.365 3.536   1.00 43.16 ? 47  ASP A N   1 
ATOM   300  C  CA  . ASP A 1 47  ? 13.524  -11.415 4.418   1.00 43.43 ? 47  ASP A CA  1 
ATOM   301  C  C   . ASP A 1 47  ? 14.471  -11.623 5.590   1.00 43.37 ? 47  ASP A C   1 
ATOM   302  O  O   . ASP A 1 47  ? 15.692  -11.459 5.451   1.00 43.55 ? 47  ASP A O   1 
ATOM   303  C  CB  . ASP A 1 47  ? 13.370  -12.723 3.621   1.00 43.39 ? 47  ASP A CB  1 
ATOM   304  C  CG  . ASP A 1 47  ? 12.514  -13.786 4.333   1.00 44.04 ? 47  ASP A CG  1 
ATOM   305  O  OD1 . ASP A 1 47  ? 11.702  -13.471 5.232   1.00 43.19 ? 47  ASP A OD1 1 
ATOM   306  O  OD2 . ASP A 1 47  ? 12.592  -14.989 4.001   1.00 44.96 ? 47  ASP A OD2 1 
ATOM   307  N  N   . THR A 1 48  ? 13.879  -11.972 6.735   1.00 43.76 ? 48  THR A N   1 
ATOM   308  C  CA  . THR A 1 48  ? 14.586  -12.284 7.979   1.00 43.55 ? 48  THR A CA  1 
ATOM   309  C  C   . THR A 1 48  ? 13.829  -13.304 8.816   1.00 43.66 ? 48  THR A C   1 
ATOM   310  O  O   . THR A 1 48  ? 12.673  -13.593 8.575   1.00 43.59 ? 48  THR A O   1 
ATOM   311  C  CB  . THR A 1 48  ? 14.752  -11.037 8.851   1.00 43.62 ? 48  THR A CB  1 
ATOM   312  O  OG1 . THR A 1 48  ? 13.466  -10.439 9.107   1.00 44.28 ? 48  THR A OG1 1 
ATOM   313  C  CG2 . THR A 1 48  ? 15.573  -9.977  8.139   1.00 44.03 ? 48  THR A CG2 1 
ATOM   314  N  N   . LYS A 1 49  ? 14.521  -13.810 9.830   1.00 43.86 ? 49  LYS A N   1 
ATOM   315  C  CA  . LYS A 1 49  ? 13.981  -14.685 10.853  1.00 44.01 ? 49  LYS A CA  1 
ATOM   316  C  C   . LYS A 1 49  ? 12.587  -14.238 11.289  1.00 44.08 ? 49  LYS A C   1 
ATOM   317  O  O   . LYS A 1 49  ? 11.648  -15.031 11.295  1.00 44.39 ? 49  LYS A O   1 
ATOM   318  C  CB  . LYS A 1 49  ? 14.937  -14.709 12.068  1.00 44.21 ? 49  LYS A CB  1 
ATOM   319  C  CG  . LYS A 1 49  ? 16.455  -14.724 11.717  1.00 44.72 ? 49  LYS A CG  1 
ATOM   320  C  CD  . LYS A 1 49  ? 17.047  -13.328 11.264  1.00 45.43 ? 49  LYS A CD  1 
ATOM   321  C  CE  . LYS A 1 49  ? 17.971  -13.475 10.025  1.00 45.37 ? 49  LYS A CE  1 
ATOM   322  N  NZ  . LYS A 1 49  ? 18.542  -12.187 9.520   1.00 45.86 ? 49  LYS A NZ  1 
ATOM   323  N  N   . GLU A 1 50  ? 12.434  -12.967 11.627  1.00 44.03 ? 50  GLU A N   1 
ATOM   324  C  CA  . GLU A 1 50  ? 11.154  -12.466 12.119  1.00 44.43 ? 50  GLU A CA  1 
ATOM   325  C  C   . GLU A 1 50  ? 10.081  -12.291 11.053  1.00 44.47 ? 50  GLU A C   1 
ATOM   326  O  O   . GLU A 1 50  ? 8.895   -12.416 11.348  1.00 44.08 ? 50  GLU A O   1 
ATOM   327  C  CB  . GLU A 1 50  ? 11.344  -11.128 12.813  1.00 44.57 ? 50  GLU A CB  1 
ATOM   328  C  CG  . GLU A 1 50  ? 12.174  -11.242 14.079  1.00 46.23 ? 50  GLU A CG  1 
ATOM   329  C  CD  . GLU A 1 50  ? 12.198  -9.948  14.870  1.00 47.48 ? 50  GLU A CD  1 
ATOM   330  O  OE1 . GLU A 1 50  ? 12.332  -8.872  14.232  1.00 49.45 ? 50  GLU A OE1 1 
ATOM   331  O  OE2 . GLU A 1 50  ? 12.093  -10.009 16.118  1.00 49.16 ? 50  GLU A OE2 1 
ATOM   332  N  N   . ARG A 1 51  ? 10.494  -11.995 9.814   1.00 44.41 ? 51  ARG A N   1 
ATOM   333  C  CA  . ARG A 1 51  ? 9.503   -11.673 8.771   1.00 44.32 ? 51  ARG A CA  1 
ATOM   334  C  C   . ARG A 1 51  ? 8.900   -12.920 8.126   1.00 44.20 ? 51  ARG A C   1 
ATOM   335  O  O   . ARG A 1 51  ? 7.714   -12.934 7.780   1.00 44.44 ? 51  ARG A O   1 
ATOM   336  C  CB  . ARG A 1 51  ? 10.114  -10.728 7.733   1.00 44.20 ? 51  ARG A CB  1 
ATOM   337  C  CG  . ARG A 1 51  ? 10.274  -9.291  8.270   1.00 44.84 ? 51  ARG A CG  1 
ATOM   338  C  CD  . ARG A 1 51  ? 11.221  -8.390  7.465   1.00 44.80 ? 51  ARG A CD  1 
ATOM   339  N  NE  . ARG A 1 51  ? 11.211  -6.992  7.915   1.00 45.41 ? 51  ARG A NE  1 
ATOM   340  C  CZ  . ARG A 1 51  ? 12.203  -6.122  7.724   1.00 45.65 ? 51  ARG A CZ  1 
ATOM   341  N  NH1 . ARG A 1 51  ? 13.303  -6.498  7.092   1.00 46.28 ? 51  ARG A NH1 1 
ATOM   342  N  NH2 . ARG A 1 51  ? 12.098  -4.855  8.142   1.00 45.29 ? 51  ARG A NH2 1 
ATOM   343  N  N   . GLN A 1 52  ? 9.705   -13.967 7.982   1.00 44.01 ? 52  GLN A N   1 
ATOM   344  C  CA  . GLN A 1 52  ? 9.226   -15.235 7.457   1.00 43.99 ? 52  GLN A CA  1 
ATOM   345  C  C   . GLN A 1 52  ? 8.357   -14.962 6.237   1.00 43.80 ? 52  GLN A C   1 
ATOM   346  O  O   . GLN A 1 52  ? 7.220   -15.421 6.172   1.00 43.30 ? 52  GLN A O   1 
ATOM   347  C  CB  . GLN A 1 52  ? 8.408   -15.984 8.525   1.00 44.40 ? 52  GLN A CB  1 
ATOM   348  C  CG  . GLN A 1 52  ? 8.903   -15.835 9.962   1.00 45.52 ? 52  GLN A CG  1 
ATOM   349  C  CD  . GLN A 1 52  ? 7.880   -16.352 10.982  1.00 47.24 ? 52  GLN A CD  1 
ATOM   350  O  OE1 . GLN A 1 52  ? 7.344   -17.463 10.822  1.00 47.94 ? 52  GLN A OE1 1 
ATOM   351  N  NE2 . GLN A 1 52  ? 7.611   -15.553 12.032  1.00 47.62 ? 52  GLN A NE2 1 
ATOM   352  N  N   . LEU A 1 53  ? 8.890   -14.195 5.285   1.00 43.40 ? 53  LEU A N   1 
ATOM   353  C  CA  . LEU A 1 53  ? 8.098   -13.712 4.162   1.00 43.70 ? 53  LEU A CA  1 
ATOM   354  C  C   . LEU A 1 53  ? 7.503   -14.857 3.397   1.00 43.80 ? 53  LEU A C   1 
ATOM   355  O  O   . LEU A 1 53  ? 8.237   -15.739 2.987   1.00 43.84 ? 53  LEU A O   1 
ATOM   356  C  CB  . LEU A 1 53  ? 8.967   -12.896 3.196   1.00 43.78 ? 53  LEU A CB  1 
ATOM   357  C  CG  . LEU A 1 53  ? 9.041   -11.371 3.225   1.00 44.46 ? 53  LEU A CG  1 
ATOM   358  C  CD1 . LEU A 1 53  ? 8.379   -10.669 4.399   1.00 44.66 ? 53  LEU A CD1 1 
ATOM   359  C  CD2 . LEU A 1 53  ? 10.470  -10.935 3.104   1.00 44.95 ? 53  LEU A CD2 1 
ATOM   360  N  N   . ASN A 1 54  ? 6.193   -14.817 3.145   1.00 43.57 ? 54  ASN A N   1 
ATOM   361  C  CA  . ASN A 1 54  ? 5.515   -15.925 2.476   1.00 43.70 ? 54  ASN A CA  1 
ATOM   362  C  C   . ASN A 1 54  ? 5.046   -15.546 1.077   1.00 43.77 ? 54  ASN A C   1 
ATOM   363  O  O   . ASN A 1 54  ? 5.216   -14.391 0.640   1.00 43.51 ? 54  ASN A O   1 
ATOM   364  C  CB  . ASN A 1 54  ? 4.361   -16.502 3.343   1.00 44.16 ? 54  ASN A CB  1 
ATOM   365  C  CG  . ASN A 1 54  ? 3.176   -15.548 3.504   1.00 44.56 ? 54  ASN A CG  1 
ATOM   366  O  OD1 . ASN A 1 54  ? 3.156   -14.448 2.957   1.00 44.08 ? 54  ASN A OD1 1 
ATOM   367  N  ND2 . ASN A 1 54  ? 2.174   -15.984 4.271   1.00 44.52 ? 54  ASN A ND2 1 
ATOM   368  N  N   . GLU A 1 55  ? 4.492   -16.516 0.360   1.00 43.45 ? 55  GLU A N   1 
ATOM   369  C  CA  . GLU A 1 55  ? 4.038   -16.277 -1.006  1.00 43.72 ? 55  GLU A CA  1 
ATOM   370  C  C   . GLU A 1 55  ? 2.885   -15.252 -1.053  1.00 43.50 ? 55  GLU A C   1 
ATOM   371  O  O   . GLU A 1 55  ? 2.804   -14.493 -1.996  1.00 43.48 ? 55  GLU A O   1 
ATOM   372  C  CB  . GLU A 1 55  ? 3.677   -17.595 -1.698  1.00 43.94 ? 55  GLU A CB  1 
ATOM   373  C  CG  . GLU A 1 55  ? 4.884   -18.525 -1.988  1.00 44.27 ? 55  GLU A CG  1 
ATOM   374  C  CD  . GLU A 1 55  ? 5.932   -17.894 -2.906  1.00 46.21 ? 55  GLU A CD  1 
ATOM   375  O  OE1 . GLU A 1 55  ? 7.091   -18.360 -2.905  1.00 47.05 ? 55  GLU A OE1 1 
ATOM   376  O  OE2 . GLU A 1 55  ? 5.605   -16.922 -3.631  1.00 47.72 ? 55  GLU A OE2 1 
ATOM   377  N  N   . TRP A 1 56  ? 2.036   -15.197 -0.031  1.00 43.34 ? 56  TRP A N   1 
ATOM   378  C  CA  . TRP A 1 56  ? 0.945   -14.213 0.005   1.00 43.52 ? 56  TRP A CA  1 
ATOM   379  C  C   . TRP A 1 56  ? 1.508   -12.767 -0.121  1.00 43.61 ? 56  TRP A C   1 
ATOM   380  O  O   . TRP A 1 56  ? 1.046   -11.984 -0.923  1.00 43.41 ? 56  TRP A O   1 
ATOM   381  C  CB  . TRP A 1 56  ? 0.103   -14.388 1.288   1.00 43.87 ? 56  TRP A CB  1 
ATOM   382  C  CG  . TRP A 1 56  ? -1.149  -13.550 1.334   1.00 43.45 ? 56  TRP A CG  1 
ATOM   383  C  CD1 . TRP A 1 56  ? -2.333  -13.816 0.713   1.00 42.20 ? 56  TRP A CD1 1 
ATOM   384  C  CD2 . TRP A 1 56  ? -1.338  -12.294 2.025   1.00 43.42 ? 56  TRP A CD2 1 
ATOM   385  N  NE1 . TRP A 1 56  ? -3.237  -12.813 0.970   1.00 42.06 ? 56  TRP A NE1 1 
ATOM   386  C  CE2 . TRP A 1 56  ? -2.657  -11.869 1.770   1.00 42.22 ? 56  TRP A CE2 1 
ATOM   387  C  CE3 . TRP A 1 56  ? -0.522  -11.484 2.832   1.00 43.20 ? 56  TRP A CE3 1 
ATOM   388  C  CZ2 . TRP A 1 56  ? -3.177  -10.688 2.286   1.00 41.98 ? 56  TRP A CZ2 1 
ATOM   389  C  CZ3 . TRP A 1 56  ? -1.051  -10.306 3.345   1.00 42.26 ? 56  TRP A CZ3 1 
ATOM   390  C  CH2 . TRP A 1 56  ? -2.358  -9.929  3.071   1.00 42.77 ? 56  TRP A CH2 1 
ATOM   391  N  N   . GLN A 1 57  ? 2.532   -12.448 0.658   1.00 43.49 ? 57  GLN A N   1 
ATOM   392  C  CA  . GLN A 1 57  ? 3.181   -11.134 0.662   1.00 43.50 ? 57  GLN A CA  1 
ATOM   393  C  C   . GLN A 1 57  ? 3.948   -10.851 -0.659  1.00 43.70 ? 57  GLN A C   1 
ATOM   394  O  O   . GLN A 1 57  ? 3.957   -9.732  -1.158  1.00 44.03 ? 57  GLN A O   1 
ATOM   395  C  CB  . GLN A 1 57  ? 4.173   -11.065 1.830   1.00 43.39 ? 57  GLN A CB  1 
ATOM   396  C  CG  . GLN A 1 57  ? 3.555   -10.986 3.212   1.00 42.77 ? 57  GLN A CG  1 
ATOM   397  C  CD  . GLN A 1 57  ? 4.576   -11.121 4.309   1.00 43.15 ? 57  GLN A CD  1 
ATOM   398  O  OE1 . GLN A 1 57  ? 4.789   -10.198 5.074   1.00 44.56 ? 57  GLN A OE1 1 
ATOM   399  N  NE2 . GLN A 1 57  ? 5.214   -12.262 4.383   1.00 43.05 ? 57  GLN A NE2 1 
ATOM   400  N  N   . LYS A 1 58  ? 4.612   -11.878 -1.176  1.00 43.64 ? 58  LYS A N   1 
ATOM   401  C  CA  . LYS A 1 58  ? 5.369   -11.808 -2.424  1.00 44.03 ? 58  LYS A CA  1 
ATOM   402  C  C   . LYS A 1 58  ? 4.466   -11.537 -3.613  1.00 43.93 ? 58  LYS A C   1 
ATOM   403  O  O   . LYS A 1 58  ? 4.906   -10.949 -4.609  1.00 44.32 ? 58  LYS A O   1 
ATOM   404  C  CB  . LYS A 1 58  ? 6.126   -13.140 -2.656  1.00 44.15 ? 58  LYS A CB  1 
ATOM   405  C  CG  . LYS A 1 58  ? 7.403   -13.293 -1.795  1.00 44.85 ? 58  LYS A CG  1 
ATOM   406  C  CD  . LYS A 1 58  ? 7.886   -14.768 -1.715  1.00 44.77 ? 58  LYS A CD  1 
ATOM   407  C  CE  . LYS A 1 58  ? 9.030   -14.934 -0.718  1.00 44.82 ? 58  LYS A CE  1 
ATOM   408  N  NZ  . LYS A 1 58  ? 9.672   -16.308 -0.715  1.00 44.71 ? 58  LYS A NZ  1 
ATOM   409  N  N   . LEU A 1 59  ? 3.207   -11.953 -3.520  1.00 43.68 ? 59  LEU A N   1 
ATOM   410  C  CA  . LEU A 1 59  ? 2.270   -11.695 -4.623  1.00 43.94 ? 59  LEU A CA  1 
ATOM   411  C  C   . LEU A 1 59  ? 1.828   -10.224 -4.590  1.00 43.93 ? 59  LEU A C   1 
ATOM   412  O  O   . LEU A 1 59  ? 1.613   -9.631  -5.636  1.00 43.87 ? 59  LEU A O   1 
ATOM   413  C  CB  . LEU A 1 59  ? 1.058   -12.621 -4.561  1.00 43.92 ? 59  LEU A CB  1 
ATOM   414  C  CG  . LEU A 1 59  ? 0.548   -13.531 -5.702  1.00 45.08 ? 59  LEU A CG  1 
ATOM   415  C  CD1 . LEU A 1 59  ? -0.931  -13.220 -5.998  1.00 44.80 ? 59  LEU A CD1 1 
ATOM   416  C  CD2 . LEU A 1 59  ? 1.407   -13.554 -7.001  1.00 44.75 ? 59  LEU A CD2 1 
ATOM   417  N  N   . ILE A 1 60  ? 1.709   -9.644  -3.399  1.00 43.56 ? 60  ILE A N   1 
ATOM   418  C  CA  . ILE A 1 60  ? 1.389   -8.211  -3.253  1.00 43.56 ? 60  ILE A CA  1 
ATOM   419  C  C   . ILE A 1 60  ? 2.526   -7.363  -3.841  1.00 43.70 ? 60  ILE A C   1 
ATOM   420  O  O   . ILE A 1 60  ? 2.288   -6.410  -4.571  1.00 44.20 ? 60  ILE A O   1 
ATOM   421  C  CB  . ILE A 1 60  ? 1.147   -7.831  -1.740  1.00 43.22 ? 60  ILE A CB  1 
ATOM   422  C  CG1 . ILE A 1 60  ? -0.106  -8.530  -1.219  1.00 43.72 ? 60  ILE A CG1 1 
ATOM   423  C  CG2 . ILE A 1 60  ? 0.999   -6.289  -1.546  1.00 43.25 ? 60  ILE A CG2 1 
ATOM   424  C  CD1 . ILE A 1 60  ? -0.325  -8.454  0.305   1.00 43.58 ? 60  ILE A CD1 1 
ATOM   425  N  N   . VAL A 1 61  ? 3.759   -7.715  -3.503  1.00 43.86 ? 61  VAL A N   1 
ATOM   426  C  CA  . VAL A 1 61  ? 4.934   -6.974  -3.944  1.00 43.85 ? 61  VAL A CA  1 
ATOM   427  C  C   . VAL A 1 61  ? 5.141   -7.094  -5.454  1.00 43.63 ? 61  VAL A C   1 
ATOM   428  O  O   . VAL A 1 61  ? 5.673   -6.198  -6.100  1.00 43.62 ? 61  VAL A O   1 
ATOM   429  C  CB  . VAL A 1 61  ? 6.174   -7.467  -3.189  1.00 43.94 ? 61  VAL A CB  1 
ATOM   430  C  CG1 . VAL A 1 61  ? 7.487   -6.979  -3.863  1.00 44.56 ? 61  VAL A CG1 1 
ATOM   431  C  CG2 . VAL A 1 61  ? 6.067   -7.022  -1.733  1.00 43.71 ? 61  VAL A CG2 1 
ATOM   432  N  N   . LYS A 1 62  ? 4.705   -8.208  -6.004  1.00 43.72 ? 62  LYS A N   1 
ATOM   433  C  CA  . LYS A 1 62  ? 4.764   -8.448  -7.422  1.00 44.07 ? 62  LYS A CA  1 
ATOM   434  C  C   . LYS A 1 62  ? 3.759   -7.526  -8.148  1.00 43.94 ? 62  LYS A C   1 
ATOM   435  O  O   . LYS A 1 62  ? 4.101   -6.919  -9.157  1.00 44.42 ? 62  LYS A O   1 
ATOM   436  C  CB  . LYS A 1 62  ? 4.516   -9.945  -7.716  1.00 44.19 ? 62  LYS A CB  1 
ATOM   437  C  CG  . LYS A 1 62  ? 4.280   -10.313 -9.202  1.00 44.57 ? 62  LYS A CG  1 
ATOM   438  C  CD  . LYS A 1 62  ? 4.622   -11.786 -9.524  1.00 45.47 ? 62  LYS A CD  1 
ATOM   439  C  CE  . LYS A 1 62  ? 4.989   -11.996 -11.009 1.00 45.50 ? 62  LYS A CE  1 
ATOM   440  N  NZ  . LYS A 1 62  ? 3.825   -12.159 -11.932 1.00 46.48 ? 62  LYS A NZ  1 
ATOM   441  N  N   . ALA A 1 63  ? 2.539   -7.430  -7.640  1.00 43.54 ? 63  ALA A N   1 
ATOM   442  C  CA  . ALA A 1 63  ? 1.528   -6.542  -8.204  1.00 43.04 ? 63  ALA A CA  1 
ATOM   443  C  C   . ALA A 1 63  ? 1.997   -5.082  -8.107  1.00 42.94 ? 63  ALA A C   1 
ATOM   444  O  O   . ALA A 1 63  ? 1.848   -4.308  -9.061  1.00 42.52 ? 63  ALA A O   1 
ATOM   445  C  CB  . ALA A 1 63  ? 0.214   -6.743  -7.488  1.00 43.36 ? 63  ALA A CB  1 
ATOM   446  N  N   . PHE A 1 64  ? 2.571   -4.723  -6.956  1.00 42.83 ? 64  PHE A N   1 
ATOM   447  C  CA  . PHE A 1 64  ? 3.157   -3.393  -6.712  1.00 43.07 ? 64  PHE A CA  1 
ATOM   448  C  C   . PHE A 1 64  ? 4.263   -3.057  -7.736  1.00 43.26 ? 64  PHE A C   1 
ATOM   449  O  O   . PHE A 1 64  ? 4.296   -1.962  -8.295  1.00 42.80 ? 64  PHE A O   1 
ATOM   450  C  CB  . PHE A 1 64  ? 3.763   -3.346  -5.297  1.00 43.16 ? 64  PHE A CB  1 
ATOM   451  C  CG  . PHE A 1 64  ? 4.718   -2.222  -5.086  1.00 43.19 ? 64  PHE A CG  1 
ATOM   452  C  CD1 . PHE A 1 64  ? 4.262   -0.940  -4.844  1.00 43.86 ? 64  PHE A CD1 1 
ATOM   453  C  CD2 . PHE A 1 64  ? 6.070   -2.436  -5.147  1.00 43.78 ? 64  PHE A CD2 1 
ATOM   454  C  CE1 . PHE A 1 64  ? 5.155   0.090   -4.673  1.00 45.08 ? 64  PHE A CE1 1 
ATOM   455  C  CE2 . PHE A 1 64  ? 6.968   -1.407  -4.980  1.00 43.22 ? 64  PHE A CE2 1 
ATOM   456  C  CZ  . PHE A 1 64  ? 6.518   -0.155  -4.739  1.00 44.80 ? 64  PHE A CZ  1 
ATOM   457  N  N   . SER A 1 65  ? 5.179   -4.015  -7.941  1.00 43.42 ? 65  SER A N   1 
ATOM   458  C  CA  . SER A 1 65  ? 6.337   -3.832  -8.813  1.00 43.32 ? 65  SER A CA  1 
ATOM   459  C  C   . SER A 1 65  ? 5.930   -3.592  -10.262 1.00 43.34 ? 65  SER A C   1 
ATOM   460  O  O   . SER A 1 65  ? 6.608   -2.884  -10.982 1.00 43.20 ? 65  SER A O   1 
ATOM   461  C  CB  . SER A 1 65  ? 7.284   -5.031  -8.740  1.00 43.12 ? 65  SER A CB  1 
ATOM   462  O  OG  . SER A 1 65  ? 6.754   -6.160  -9.424  1.00 44.23 ? 65  SER A OG  1 
ATOM   463  N  N   . GLU A 1 66  ? 4.816   -4.170  -10.665 1.00 43.36 ? 66  GLU A N   1 
ATOM   464  C  CA  . GLU A 1 66  ? 4.378   -4.133  -12.037 1.00 43.68 ? 66  GLU A CA  1 
ATOM   465  C  C   . GLU A 1 66  ? 3.387   -2.997  -12.334 1.00 43.63 ? 66  GLU A C   1 
ATOM   466  O  O   . GLU A 1 66  ? 3.141   -2.673  -13.500 1.00 43.24 ? 66  GLU A O   1 
ATOM   467  C  CB  . GLU A 1 66  ? 3.796   -5.498  -12.394 1.00 44.10 ? 66  GLU A CB  1 
ATOM   468  C  CG  . GLU A 1 66  ? 4.872   -6.604  -12.363 1.00 45.58 ? 66  GLU A CG  1 
ATOM   469  C  CD  . GLU A 1 66  ? 4.318   -8.008  -12.575 1.00 47.86 ? 66  GLU A CD  1 
ATOM   470  O  OE1 . GLU A 1 66  ? 3.071   -8.141  -12.558 1.00 48.26 ? 66  GLU A OE1 1 
ATOM   471  O  OE2 . GLU A 1 66  ? 5.132   -8.972  -12.761 1.00 49.08 ? 66  GLU A OE2 1 
ATOM   472  N  N   . ASN A 1 67  ? 2.872   -2.350  -11.293 1.00 43.54 ? 67  ASN A N   1 
ATOM   473  C  CA  . ASN A 1 67  ? 1.866   -1.314  -11.484 1.00 43.76 ? 67  ASN A CA  1 
ATOM   474  C  C   . ASN A 1 67  ? 2.193   0.004   -10.814 1.00 43.94 ? 67  ASN A C   1 
ATOM   475  O  O   . ASN A 1 67  ? 1.334   0.859   -10.706 1.00 43.66 ? 67  ASN A O   1 
ATOM   476  C  CB  . ASN A 1 67  ? 0.523   -1.839  -10.981 1.00 43.59 ? 67  ASN A CB  1 
ATOM   477  C  CG  . ASN A 1 67  ? 0.058   -3.055  -11.755 1.00 43.43 ? 67  ASN A CG  1 
ATOM   478  O  OD1 . ASN A 1 67  ? -0.476  -2.930  -12.861 1.00 42.90 ? 67  ASN A OD1 1 
ATOM   479  N  ND2 . ASN A 1 67  ? 0.288   -4.245  -11.191 1.00 42.50 ? 67  ASN A ND2 1 
ATOM   480  N  N   . ILE A 1 68  ? 3.430   0.190   -10.370 1.00 44.47 ? 68  ILE A N   1 
ATOM   481  C  CA  . ILE A 1 68  ? 3.722   1.353   -9.538  1.00 44.81 ? 68  ILE A CA  1 
ATOM   482  C  C   . ILE A 1 68  ? 3.463   2.695   -10.271 1.00 44.55 ? 68  ILE A C   1 
ATOM   483  O  O   . ILE A 1 68  ? 2.904   3.628   -9.689  1.00 44.44 ? 68  ILE A O   1 
ATOM   484  C  CB  . ILE A 1 68  ? 5.148   1.280   -8.894  1.00 45.17 ? 68  ILE A CB  1 
ATOM   485  C  CG1 . ILE A 1 68  ? 5.460   2.632   -8.219  1.00 45.85 ? 68  ILE A CG1 1 
ATOM   486  C  CG2 . ILE A 1 68  ? 6.203   0.914   -9.927  1.00 44.88 ? 68  ILE A CG2 1 
ATOM   487  C  CD1 . ILE A 1 68  ? 6.224   2.529   -6.939  1.00 46.40 ? 68  ILE A CD1 1 
ATOM   488  N  N   . PHE A 1 69  ? 3.817   2.776   -11.549 1.00 44.24 ? 69  PHE A N   1 
ATOM   489  C  CA  . PHE A 1 69  ? 3.563   3.993   -12.306 1.00 43.92 ? 69  PHE A CA  1 
ATOM   490  C  C   . PHE A 1 69  ? 2.070   4.357   -12.321 1.00 43.72 ? 69  PHE A C   1 
ATOM   491  O  O   . PHE A 1 69  ? 1.720   5.514   -12.126 1.00 43.33 ? 69  PHE A O   1 
ATOM   492  C  CB  . PHE A 1 69  ? 4.106   3.897   -13.741 1.00 43.91 ? 69  PHE A CB  1 
ATOM   493  C  CG  . PHE A 1 69  ? 4.324   5.240   -14.395 1.00 43.77 ? 69  PHE A CG  1 
ATOM   494  C  CD1 . PHE A 1 69  ? 5.584   5.825   -14.421 1.00 43.47 ? 69  PHE A CD1 1 
ATOM   495  C  CD2 . PHE A 1 69  ? 3.258   5.922   -14.989 1.00 44.14 ? 69  PHE A CD2 1 
ATOM   496  C  CE1 . PHE A 1 69  ? 5.784   7.059   -15.033 1.00 43.76 ? 69  PHE A CE1 1 
ATOM   497  C  CE2 . PHE A 1 69  ? 3.447   7.159   -15.598 1.00 44.18 ? 69  PHE A CE2 1 
ATOM   498  C  CZ  . PHE A 1 69  ? 4.713   7.726   -15.624 1.00 44.52 ? 69  PHE A CZ  1 
ATOM   499  N  N   . SER A 1 70  ? 1.196   3.383   -12.533 1.00 43.50 ? 70  SER A N   1 
ATOM   500  C  CA  . SER A 1 70  ? -0.240  3.655   -12.589 1.00 43.74 ? 70  SER A CA  1 
ATOM   501  C  C   . SER A 1 70  ? -0.827  3.972   -11.229 1.00 43.71 ? 70  SER A C   1 
ATOM   502  O  O   . SER A 1 70  ? -1.631  4.882   -11.098 1.00 43.47 ? 70  SER A O   1 
ATOM   503  C  CB  . SER A 1 70  ? -0.992  2.454   -13.134 1.00 43.90 ? 70  SER A CB  1 
ATOM   504  O  OG  . SER A 1 70  ? -0.427  2.046   -14.350 1.00 44.69 ? 70  SER A OG  1 
ATOM   505  N  N   . PHE A 1 71  ? -0.464  3.174   -10.232 1.00 43.70 ? 71  PHE A N   1 
ATOM   506  C  CA  . PHE A 1 71  ? -0.918  3.403   -8.861  1.00 43.79 ? 71  PHE A CA  1 
ATOM   507  C  C   . PHE A 1 71  ? -0.524  4.817   -8.414  1.00 43.93 ? 71  PHE A C   1 
ATOM   508  O  O   . PHE A 1 71  ? -1.345  5.563   -7.906  1.00 44.04 ? 71  PHE A O   1 
ATOM   509  C  CB  . PHE A 1 71  ? -0.318  2.348   -7.907  1.00 44.02 ? 71  PHE A CB  1 
ATOM   510  C  CG  . PHE A 1 71  ? -0.887  0.936   -8.067  1.00 43.51 ? 71  PHE A CG  1 
ATOM   511  C  CD1 . PHE A 1 71  ? -0.295  -0.123  -7.410  1.00 43.77 ? 71  PHE A CD1 1 
ATOM   512  C  CD2 . PHE A 1 71  ? -2.005  0.679   -8.845  1.00 43.69 ? 71  PHE A CD2 1 
ATOM   513  C  CE1 . PHE A 1 71  ? -0.804  -1.413  -7.521  1.00 43.91 ? 71  PHE A CE1 1 
ATOM   514  C  CE2 . PHE A 1 71  ? -2.516  -0.614  -8.951  1.00 43.89 ? 71  PHE A CE2 1 
ATOM   515  C  CZ  . PHE A 1 71  ? -1.906  -1.656  -8.289  1.00 43.56 ? 71  PHE A CZ  1 
ATOM   516  N  N   . GLN A 1 72  ? 0.728   5.191   -8.633  1.00 44.21 ? 72  GLN A N   1 
ATOM   517  C  CA  . GLN A 1 72  ? 1.212   6.509   -8.235  1.00 44.53 ? 72  GLN A CA  1 
ATOM   518  C  C   . GLN A 1 72  ? 0.426   7.612   -8.936  1.00 44.48 ? 72  GLN A C   1 
ATOM   519  O  O   . GLN A 1 72  ? 0.124   8.630   -8.335  1.00 44.81 ? 72  GLN A O   1 
ATOM   520  C  CB  . GLN A 1 72  ? 2.701   6.654   -8.552  1.00 44.75 ? 72  GLN A CB  1 
ATOM   521  C  CG  . GLN A 1 72  ? 3.623   5.757   -7.712  1.00 45.47 ? 72  GLN A CG  1 
ATOM   522  C  CD  . GLN A 1 72  ? 4.229   6.485   -6.520  1.00 46.82 ? 72  GLN A CD  1 
ATOM   523  O  OE1 . GLN A 1 72  ? 3.511   7.139   -5.759  1.00 47.24 ? 72  GLN A OE1 1 
ATOM   524  N  NE2 . GLN A 1 72  ? 5.552   6.372   -6.355  1.00 47.89 ? 72  GLN A NE2 1 
ATOM   525  N  N   . LYS A 1 73  ? 0.099   7.404   -10.207 1.00 44.38 ? 73  LYS A N   1 
ATOM   526  C  CA  . LYS A 1 73  ? -0.735  8.347   -10.945 1.00 44.31 ? 73  LYS A CA  1 
ATOM   527  C  C   . LYS A 1 73  ? -2.135  8.439   -10.351 1.00 44.33 ? 73  LYS A C   1 
ATOM   528  O  O   . LYS A 1 73  ? -2.592  9.537   -10.027 1.00 44.61 ? 73  LYS A O   1 
ATOM   529  C  CB  . LYS A 1 73  ? -0.822  7.960   -12.416 1.00 44.33 ? 73  LYS A CB  1 
ATOM   530  C  CG  . LYS A 1 73  ? -0.350  9.048   -13.384 1.00 44.63 ? 73  LYS A CG  1 
ATOM   531  C  CD  . LYS A 1 73  ? 1.129   9.399   -13.218 1.00 44.93 ? 73  LYS A CD  1 
ATOM   532  C  CE  . LYS A 1 73  ? 1.637   10.320  -14.352 1.00 45.35 ? 73  LYS A CE  1 
ATOM   533  N  NZ  . LYS A 1 73  ? 3.143   10.429  -14.391 1.00 45.64 ? 73  LYS A NZ  1 
ATOM   534  N  N   . LYS A 1 74  ? -2.814  7.300   -10.216 1.00 44.23 ? 74  LYS A N   1 
ATOM   535  C  CA  . LYS A 1 74  ? -4.170  7.260   -9.651  1.00 44.31 ? 74  LYS A CA  1 
ATOM   536  C  C   . LYS A 1 74  ? -4.249  7.992   -8.315  1.00 44.42 ? 74  LYS A C   1 
ATOM   537  O  O   . LYS A 1 74  ? -5.198  8.727   -8.056  1.00 44.75 ? 74  LYS A O   1 
ATOM   538  C  CB  . LYS A 1 74  ? -4.648  5.822   -9.476  1.00 44.18 ? 74  LYS A CB  1 
ATOM   539  C  CG  . LYS A 1 74  ? -5.070  5.152   -10.772 1.00 44.49 ? 74  LYS A CG  1 
ATOM   540  C  CD  . LYS A 1 74  ? -5.282  3.656   -10.570 1.00 45.14 ? 74  LYS A CD  1 
ATOM   541  C  CE  . LYS A 1 74  ? -5.081  2.865   -11.869 1.00 45.79 ? 74  LYS A CE  1 
ATOM   542  N  NZ  . LYS A 1 74  ? -5.122  1.376   -11.619 1.00 46.29 ? 74  LYS A NZ  1 
ATOM   543  N  N   . ILE A 1 75  ? -3.247  7.782   -7.471  1.00 44.66 ? 75  ILE A N   1 
ATOM   544  C  CA  . ILE A 1 75  ? -3.134  8.517   -6.220  1.00 44.71 ? 75  ILE A CA  1 
ATOM   545  C  C   . ILE A 1 75  ? -3.015  10.024  -6.506  1.00 44.83 ? 75  ILE A C   1 
ATOM   546  O  O   . ILE A 1 75  ? -3.896  10.788  -6.141  1.00 44.98 ? 75  ILE A O   1 
ATOM   547  C  CB  . ILE A 1 75  ? -1.927  7.984   -5.426  1.00 44.69 ? 75  ILE A CB  1 
ATOM   548  C  CG1 . ILE A 1 75  ? -2.280  6.613   -4.852  1.00 44.60 ? 75  ILE A CG1 1 
ATOM   549  C  CG2 . ILE A 1 75  ? -1.521  8.955   -4.329  1.00 44.90 ? 75  ILE A CG2 1 
ATOM   550  C  CD1 . ILE A 1 75  ? -1.095  5.752   -4.523  1.00 45.21 ? 75  ILE A CD1 1 
ATOM   551  N  N   . GLU A 1 76  ? -1.932  10.436  -7.164  1.00 44.88 ? 76  GLU A N   1 
ATOM   552  C  CA  . GLU A 1 76  ? -1.722  11.824  -7.589  1.00 44.95 ? 76  GLU A CA  1 
ATOM   553  C  C   . GLU A 1 76  ? -3.040  12.546  -7.890  1.00 44.95 ? 76  GLU A C   1 
ATOM   554  O  O   . GLU A 1 76  ? -3.305  13.634  -7.360  1.00 45.36 ? 76  GLU A O   1 
ATOM   555  C  CB  . GLU A 1 76  ? -0.823  11.860  -8.842  1.00 45.10 ? 76  GLU A CB  1 
ATOM   556  C  CG  . GLU A 1 76  ? 0.092   13.083  -8.982  1.00 45.77 ? 76  GLU A CG  1 
ATOM   557  C  CD  . GLU A 1 76  ? 0.753   13.193  -10.370 1.00 46.74 ? 76  GLU A CD  1 
ATOM   558  O  OE1 . GLU A 1 76  ? 1.062   14.354  -10.816 1.00 46.37 ? 76  GLU A OE1 1 
ATOM   559  O  OE2 . GLU A 1 76  ? 0.974   12.122  -11.015 1.00 47.20 ? 76  GLU A OE2 1 
ATOM   560  N  N   . GLU A 1 77  ? -3.873  11.928  -8.724  1.00 44.84 ? 77  GLU A N   1 
ATOM   561  C  CA  . GLU A 1 77  ? -5.076  12.582  -9.251  1.00 44.64 ? 77  GLU A CA  1 
ATOM   562  C  C   . GLU A 1 77  ? -6.331  12.474  -8.373  1.00 44.48 ? 77  GLU A C   1 
ATOM   563  O  O   . GLU A 1 77  ? -7.285  13.234  -8.563  1.00 44.27 ? 77  GLU A O   1 
ATOM   564  C  CB  . GLU A 1 77  ? -5.400  12.032  -10.643 1.00 44.72 ? 77  GLU A CB  1 
ATOM   565  C  CG  . GLU A 1 77  ? -4.221  12.035  -11.618 1.00 44.81 ? 77  GLU A CG  1 
ATOM   566  C  CD  . GLU A 1 77  ? -4.499  11.204  -12.859 1.00 45.21 ? 77  GLU A CD  1 
ATOM   567  O  OE1 . GLU A 1 77  ? -4.958  10.040  -12.705 1.00 43.85 ? 77  GLU A OE1 1 
ATOM   568  O  OE2 . GLU A 1 77  ? -4.270  11.721  -13.984 1.00 46.10 ? 77  GLU A OE2 1 
ATOM   569  N  N   . GLN A 1 78  ? -6.354  11.522  -7.444  1.00 44.26 ? 78  GLN A N   1 
ATOM   570  C  CA  . GLN A 1 78  ? -7.499  11.384  -6.562  1.00 44.30 ? 78  GLN A CA  1 
ATOM   571  C  C   . GLN A 1 78  ? -7.452  12.462  -5.494  1.00 44.49 ? 78  GLN A C   1 
ATOM   572  O  O   . GLN A 1 78  ? -8.462  13.130  -5.226  1.00 44.21 ? 78  GLN A O   1 
ATOM   573  C  CB  . GLN A 1 78  ? -7.555  9.999   -5.923  1.00 44.38 ? 78  GLN A CB  1 
ATOM   574  C  CG  . GLN A 1 78  ? -8.955  9.567   -5.539  1.00 44.25 ? 78  GLN A CG  1 
ATOM   575  C  CD  . GLN A 1 78  ? -9.986  9.985   -6.565  1.00 44.59 ? 78  GLN A CD  1 
ATOM   576  O  OE1 . GLN A 1 78  ? -9.826  9.726   -7.761  1.00 45.57 ? 78  GLN A OE1 1 
ATOM   577  N  NE2 . GLN A 1 78  ? -11.033 10.655  -6.107  1.00 44.15 ? 78  GLN A NE2 1 
ATOM   578  N  N   . GLN A 1 79  ? -6.270  12.639  -4.903  1.00 44.52 ? 79  GLN A N   1 
ATOM   579  C  CA  . GLN A 1 79  ? -6.032  13.729  -3.963  1.00 44.72 ? 79  GLN A CA  1 
ATOM   580  C  C   . GLN A 1 79  ? -6.521  15.039  -4.561  1.00 44.49 ? 79  GLN A C   1 
ATOM   581  O  O   . GLN A 1 79  ? -7.345  15.713  -3.951  1.00 45.05 ? 79  GLN A O   1 
ATOM   582  C  CB  . GLN A 1 79  ? -4.549  13.860  -3.638  1.00 44.64 ? 79  GLN A CB  1 
ATOM   583  C  CG  . GLN A 1 79  ? -3.997  12.753  -2.790  1.00 45.37 ? 79  GLN A CG  1 
ATOM   584  C  CD  . GLN A 1 79  ? -2.621  13.098  -2.270  1.00 46.34 ? 79  GLN A CD  1 
ATOM   585  O  OE1 . GLN A 1 79  ? -2.490  13.896  -1.326  1.00 46.54 ? 79  GLN A OE1 1 
ATOM   586  N  NE2 . GLN A 1 79  ? -1.588  12.530  -2.898  1.00 45.20 ? 79  GLN A NE2 1 
ATOM   587  N  N   . LEU A 1 80  ? -6.018  15.389  -5.748  1.00 44.37 ? 80  LEU A N   1 
ATOM   588  C  CA  . LEU A 1 80  ? -6.426  16.632  -6.430  1.00 44.45 ? 80  LEU A CA  1 
ATOM   589  C  C   . LEU A 1 80  ? -7.938  16.697  -6.612  1.00 44.40 ? 80  LEU A C   1 
ATOM   590  O  O   . LEU A 1 80  ? -8.570  17.715  -6.312  1.00 44.39 ? 80  LEU A O   1 
ATOM   591  C  CB  . LEU A 1 80  ? -5.725  16.790  -7.795  1.00 44.38 ? 80  LEU A CB  1 
ATOM   592  C  CG  . LEU A 1 80  ? -6.432  16.309  -9.076  1.00 44.35 ? 80  LEU A CG  1 
ATOM   593  C  CD1 . LEU A 1 80  ? -7.528  17.273  -9.545  1.00 44.16 ? 80  LEU A CD1 1 
ATOM   594  C  CD2 . LEU A 1 80  ? -5.433  16.120  -10.194 1.00 44.52 ? 80  LEU A CD2 1 
ATOM   595  N  N   . LYS A 1 81  ? -8.504  15.591  -7.097  1.00 44.42 ? 81  LYS A N   1 
ATOM   596  C  CA  . LYS A 1 81  ? -9.929  15.487  -7.381  1.00 44.44 ? 81  LYS A CA  1 
ATOM   597  C  C   . LYS A 1 81  ? -10.765 15.660  -6.107  1.00 44.62 ? 81  LYS A C   1 
ATOM   598  O  O   . LYS A 1 81  ? -11.981 15.915  -6.173  1.00 44.65 ? 81  LYS A O   1 
ATOM   599  C  CB  . LYS A 1 81  ? -10.216 14.151  -8.064  1.00 44.42 ? 81  LYS A CB  1 
ATOM   600  C  CG  . LYS A 1 81  ? -11.628 13.983  -8.561  1.00 44.37 ? 81  LYS A CG  1 
ATOM   601  C  CD  . LYS A 1 81  ? -11.693 12.975  -9.703  1.00 44.45 ? 81  LYS A CD  1 
ATOM   602  C  CE  . LYS A 1 81  ? -12.946 13.180  -10.539 1.00 44.62 ? 81  LYS A CE  1 
ATOM   603  N  NZ  . LYS A 1 81  ? -12.947 12.302  -11.742 1.00 45.01 ? 81  LYS A NZ  1 
ATOM   604  N  N   . ASN A 1 82  ? -10.101 15.538  -4.953  1.00 44.61 ? 82  ASN A N   1 
ATOM   605  C  CA  . ASN A 1 82  ? -10.701 15.909  -3.675  1.00 44.74 ? 82  ASN A CA  1 
ATOM   606  C  C   . ASN A 1 82  ? -10.594 17.443  -3.536  1.00 44.80 ? 82  ASN A C   1 
ATOM   607  O  O   . ASN A 1 82  ? -9.619  17.965  -2.974  1.00 44.94 ? 82  ASN A O   1 
ATOM   608  C  CB  . ASN A 1 82  ? -10.006 15.191  -2.504  1.00 44.80 ? 82  ASN A CB  1 
ATOM   609  C  CG  . ASN A 1 82  ? -10.029 13.664  -2.639  1.00 44.95 ? 82  ASN A CG  1 
ATOM   610  O  OD1 . ASN A 1 82  ? -10.865 13.102  -3.347  1.00 45.82 ? 82  ASN A OD1 1 
ATOM   611  N  ND2 . ASN A 1 82  ? -9.104  12.991  -1.949  1.00 44.82 ? 82  ASN A ND2 1 
ATOM   612  N  N   . GLN A 1 83  ? -11.585 18.147  -4.093  1.00 44.81 ? 83  GLN A N   1 
ATOM   613  C  CA  . GLN A 1 83  ? -11.660 19.620  -4.069  1.00 44.85 ? 83  GLN A CA  1 
ATOM   614  C  C   . GLN A 1 83  ? -13.106 20.078  -3.876  1.00 44.93 ? 83  GLN A C   1 
ATOM   615  O  O   . GLN A 1 83  ? -13.606 20.926  -4.621  1.00 44.91 ? 83  GLN A O   1 
ATOM   616  C  CB  . GLN A 1 83  ? -11.087 20.224  -5.361  1.00 44.77 ? 83  GLN A CB  1 
ATOM   617  C  CG  . GLN A 1 83  ? -9.585  20.486  -5.309  1.00 44.84 ? 83  GLN A CG  1 
ATOM   618  C  CD  . GLN A 1 83  ? -8.995  20.770  -6.678  1.00 44.65 ? 83  GLN A CD  1 
ATOM   619  O  OE1 . GLN A 1 83  ? -9.688  21.306  -7.563  1.00 45.42 ? 83  GLN A OE1 1 
ATOM   620  N  NE2 . GLN A 1 83  ? -7.717  20.416  -6.857  1.00 44.32 ? 83  GLN A NE2 1 
ATOM   621  N  N   . LEU A 1 84  ? -13.754 19.520  -2.851  1.00 45.12 ? 84  LEU A N   1 
ATOM   622  C  CA  . LEU A 1 84  ? -15.192 19.686  -2.617  1.00 45.14 ? 84  LEU A CA  1 
ATOM   623  C  C   . LEU A 1 84  ? -15.586 21.007  -1.973  1.00 45.35 ? 84  LEU A C   1 
ATOM   624  O  O   . LEU A 1 84  ? -14.732 21.741  -1.467  1.00 45.66 ? 84  LEU A O   1 
ATOM   625  C  CB  . LEU A 1 84  ? -15.714 18.543  -1.744  1.00 45.15 ? 84  LEU A CB  1 
ATOM   626  C  CG  . LEU A 1 84  ? -15.230 17.145  -2.130  1.00 44.99 ? 84  LEU A CG  1 
ATOM   627  C  CD1 . LEU A 1 84  ? -15.712 16.108  -1.113  1.00 45.38 ? 84  LEU A CD1 1 
ATOM   628  C  CD2 . LEU A 1 84  ? -15.686 16.792  -3.545  1.00 44.78 ? 84  LEU A CD2 1 
ATOM   629  N  N   . GLU A 1 85  ? -16.898 21.280  -1.998  1.00 45.45 ? 85  GLU A N   1 
ATOM   630  C  CA  . GLU A 1 85  ? -17.513 22.498  -1.458  1.00 45.36 ? 85  GLU A CA  1 
ATOM   631  C  C   . GLU A 1 85  ? -18.407 22.185  -0.238  1.00 45.54 ? 85  GLU A C   1 
ATOM   632  O  O   . GLU A 1 85  ? -18.257 22.779  0.843   1.00 45.75 ? 85  GLU A O   1 
ATOM   633  C  CB  . GLU A 1 85  ? -18.383 23.169  -2.536  1.00 45.37 ? 85  GLU A CB  1 
ATOM   634  C  CG  . GLU A 1 85  ? -17.652 24.098  -3.499  1.00 45.08 ? 85  GLU A CG  1 
ATOM   635  C  CD  . GLU A 1 85  ? -16.452 23.440  -4.164  1.00 45.62 ? 85  GLU A CD  1 
ATOM   636  O  OE1 . GLU A 1 85  ? -15.339 23.498  -3.586  1.00 45.62 ? 85  GLU A OE1 1 
ATOM   637  O  OE2 . GLU A 1 85  ? -16.619 22.860  -5.265  1.00 45.98 ? 85  GLU A OE2 1 
ATOM   638  N  N   . ILE A 1 86  ? -19.374 21.291  -0.462  1.00 45.51 ? 86  ILE A N   1 
ATOM   639  C  CA  . ILE A 1 86  ? -20.292 20.778  0.570   1.00 45.31 ? 86  ILE A CA  1 
ATOM   640  C  C   . ILE A 1 86  ? -20.282 19.252  0.394   1.00 45.24 ? 86  ILE A C   1 
ATOM   641  O  O   . ILE A 1 86  ? -19.409 18.733  -0.302  1.00 45.07 ? 86  ILE A O   1 
ATOM   642  C  CB  . ILE A 1 86  ? -21.758 21.342  0.400   1.00 45.24 ? 86  ILE A CB  1 
ATOM   643  C  CG1 . ILE A 1 86  ? -21.822 22.549  -0.556  1.00 45.37 ? 86  ILE A CG1 1 
ATOM   644  C  CG2 . ILE A 1 86  ? -22.352 21.760  1.760   1.00 45.20 ? 86  ILE A CG2 1 
ATOM   645  C  CD1 . ILE A 1 86  ? -22.084 22.185  -2.014  1.00 45.25 ? 86  ILE A CD1 1 
ATOM   646  N  N   . GLN A 1 87  ? -21.218 18.530  1.016   1.00 45.23 ? 87  GLN A N   1 
ATOM   647  C  CA  . GLN A 1 87  ? -21.324 17.076  0.787   1.00 45.00 ? 87  GLN A CA  1 
ATOM   648  C  C   . GLN A 1 87  ? -22.714 16.480  1.066   1.00 45.02 ? 87  GLN A C   1 
ATOM   649  O  O   . GLN A 1 87  ? -22.854 15.525  1.843   1.00 45.05 ? 87  GLN A O   1 
ATOM   650  C  CB  . GLN A 1 87  ? -20.249 16.309  1.573   1.00 45.05 ? 87  GLN A CB  1 
ATOM   651  C  CG  . GLN A 1 87  ? -19.576 15.155  0.781   1.00 45.09 ? 87  GLN A CG  1 
ATOM   652  C  CD  . GLN A 1 87  ? -20.572 14.165  0.156   1.00 45.24 ? 87  GLN A CD  1 
ATOM   653  O  OE1 . GLN A 1 87  ? -21.403 14.543  -0.678  1.00 45.62 ? 87  GLN A OE1 1 
ATOM   654  N  NE2 . GLN A 1 87  ? -20.477 12.899  0.553   1.00 45.14 ? 87  GLN A NE2 1 
ATOM   655  N  N   . THR A 1 88  ? -23.723 17.036  0.390   1.00 44.86 ? 88  THR A N   1 
ATOM   656  C  CA  . THR A 1 88  ? -25.101 16.554  0.475   1.00 44.72 ? 88  THR A CA  1 
ATOM   657  C  C   . THR A 1 88  ? -25.496 15.843  -0.828  1.00 44.74 ? 88  THR A C   1 
ATOM   658  O  O   . THR A 1 88  ? -24.959 14.761  -1.153  1.00 44.56 ? 88  THR A O   1 
ATOM   659  C  CB  . THR A 1 88  ? -26.054 17.744  0.772   1.00 44.65 ? 88  THR A CB  1 
ATOM   660  O  OG1 . THR A 1 88  ? -25.880 18.175  2.129   1.00 44.30 ? 88  THR A OG1 1 
ATOM   661  C  CG2 . THR A 1 88  ? -27.527 17.339  0.679   1.00 44.67 ? 88  THR A CG2 1 
ATOM   662  N  N   . LYS A 1 97  ? -1.026  17.611  1.032   1.00 45.14 ? 97  LYS A N   1 
ATOM   663  C  CA  . LYS A 1 97  ? 0.329   17.069  0.937   1.00 45.26 ? 97  LYS A CA  1 
ATOM   664  C  C   . LYS A 1 97  ? 0.436   15.705  1.628   1.00 45.20 ? 97  LYS A C   1 
ATOM   665  O  O   . LYS A 1 97  ? 0.873   15.611  2.778   1.00 45.43 ? 97  LYS A O   1 
ATOM   666  C  CB  . LYS A 1 97  ? 1.336   18.067  1.539   1.00 45.30 ? 97  LYS A CB  1 
ATOM   667  C  CG  . LYS A 1 97  ? 2.810   17.611  1.487   1.00 45.28 ? 97  LYS A CG  1 
ATOM   668  C  CD  . LYS A 1 97  ? 3.766   18.776  1.194   1.00 45.05 ? 97  LYS A CD  1 
ATOM   669  C  CE  . LYS A 1 97  ? 5.221   18.393  1.468   1.00 44.99 ? 97  LYS A CE  1 
ATOM   670  N  NZ  . LYS A 1 97  ? 5.609   17.087  0.834   1.00 45.02 ? 97  LYS A NZ  1 
ATOM   671  N  N   . ILE A 1 98  ? 0.024   14.656  0.917   1.00 45.13 ? 98  ILE A N   1 
ATOM   672  C  CA  . ILE A 1 98  ? 0.129   13.275  1.409   1.00 45.02 ? 98  ILE A CA  1 
ATOM   673  C  C   . ILE A 1 98  ? 1.599   12.916  1.659   1.00 44.84 ? 98  ILE A C   1 
ATOM   674  O  O   . ILE A 1 98  ? 2.468   13.293  0.871   1.00 44.75 ? 98  ILE A O   1 
ATOM   675  C  CB  . ILE A 1 98  ? -0.496  12.300  0.378   1.00 45.23 ? 98  ILE A CB  1 
ATOM   676  C  CG1 . ILE A 1 98  ? -0.702  10.915  0.976   1.00 44.59 ? 98  ILE A CG1 1 
ATOM   677  C  CG2 . ILE A 1 98  ? 0.380   12.203  -0.879  1.00 45.67 ? 98  ILE A CG2 1 
ATOM   678  C  CD1 . ILE A 1 98  ? -1.305  9.916   0.008   1.00 44.55 ? 98  ILE A CD1 1 
ATOM   679  N  N   . ASP A 1 99  ? 1.883   12.211  2.755   1.00 44.53 ? 99  ASP A N   1 
ATOM   680  C  CA  . ASP A 1 99  ? 3.278   11.865  3.080   1.00 44.50 ? 99  ASP A CA  1 
ATOM   681  C  C   . ASP A 1 99  ? 3.670   10.519  2.449   1.00 44.08 ? 99  ASP A C   1 
ATOM   682  O  O   . ASP A 1 99  ? 2.833   9.844   1.856   1.00 43.70 ? 99  ASP A O   1 
ATOM   683  C  CB  . ASP A 1 99  ? 3.521   11.913  4.604   1.00 44.73 ? 99  ASP A CB  1 
ATOM   684  C  CG  . ASP A 1 99  ? 4.015   10.605  5.167   1.00 45.40 ? 99  ASP A CG  1 
ATOM   685  O  OD1 . ASP A 1 99  ? 5.129   10.558  5.757   1.00 46.53 ? 99  ASP A OD1 1 
ATOM   686  O  OD2 . ASP A 1 99  ? 3.344   9.570   5.046   1.00 45.34 ? 99  ASP A OD2 1 
ATOM   687  N  N   . LEU A 1 100 ? 4.942   10.151  2.546   1.00 43.87 ? 100 LEU A N   1 
ATOM   688  C  CA  . LEU A 1 100 ? 5.418   8.924   1.912   1.00 43.90 ? 100 LEU A CA  1 
ATOM   689  C  C   . LEU A 1 100 ? 5.057   7.641   2.645   1.00 43.73 ? 100 LEU A C   1 
ATOM   690  O  O   . LEU A 1 100 ? 4.922   6.600   2.018   1.00 43.95 ? 100 LEU A O   1 
ATOM   691  C  CB  . LEU A 1 100 ? 6.927   8.980   1.692   1.00 43.95 ? 100 LEU A CB  1 
ATOM   692  C  CG  . LEU A 1 100 ? 7.335   9.714   0.408   1.00 44.18 ? 100 LEU A CG  1 
ATOM   693  C  CD1 . LEU A 1 100 ? 8.830   9.538   0.159   1.00 44.05 ? 100 LEU A CD1 1 
ATOM   694  C  CD2 . LEU A 1 100 ? 6.524   9.216   -0.796  1.00 44.48 ? 100 LEU A CD2 1 
ATOM   695  N  N   . LEU A 1 101 ? 4.943   7.686   3.964   1.00 43.78 ? 101 LEU A N   1 
ATOM   696  C  CA  . LEU A 1 101 ? 4.460   6.526   4.693   1.00 43.79 ? 101 LEU A CA  1 
ATOM   697  C  C   . LEU A 1 101 ? 2.999   6.311   4.357   1.00 43.69 ? 101 LEU A C   1 
ATOM   698  O  O   . LEU A 1 101 ? 2.599   5.198   4.088   1.00 43.64 ? 101 LEU A O   1 
ATOM   699  C  CB  . LEU A 1 101 ? 4.649   6.685   6.202   1.00 43.95 ? 101 LEU A CB  1 
ATOM   700  C  CG  . LEU A 1 101 ? 4.169   5.568   7.141   1.00 43.76 ? 101 LEU A CG  1 
ATOM   701  C  CD1 . LEU A 1 101 ? 4.721   4.209   6.748   1.00 44.03 ? 101 LEU A CD1 1 
ATOM   702  C  CD2 . LEU A 1 101 ? 4.613   5.913   8.550   1.00 44.25 ? 101 LEU A CD2 1 
ATOM   703  N  N   . THR A 1 102 ? 2.207   7.376   4.346   1.00 43.63 ? 102 THR A N   1 
ATOM   704  C  CA  . THR A 1 102 ? 0.785   7.261   4.015   1.00 43.61 ? 102 THR A CA  1 
ATOM   705  C  C   . THR A 1 102 ? 0.624   6.803   2.581   1.00 43.47 ? 102 THR A C   1 
ATOM   706  O  O   . THR A 1 102 ? -0.290  6.044   2.275   1.00 43.29 ? 102 THR A O   1 
ATOM   707  C  CB  . THR A 1 102 ? 0.025   8.589   4.194   1.00 43.79 ? 102 THR A CB  1 
ATOM   708  O  OG1 . THR A 1 102 ? 0.467   9.537   3.209   1.00 44.15 ? 102 THR A OG1 1 
ATOM   709  C  CG2 . THR A 1 102 ? 0.322   9.230   5.547   1.00 43.72 ? 102 THR A CG2 1 
ATOM   710  N  N   . THR A 1 103 ? 1.521   7.249   1.708   1.00 43.37 ? 103 THR A N   1 
ATOM   711  C  CA  . THR A 1 103 ? 1.539   6.771   0.327   1.00 43.25 ? 103 THR A CA  1 
ATOM   712  C  C   . THR A 1 103 ? 1.845   5.262   0.299   1.00 43.24 ? 103 THR A C   1 
ATOM   713  O  O   . THR A 1 103 ? 1.193   4.518   -0.405  1.00 43.06 ? 103 THR A O   1 
ATOM   714  C  CB  . THR A 1 103 ? 2.572   7.552   -0.550  1.00 43.41 ? 103 THR A CB  1 
ATOM   715  O  OG1 . THR A 1 103 ? 2.242   8.946   -0.606  1.00 42.67 ? 103 THR A OG1 1 
ATOM   716  C  CG2 . THR A 1 103 ? 2.494   7.116   -2.005  1.00 43.48 ? 103 THR A CG2 1 
ATOM   717  N  N   . ALA A 1 104 ? 2.822   4.813   1.085   1.00 43.15 ? 104 ALA A N   1 
ATOM   718  C  CA  . ALA A 1 104 ? 3.234   3.403   1.081   1.00 43.11 ? 104 ALA A CA  1 
ATOM   719  C  C   . ALA A 1 104 ? 2.091   2.512   1.559   1.00 43.04 ? 104 ALA A C   1 
ATOM   720  O  O   . ALA A 1 104 ? 1.898   1.405   1.057   1.00 42.23 ? 104 ALA A O   1 
ATOM   721  C  CB  . ALA A 1 104 ? 4.482   3.209   1.964   1.00 43.09 ? 104 ALA A CB  1 
ATOM   722  N  N   . VAL A 1 105 ? 1.341   3.016   2.541   1.00 43.24 ? 105 VAL A N   1 
ATOM   723  C  CA  . VAL A 1 105 ? 0.143   2.346   3.025   1.00 43.54 ? 105 VAL A CA  1 
ATOM   724  C  C   . VAL A 1 105 ? -0.928  2.261   1.921   1.00 43.61 ? 105 VAL A C   1 
ATOM   725  O  O   . VAL A 1 105 ? -1.546  1.216   1.742   1.00 43.57 ? 105 VAL A O   1 
ATOM   726  C  CB  . VAL A 1 105 ? -0.473  3.068   4.234   1.00 43.56 ? 105 VAL A CB  1 
ATOM   727  C  CG1 . VAL A 1 105 ? -1.869  2.489   4.542   1.00 44.00 ? 105 VAL A CG1 1 
ATOM   728  C  CG2 . VAL A 1 105 ? 0.449   2.981   5.442   1.00 43.78 ? 105 VAL A CG2 1 
ATOM   729  N  N   . VAL A 1 106 ? -1.146  3.348   1.186   1.00 43.44 ? 106 VAL A N   1 
ATOM   730  C  CA  . VAL A 1 106 ? -2.142  3.344   0.112   1.00 43.51 ? 106 VAL A CA  1 
ATOM   731  C  C   . VAL A 1 106 ? -1.691  2.425   -1.052  1.00 43.45 ? 106 VAL A C   1 
ATOM   732  O  O   . VAL A 1 106 ? -2.487  1.687   -1.596  1.00 43.55 ? 106 VAL A O   1 
ATOM   733  C  CB  . VAL A 1 106 ? -2.439  4.758   -0.434  1.00 43.43 ? 106 VAL A CB  1 
ATOM   734  C  CG1 . VAL A 1 106 ? -3.326  4.664   -1.681  1.00 43.74 ? 106 VAL A CG1 1 
ATOM   735  C  CG2 . VAL A 1 106 ? -3.145  5.620   0.622   1.00 43.43 ? 106 VAL A CG2 1 
ATOM   736  N  N   . LEU A 1 107 ? -0.429  2.476   -1.439  1.00 43.38 ? 107 LEU A N   1 
ATOM   737  C  CA  . LEU A 1 107 ? 0.048   1.595   -2.512  1.00 43.54 ? 107 LEU A CA  1 
ATOM   738  C  C   . LEU A 1 107 ? -0.042  0.124   -2.138  1.00 43.58 ? 107 LEU A C   1 
ATOM   739  O  O   . LEU A 1 107 ? -0.190  -0.725  -3.013  1.00 44.07 ? 107 LEU A O   1 
ATOM   740  C  CB  . LEU A 1 107 ? 1.485   1.933   -2.882  1.00 43.66 ? 107 LEU A CB  1 
ATOM   741  C  CG  . LEU A 1 107 ? 1.591   3.260   -3.622  1.00 43.35 ? 107 LEU A CG  1 
ATOM   742  C  CD1 . LEU A 1 107 ? 3.014   3.765   -3.575  1.00 43.44 ? 107 LEU A CD1 1 
ATOM   743  C  CD2 . LEU A 1 107 ? 1.113   3.090   -5.045  1.00 43.19 ? 107 LEU A CD2 1 
ATOM   744  N  N   . CYS A 1 108 ? 0.043   -0.192  -0.850  1.00 43.57 ? 108 CYS A N   1 
ATOM   745  C  CA  . CYS A 1 108 ? -0.031  -1.592  -0.428  1.00 44.00 ? 108 CYS A CA  1 
ATOM   746  C  C   . CYS A 1 108 ? -1.448  -2.105  -0.630  1.00 43.93 ? 108 CYS A C   1 
ATOM   747  O  O   . CYS A 1 108 ? -1.643  -3.214  -1.106  1.00 44.19 ? 108 CYS A O   1 
ATOM   748  C  CB  . CYS A 1 108 ? 0.447   -1.768  1.023   1.00 44.30 ? 108 CYS A CB  1 
ATOM   749  S  SG  . CYS A 1 108 ? 0.339   -3.471  1.699   1.00 45.18 ? 108 CYS A SG  1 
ATOM   750  N  N   . ALA A 1 109 ? -2.430  -1.271  -0.285  1.00 43.97 ? 109 ALA A N   1 
ATOM   751  C  CA  . ALA A 1 109 ? -3.851  -1.581  -0.428  1.00 43.77 ? 109 ALA A CA  1 
ATOM   752  C  C   . ALA A 1 109 ? -4.265  -1.811  -1.888  1.00 43.64 ? 109 ALA A C   1 
ATOM   753  O  O   . ALA A 1 109 ? -5.054  -2.722  -2.193  1.00 43.36 ? 109 ALA A O   1 
ATOM   754  C  CB  . ALA A 1 109 ? -4.690  -0.442  0.179   1.00 43.51 ? 109 ALA A CB  1 
ATOM   755  N  N   . LEU A 1 110 ? -3.762  -0.944  -2.764  1.00 43.38 ? 110 LEU A N   1 
ATOM   756  C  CA  . LEU A 1 110 ? -3.934  -1.075  -4.208  1.00 43.28 ? 110 LEU A CA  1 
ATOM   757  C  C   . LEU A 1 110 ? -3.287  -2.354  -4.710  1.00 43.28 ? 110 LEU A C   1 
ATOM   758  O  O   . LEU A 1 110 ? -3.850  -3.062  -5.537  1.00 43.15 ? 110 LEU A O   1 
ATOM   759  C  CB  . LEU A 1 110 ? -3.274  0.098   -4.934  1.00 43.42 ? 110 LEU A CB  1 
ATOM   760  C  CG  . LEU A 1 110 ? -3.851  1.493   -4.681  1.00 42.92 ? 110 LEU A CG  1 
ATOM   761  C  CD1 . LEU A 1 110 ? -3.064  2.588   -5.373  1.00 43.07 ? 110 LEU A CD1 1 
ATOM   762  C  CD2 . LEU A 1 110 ? -5.255  1.514   -5.181  1.00 43.67 ? 110 LEU A CD2 1 
ATOM   763  N  N   . SER A 1 111 ? -2.087  -2.630  -4.213  1.00 43.42 ? 111 SER A N   1 
ATOM   764  C  CA  . SER A 1 111 ? -1.322  -3.793  -4.642  1.00 43.38 ? 111 SER A CA  1 
ATOM   765  C  C   . SER A 1 111 ? -2.023  -5.052  -4.203  1.00 43.69 ? 111 SER A C   1 
ATOM   766  O  O   . SER A 1 111 ? -2.040  -6.026  -4.938  1.00 43.44 ? 111 SER A O   1 
ATOM   767  C  CB  . SER A 1 111 ? 0.095   -3.765  -4.056  1.00 43.77 ? 111 SER A CB  1 
ATOM   768  O  OG  . SER A 1 111 ? 0.774   -2.581  -4.430  1.00 43.48 ? 111 SER A OG  1 
ATOM   769  N  N   . GLU A 1 112 ? -2.641  -5.002  -3.019  1.00 44.09 ? 112 GLU A N   1 
ATOM   770  C  CA  . GLU A 1 112 ? -3.264  -6.170  -2.434  1.00 44.16 ? 112 GLU A CA  1 
ATOM   771  C  C   . GLU A 1 112 ? -4.599  -6.456  -3.080  1.00 44.39 ? 112 GLU A C   1 
ATOM   772  O  O   . GLU A 1 112 ? -4.966  -7.608  -3.284  1.00 44.15 ? 112 GLU A O   1 
ATOM   773  C  CB  . GLU A 1 112 ? -3.445  -6.024  -0.911  1.00 44.48 ? 112 GLU A CB  1 
ATOM   774  C  CG  . GLU A 1 112 ? -4.217  -7.207  -0.335  1.00 44.23 ? 112 GLU A CG  1 
ATOM   775  C  CD  . GLU A 1 112 ? -4.393  -7.221  1.175   1.00 45.11 ? 112 GLU A CD  1 
ATOM   776  O  OE1 . GLU A 1 112 ? -5.151  -8.106  1.631   1.00 43.09 ? 112 GLU A OE1 1 
ATOM   777  O  OE2 . GLU A 1 112 ? -3.786  -6.392  1.895   1.00 46.17 ? 112 GLU A OE2 1 
ATOM   778  N  N   . GLN A 1 113 ? -5.358  -5.417  -3.382  1.00 44.54 ? 113 GLN A N   1 
ATOM   779  C  CA  . GLN A 1 113 ? -6.623  -5.654  -4.040  1.00 44.36 ? 113 GLN A CA  1 
ATOM   780  C  C   . GLN A 1 113 ? -6.370  -6.253  -5.407  1.00 44.54 ? 113 GLN A C   1 
ATOM   781  O  O   . GLN A 1 113 ? -7.145  -7.077  -5.880  1.00 44.82 ? 113 GLN A O   1 
ATOM   782  C  CB  . GLN A 1 113 ? -7.437  -4.381  -4.169  1.00 44.28 ? 113 GLN A CB  1 
ATOM   783  C  CG  . GLN A 1 113 ? -8.806  -4.689  -4.733  1.00 44.22 ? 113 GLN A CG  1 
ATOM   784  C  CD  . GLN A 1 113 ? -9.806  -3.576  -4.520  1.00 43.60 ? 113 GLN A CD  1 
ATOM   785  O  OE1 . GLN A 1 113 ? -10.774 -3.750  -3.800  1.00 44.06 ? 113 GLN A OE1 1 
ATOM   786  N  NE2 . GLN A 1 113 ? -9.590  -2.455  -5.171  1.00 42.26 ? 113 GLN A NE2 1 
ATOM   787  N  N   . LYS A 1 114 ? -5.287  -5.818  -6.040  1.00 44.70 ? 114 LYS A N   1 
ATOM   788  C  CA  . LYS A 1 114 ? -4.887  -6.330  -7.346  1.00 44.69 ? 114 LYS A CA  1 
ATOM   789  C  C   . LYS A 1 114 ? -4.450  -7.800  -7.267  1.00 44.33 ? 114 LYS A C   1 
ATOM   790  O  O   . LYS A 1 114 ? -4.853  -8.615  -8.073  1.00 44.46 ? 114 LYS A O   1 
ATOM   791  C  CB  . LYS A 1 114 ? -3.731  -5.474  -7.905  1.00 44.80 ? 114 LYS A CB  1 
ATOM   792  C  CG  . LYS A 1 114 ? -3.175  -5.938  -9.256  1.00 45.25 ? 114 LYS A CG  1 
ATOM   793  C  CD  . LYS A 1 114 ? -4.152  -5.656  -10.372 1.00 45.60 ? 114 LYS A CD  1 
ATOM   794  C  CE  . LYS A 1 114 ? -3.468  -5.069  -11.590 1.00 47.11 ? 114 LYS A CE  1 
ATOM   795  N  NZ  . LYS A 1 114 ? -3.407  -3.562  -11.567 1.00 48.85 ? 114 LYS A NZ  1 
ATOM   796  N  N   . ALA A 1 115 ? -3.623  -8.143  -6.287  1.00 44.24 ? 115 ALA A N   1 
ATOM   797  C  CA  . ALA A 1 115 ? -3.069  -9.502  -6.203  1.00 43.83 ? 115 ALA A CA  1 
ATOM   798  C  C   . ALA A 1 115 ? -4.071  -10.529 -5.652  1.00 43.53 ? 115 ALA A C   1 
ATOM   799  O  O   . ALA A 1 115 ? -4.192  -11.653 -6.140  1.00 42.93 ? 115 ALA A O   1 
ATOM   800  C  CB  . ALA A 1 115 ? -1.835  -9.476  -5.339  1.00 43.90 ? 115 ALA A CB  1 
ATOM   801  N  N   . HIS A 1 116 ? -4.791  -10.120 -4.617  1.00 43.32 ? 116 HIS A N   1 
ATOM   802  C  CA  . HIS A 1 116 ? -5.613  -11.026 -3.833  1.00 43.32 ? 116 HIS A CA  1 
ATOM   803  C  C   . HIS A 1 116 ? -7.110  -10.722 -3.861  1.00 43.18 ? 116 HIS A C   1 
ATOM   804  O  O   . HIS A 1 116 ? -7.899  -11.512 -3.376  1.00 43.39 ? 116 HIS A O   1 
ATOM   805  C  CB  . HIS A 1 116 ? -5.111  -11.009 -2.410  1.00 43.10 ? 116 HIS A CB  1 
ATOM   806  C  CG  . HIS A 1 116 ? -3.716  -11.518 -2.275  1.00 43.11 ? 116 HIS A CG  1 
ATOM   807  N  ND1 . HIS A 1 116 ? -3.349  -12.788 -2.673  1.00 43.30 ? 116 HIS A ND1 1 
ATOM   808  C  CD2 . HIS A 1 116 ? -2.592  -10.935 -1.793  1.00 42.62 ? 116 HIS A CD2 1 
ATOM   809  C  CE1 . HIS A 1 116 ? -2.067  -12.972 -2.417  1.00 42.35 ? 116 HIS A CE1 1 
ATOM   810  N  NE2 . HIS A 1 116 ? -1.585  -11.867 -1.874  1.00 40.93 ? 116 HIS A NE2 1 
ATOM   811  N  N   . ASN A 1 117 ? -7.488  -9.580  -4.422  1.00 43.23 ? 117 ASN A N   1 
ATOM   812  C  CA  . ASN A 1 117 ? -8.898  -9.220  -4.572  1.00 43.31 ? 117 ASN A CA  1 
ATOM   813  C  C   . ASN A 1 117 ? -9.581  -9.058  -3.208  1.00 43.09 ? 117 ASN A C   1 
ATOM   814  O  O   . ASN A 1 117 ? -10.758 -9.325  -3.065  1.00 42.63 ? 117 ASN A O   1 
ATOM   815  C  CB  . ASN A 1 117 ? -9.631  -10.239 -5.459  1.00 42.98 ? 117 ASN A CB  1 
ATOM   816  C  CG  . ASN A 1 117 ? -9.128  -10.230 -6.894  1.00 43.33 ? 117 ASN A CG  1 
ATOM   817  O  OD1 . ASN A 1 117 ? -8.623  -11.236 -7.402  1.00 42.91 ? 117 ASN A OD1 1 
ATOM   818  N  ND2 . ASN A 1 117 ? -9.273  -9.089  -7.562  1.00 42.83 ? 117 ASN A ND2 1 
ATOM   819  N  N   . THR A 1 118 ? -8.811  -8.624  -2.215  1.00 43.22 ? 118 THR A N   1 
ATOM   820  C  CA  . THR A 1 118 ? -9.334  -8.406  -0.884  1.00 43.84 ? 118 THR A CA  1 
ATOM   821  C  C   . THR A 1 118 ? -10.466 -7.388  -0.974  1.00 43.64 ? 118 THR A C   1 
ATOM   822  O  O   . THR A 1 118 ? -10.355 -6.459  -1.753  1.00 43.75 ? 118 THR A O   1 
ATOM   823  C  CB  . THR A 1 118 ? -8.228  -7.850  0.007   1.00 43.73 ? 118 THR A CB  1 
ATOM   824  O  OG1 . THR A 1 118 ? -7.147  -8.779  0.059   1.00 44.80 ? 118 THR A OG1 1 
ATOM   825  C  CG2 . THR A 1 118 ? -8.708  -7.734  1.436   1.00 44.96 ? 118 THR A CG2 1 
ATOM   826  N  N   . ASP A 1 119 ? -11.536 -7.532  -0.187  1.00 43.96 ? 119 ASP A N   1 
ATOM   827  C  CA  . ASP A 1 119 ? -12.649 -6.590  -0.295  1.00 43.95 ? 119 ASP A CA  1 
ATOM   828  C  C   . ASP A 1 119 ? -12.316 -5.233  0.318   1.00 43.90 ? 119 ASP A C   1 
ATOM   829  O  O   . ASP A 1 119 ? -11.491 -5.116  1.213   1.00 43.44 ? 119 ASP A O   1 
ATOM   830  C  CB  . ASP A 1 119 ? -13.942 -7.146  0.317   1.00 44.30 ? 119 ASP A CB  1 
ATOM   831  C  CG  . ASP A 1 119 ? -15.217 -6.515  -0.295  1.00 45.12 ? 119 ASP A CG  1 
ATOM   832  O  OD1 . ASP A 1 119 ? -15.114 -5.581  -1.137  1.00 46.59 ? 119 ASP A OD1 1 
ATOM   833  O  OD2 . ASP A 1 119 ? -16.368 -6.898  0.011   1.00 45.30 ? 119 ASP A OD2 1 
ATOM   834  N  N   . LYS A 1 120 ? -12.982 -4.202  -0.191  1.00 43.98 ? 120 LYS A N   1 
ATOM   835  C  CA  . LYS A 1 120 ? -12.761 -2.831  0.245   1.00 43.94 ? 120 LYS A CA  1 
ATOM   836  C  C   . LYS A 1 120 ? -12.845 -2.573  1.763   1.00 43.87 ? 120 LYS A C   1 
ATOM   837  O  O   . LYS A 1 120 ? -11.949 -1.930  2.311   1.00 44.10 ? 120 LYS A O   1 
ATOM   838  C  CB  . LYS A 1 120 ? -13.713 -1.894  -0.494  1.00 44.13 ? 120 LYS A CB  1 
ATOM   839  C  CG  . LYS A 1 120 ? -13.313 -0.429  -0.396  1.00 44.44 ? 120 LYS A CG  1 
ATOM   840  C  CD  . LYS A 1 120 ? -14.126 0.462   -1.350  1.00 44.56 ? 120 LYS A CD  1 
ATOM   841  C  CE  . LYS A 1 120 ? -15.202 1.233   -0.643  1.00 44.44 ? 120 LYS A CE  1 
ATOM   842  N  NZ  . LYS A 1 120 ? -16.153 1.915   -1.588  1.00 45.27 ? 120 LYS A NZ  1 
ATOM   843  N  N   . PRO A 1 121 ? -13.889 -3.041  2.452   1.00 43.66 ? 121 PRO A N   1 
ATOM   844  C  CA  . PRO A 1 121 ? -14.006 -2.763  3.894   1.00 43.50 ? 121 PRO A CA  1 
ATOM   845  C  C   . PRO A 1 121 ? -12.815 -3.302  4.695   1.00 43.30 ? 121 PRO A C   1 
ATOM   846  O  O   . PRO A 1 121 ? -12.295 -2.599  5.549   1.00 42.57 ? 121 PRO A O   1 
ATOM   847  C  CB  . PRO A 1 121 ? -15.315 -3.461  4.286   1.00 43.64 ? 121 PRO A CB  1 
ATOM   848  C  CG  . PRO A 1 121 ? -16.075 -3.629  2.971   1.00 43.62 ? 121 PRO A CG  1 
ATOM   849  C  CD  . PRO A 1 121 ? -15.005 -3.879  1.967   1.00 43.81 ? 121 PRO A CD  1 
ATOM   850  N  N   . LEU A 1 122 ? -12.385 -4.527  4.394   1.00 43.31 ? 122 LEU A N   1 
ATOM   851  C  CA  . LEU A 1 122 ? -11.254 -5.131  5.096   1.00 43.46 ? 122 LEU A CA  1 
ATOM   852  C  C   . LEU A 1 122 ? -9.964  -4.341  4.862   1.00 43.57 ? 122 LEU A C   1 
ATOM   853  O  O   . LEU A 1 122 ? -9.210  -4.124  5.806   1.00 43.68 ? 122 LEU A O   1 
ATOM   854  C  CB  . LEU A 1 122 ? -11.045 -6.606  4.687   1.00 43.46 ? 122 LEU A CB  1 
ATOM   855  C  CG  . LEU A 1 122 ? -9.881  -7.339  5.373   1.00 43.10 ? 122 LEU A CG  1 
ATOM   856  C  CD1 . LEU A 1 122 ? -10.047 -7.268  6.856   1.00 43.30 ? 122 LEU A CD1 1 
ATOM   857  C  CD2 . LEU A 1 122 ? -9.790  -8.798  4.957   1.00 43.76 ? 122 LEU A CD2 1 
ATOM   858  N  N   . LEU A 1 123 ? -9.729  -3.922  3.615   1.00 43.74 ? 123 LEU A N   1 
ATOM   859  C  CA  . LEU A 1 123 ? -8.534  -3.167  3.218   1.00 43.72 ? 123 LEU A CA  1 
ATOM   860  C  C   . LEU A 1 123 ? -8.457  -1.827  3.948   1.00 43.78 ? 123 LEU A C   1 
ATOM   861  O  O   . LEU A 1 123 ? -7.410  -1.460  4.497   1.00 43.81 ? 123 LEU A O   1 
ATOM   862  C  CB  . LEU A 1 123 ? -8.526  -2.922  1.695   1.00 43.62 ? 123 LEU A CB  1 
ATOM   863  C  CG  . LEU A 1 123 ? -8.223  -4.113  0.779   1.00 43.47 ? 123 LEU A CG  1 
ATOM   864  C  CD1 . LEU A 1 123 ? -8.546  -3.826  -0.647  1.00 43.56 ? 123 LEU A CD1 1 
ATOM   865  C  CD2 . LEU A 1 123 ? -6.783  -4.474  0.881   1.00 44.21 ? 123 LEU A CD2 1 
ATOM   866  N  N   . ILE A 1 124 ? -9.566  -1.099  3.965   1.00 43.84 ? 124 ILE A N   1 
ATOM   867  C  CA  . ILE A 1 124 ? -9.605  0.190   4.640   1.00 43.99 ? 124 ILE A CA  1 
ATOM   868  C  C   . ILE A 1 124 ? -9.377  0.035   6.146   1.00 43.94 ? 124 ILE A C   1 
ATOM   869  O  O   . ILE A 1 124 ? -8.517  0.703   6.704   1.00 44.52 ? 124 ILE A O   1 
ATOM   870  C  CB  . ILE A 1 124 ? -10.930 0.968   4.330   1.00 44.11 ? 124 ILE A CB  1 
ATOM   871  C  CG1 . ILE A 1 124 ? -10.925 1.460   2.873   1.00 44.40 ? 124 ILE A CG1 1 
ATOM   872  C  CG2 . ILE A 1 124 ? -11.110 2.158   5.299   1.00 43.98 ? 124 ILE A CG2 1 
ATOM   873  C  CD1 . ILE A 1 124 ? -12.280 1.969   2.377   1.00 44.44 ? 124 ILE A CD1 1 
ATOM   874  N  N   . SER A 1 125 ? -10.108 -0.842  6.813   1.00 43.84 ? 125 SER A N   1 
ATOM   875  C  CA  . SER A 1 125 ? -9.935  -0.953  8.263   1.00 43.73 ? 125 SER A CA  1 
ATOM   876  C  C   . SER A 1 125 ? -8.492  -1.288  8.551   1.00 43.83 ? 125 SER A C   1 
ATOM   877  O  O   . SER A 1 125 ? -7.832  -0.625  9.347   1.00 43.31 ? 125 SER A O   1 
ATOM   878  C  CB  . SER A 1 125 ? -10.849 -2.008  8.862   1.00 43.77 ? 125 SER A CB  1 
ATOM   879  O  OG  . SER A 1 125 ? -10.486 -3.279  8.400   1.00 43.21 ? 125 SER A OG  1 
ATOM   880  N  N   . GLU A 1 126 ? -7.979  -2.283  7.833   1.00 44.29 ? 126 GLU A N   1 
ATOM   881  C  CA  . GLU A 1 126 ? -6.596  -2.691  7.990   1.00 44.18 ? 126 GLU A CA  1 
ATOM   882  C  C   . GLU A 1 126 ? -5.630  -1.533  7.760   1.00 43.97 ? 126 GLU A C   1 
ATOM   883  O  O   . GLU A 1 126 ? -4.644  -1.401  8.449   1.00 44.09 ? 126 GLU A O   1 
ATOM   884  C  CB  . GLU A 1 126 ? -6.250  -3.818  7.023   1.00 44.68 ? 126 GLU A CB  1 
ATOM   885  C  CG  . GLU A 1 126 ? -5.577  -4.976  7.711   1.00 45.66 ? 126 GLU A CG  1 
ATOM   886  C  CD  . GLU A 1 126 ? -6.578  -5.842  8.385   1.00 47.21 ? 126 GLU A CD  1 
ATOM   887  O  OE1 . GLU A 1 126 ? -7.590  -6.126  7.722   1.00 49.36 ? 126 GLU A OE1 1 
ATOM   888  O  OE2 . GLU A 1 126 ? -6.383  -6.212  9.560   1.00 47.32 ? 126 GLU A OE2 1 
ATOM   889  N  N   . ALA A 1 127 ? -5.908  -0.694  6.781   1.00 43.76 ? 127 ALA A N   1 
ATOM   890  C  CA  . ALA A 1 127 ? -5.008  0.405   6.449   1.00 43.52 ? 127 ALA A CA  1 
ATOM   891  C  C   . ALA A 1 127 ? -4.950  1.403   7.596   1.00 43.50 ? 127 ALA A C   1 
ATOM   892  O  O   . ALA A 1 127 ? -3.892  1.958   7.903   1.00 43.05 ? 127 ALA A O   1 
ATOM   893  C  CB  . ALA A 1 127 ? -5.489  1.110   5.183   1.00 43.72 ? 127 ALA A CB  1 
ATOM   894  N  N   . LEU A 1 128 ? -6.109  1.641   8.200   1.00 43.21 ? 128 LEU A N   1 
ATOM   895  C  CA  . LEU A 1 128 ? -6.244  2.613   9.278   1.00 43.26 ? 128 LEU A CA  1 
ATOM   896  C  C   . LEU A 1 128 ? -5.591  2.055   10.524  1.00 43.31 ? 128 LEU A C   1 
ATOM   897  O  O   . LEU A 1 128 ? -5.043  2.799   11.336  1.00 43.17 ? 128 LEU A O   1 
ATOM   898  C  CB  . LEU A 1 128 ? -7.724  2.922   9.531   1.00 43.19 ? 128 LEU A CB  1 
ATOM   899  C  CG  . LEU A 1 128 ? -8.466  3.610   8.378   1.00 43.42 ? 128 LEU A CG  1 
ATOM   900  C  CD1 . LEU A 1 128 ? -9.858  4.077   8.802   1.00 44.36 ? 128 LEU A CD1 1 
ATOM   901  C  CD2 . LEU A 1 128 ? -7.659  4.791   7.839   1.00 43.65 ? 128 LEU A CD2 1 
ATOM   902  N  N   . LEU A 1 129 ? -5.637  0.735   10.642  1.00 43.47 ? 129 LEU A N   1 
ATOM   903  C  CA  . LEU A 1 129 ? -4.977  0.024   11.721  1.00 43.70 ? 129 LEU A CA  1 
ATOM   904  C  C   . LEU A 1 129 ? -3.454  0.144   11.616  1.00 43.66 ? 129 LEU A C   1 
ATOM   905  O  O   . LEU A 1 129 ? -2.768  0.243   12.629  1.00 43.40 ? 129 LEU A O   1 
ATOM   906  C  CB  . LEU A 1 129 ? -5.395  -1.451  11.691  1.00 43.94 ? 129 LEU A CB  1 
ATOM   907  C  CG  . LEU A 1 129 ? -5.500  -2.162  13.034  1.00 44.53 ? 129 LEU A CG  1 
ATOM   908  C  CD1 . LEU A 1 129 ? -6.336  -1.357  14.046  1.00 44.57 ? 129 LEU A CD1 1 
ATOM   909  C  CD2 . LEU A 1 129 ? -6.093  -3.554  12.816  1.00 45.25 ? 129 LEU A CD2 1 
ATOM   910  N  N   . ILE A 1 130 ? -2.935  0.146   10.385  1.00 43.55 ? 130 ILE A N   1 
ATOM   911  C  CA  . ILE A 1 130 ? -1.503  0.325   10.139  1.00 43.58 ? 130 ILE A CA  1 
ATOM   912  C  C   . ILE A 1 130 ? -1.072  1.787   10.373  1.00 43.77 ? 130 ILE A C   1 
ATOM   913  O  O   . ILE A 1 130 ? 0.015   2.065   10.879  1.00 43.74 ? 130 ILE A O   1 
ATOM   914  C  CB  . ILE A 1 130 ? -1.160  -0.135  8.717   1.00 43.67 ? 130 ILE A CB  1 
ATOM   915  C  CG1 . ILE A 1 130 ? -1.499  -1.636  8.573   1.00 43.75 ? 130 ILE A CG1 1 
ATOM   916  C  CG2 . ILE A 1 130 ? 0.297   0.176   8.398   1.00 43.65 ? 130 ILE A CG2 1 
ATOM   917  C  CD1 . ILE A 1 130 ? -0.941  -2.307  7.300   1.00 44.84 ? 130 ILE A CD1 1 
ATOM   918  N  N   . MET A 1 131 ? -1.942  2.720   10.028  1.00 43.65 ? 131 MET A N   1 
ATOM   919  C  CA  . MET A 1 131 ? -1.675  4.129   10.291  1.00 43.76 ? 131 MET A CA  1 
ATOM   920  C  C   . MET A 1 131 ? -1.550  4.375   11.805  1.00 43.79 ? 131 MET A C   1 
ATOM   921  O  O   . MET A 1 131 ? -0.682  5.120   12.243  1.00 43.67 ? 131 MET A O   1 
ATOM   922  C  CB  . MET A 1 131 ? -2.779  4.991   9.673   1.00 43.72 ? 131 MET A CB  1 
ATOM   923  C  CG  . MET A 1 131 ? -2.771  4.929   8.138   1.00 42.78 ? 131 MET A CG  1 
ATOM   924  S  SD  . MET A 1 131 ? -1.459  5.876   7.344   1.00 39.46 ? 131 MET A SD  1 
ATOM   925  C  CE  . MET A 1 131 ? -2.277  7.533   7.288   1.00 42.77 ? 131 MET A CE  1 
ATOM   926  N  N   . ASP A 1 132 ? -2.410  3.733   12.593  1.00 44.09 ? 132 ASP A N   1 
ATOM   927  C  CA  . ASP A 1 132 ? -2.331  3.808   14.053  1.00 44.25 ? 132 ASP A CA  1 
ATOM   928  C  C   . ASP A 1 132 ? -1.023  3.214   14.563  1.00 44.26 ? 132 ASP A C   1 
ATOM   929  O  O   . ASP A 1 132 ? -0.412  3.739   15.500  1.00 44.08 ? 132 ASP A O   1 
ATOM   930  C  CB  . ASP A 1 132 ? -3.485  3.034   14.694  1.00 44.50 ? 132 ASP A CB  1 
ATOM   931  C  CG  . ASP A 1 132 ? -4.799  3.798   14.672  1.00 45.02 ? 132 ASP A CG  1 
ATOM   932  O  OD1 . ASP A 1 132 ? -4.801  4.989   14.298  1.00 45.30 ? 132 ASP A OD1 1 
ATOM   933  O  OD2 . ASP A 1 132 ? -5.875  3.263   15.031  1.00 45.43 ? 132 ASP A OD2 1 
ATOM   934  N  N   . HIS A 1 133 ? -0.616  2.102   13.950  1.00 44.21 ? 133 HIS A N   1 
ATOM   935  C  CA  . HIS A 1 133 ? 0.616   1.412   14.309  1.00 44.32 ? 133 HIS A CA  1 
ATOM   936  C  C   . HIS A 1 133 ? 1.822   2.330   14.160  1.00 44.34 ? 133 HIS A C   1 
ATOM   937  O  O   . HIS A 1 133 ? 2.743   2.276   14.971  1.00 44.12 ? 133 HIS A O   1 
ATOM   938  C  CB  . HIS A 1 133 ? 0.797   0.143   13.464  1.00 44.37 ? 133 HIS A CB  1 
ATOM   939  C  CG  . HIS A 1 133 ? 2.147   -0.480  13.599  1.00 44.69 ? 133 HIS A CG  1 
ATOM   940  N  ND1 . HIS A 1 133 ? 3.245   -0.026  12.902  1.00 45.24 ? 133 HIS A ND1 1 
ATOM   941  C  CD2 . HIS A 1 133 ? 2.585   -1.512  14.359  1.00 45.58 ? 133 HIS A CD2 1 
ATOM   942  C  CE1 . HIS A 1 133 ? 4.300   -0.749  13.226  1.00 45.10 ? 133 HIS A CE1 1 
ATOM   943  N  NE2 . HIS A 1 133 ? 3.927   -1.661  14.103  1.00 45.21 ? 133 HIS A NE2 1 
ATOM   944  N  N   . TYR A 1 134 ? 1.796   3.179   13.135  1.00 44.55 ? 134 TYR A N   1 
ATOM   945  C  CA  . TYR A 1 134 ? 2.871   4.132   12.864  1.00 44.52 ? 134 TYR A CA  1 
ATOM   946  C  C   . TYR A 1 134 ? 2.539   5.511   13.466  1.00 44.69 ? 134 TYR A C   1 
ATOM   947  O  O   . TYR A 1 134 ? 3.151   6.528   13.111  1.00 44.92 ? 134 TYR A O   1 
ATOM   948  C  CB  . TYR A 1 134 ? 3.088   4.248   11.352  1.00 44.59 ? 134 TYR A CB  1 
ATOM   949  C  CG  . TYR A 1 134 ? 3.786   3.067   10.705  1.00 44.24 ? 134 TYR A CG  1 
ATOM   950  C  CD1 . TYR A 1 134 ? 3.108   2.234   9.820   1.00 45.12 ? 134 TYR A CD1 1 
ATOM   951  C  CD2 . TYR A 1 134 ? 5.138   2.809   10.945  1.00 44.71 ? 134 TYR A CD2 1 
ATOM   952  C  CE1 . TYR A 1 134 ? 3.744   1.161   9.203   1.00 44.70 ? 134 TYR A CE1 1 
ATOM   953  C  CE2 . TYR A 1 134 ? 5.784   1.736   10.332  1.00 44.91 ? 134 TYR A CE2 1 
ATOM   954  C  CZ  . TYR A 1 134 ? 5.077   0.918   9.464   1.00 44.83 ? 134 TYR A CZ  1 
ATOM   955  O  OH  . TYR A 1 134 ? 5.690   -0.145  8.852   1.00 45.85 ? 134 TYR A OH  1 
ATOM   956  N  N   . SER A 1 135 ? 1.582   5.528   14.391  1.00 44.76 ? 135 SER A N   1 
ATOM   957  C  CA  . SER A 1 135 ? 1.082   6.750   15.007  1.00 44.82 ? 135 SER A CA  1 
ATOM   958  C  C   . SER A 1 135 ? 1.154   7.920   14.047  1.00 44.70 ? 135 SER A C   1 
ATOM   959  O  O   . SER A 1 135 ? 1.788   8.935   14.331  1.00 44.36 ? 135 SER A O   1 
ATOM   960  C  CB  . SER A 1 135 ? 1.869   7.071   16.273  1.00 45.03 ? 135 SER A CB  1 
ATOM   961  O  OG  . SER A 1 135 ? 3.206   7.422   15.951  1.00 45.89 ? 135 SER A OG  1 
ATOM   962  N  N   . GLN A 1 136 ? 0.519   7.751   12.893  1.00 44.83 ? 136 GLN A N   1 
ATOM   963  C  CA  . GLN A 1 136 ? 0.466   8.803   11.899  1.00 44.79 ? 136 GLN A CA  1 
ATOM   964  C  C   . GLN A 1 136 ? -0.685  9.722   12.288  1.00 44.97 ? 136 GLN A C   1 
ATOM   965  O  O   . GLN A 1 136 ? -0.497  10.951  12.438  1.00 44.99 ? 136 GLN A O   1 
ATOM   966  C  CB  . GLN A 1 136 ? 0.304   8.216   10.503  1.00 44.88 ? 136 GLN A CB  1 
ATOM   967  C  CG  . GLN A 1 136 ? 1.642   7.757   9.903   1.00 45.04 ? 136 GLN A CG  1 
ATOM   968  C  CD  . GLN A 1 136 ? 2.398   8.891   9.218   1.00 45.60 ? 136 GLN A CD  1 
ATOM   969  O  OE1 . GLN A 1 136 ? 2.003   9.348   8.135   1.00 45.99 ? 136 GLN A OE1 1 
ATOM   970  N  NE2 . GLN A 1 136 ? 3.478   9.350   9.847   1.00 45.74 ? 136 GLN A NE2 1 
ATOM   971  N  N   . GLY A 1 137 ? -1.857  9.129   12.529  1.00 44.84 ? 137 GLY A N   1 
ATOM   972  C  CA  . GLY A 1 137 ? -3.026  9.906   12.925  1.00 44.61 ? 137 GLY A CA  1 
ATOM   973  C  C   . GLY A 1 137 ? -3.396  10.872  11.808  1.00 44.58 ? 137 GLY A C   1 
ATOM   974  O  O   . GLY A 1 137 ? -3.840  11.993  12.053  1.00 44.24 ? 137 GLY A O   1 
ATOM   975  N  N   . ALA A 1 138 ? -3.134  10.434  10.571  1.00 44.83 ? 138 ALA A N   1 
ATOM   976  C  CA  . ALA A 1 138 ? -3.558  11.142  9.362   1.00 44.74 ? 138 ALA A CA  1 
ATOM   977  C  C   . ALA A 1 138 ? -4.517  10.198  8.629   1.00 44.66 ? 138 ALA A C   1 
ATOM   978  O  O   . ALA A 1 138 ? -4.663  10.251  7.405   1.00 44.81 ? 138 ALA A O   1 
ATOM   979  C  CB  . ALA A 1 138 ? -2.348  11.501  8.490   1.00 44.87 ? 138 ALA A CB  1 
ATOM   980  N  N   . GLU A 1 139 ? -5.138  9.315   9.421   1.00 44.48 ? 139 GLU A N   1 
ATOM   981  C  CA  . GLU A 1 139 ? -6.221  8.416   9.013   1.00 44.30 ? 139 GLU A CA  1 
ATOM   982  C  C   . GLU A 1 139 ? -7.230  9.077   8.057   1.00 44.15 ? 139 GLU A C   1 
ATOM   983  O  O   . GLU A 1 139 ? -7.785  8.411   7.189   1.00 43.42 ? 139 GLU A O   1 
ATOM   984  C  CB  . GLU A 1 139 ? -6.981  7.922   10.271  1.00 44.22 ? 139 GLU A CB  1 
ATOM   985  C  CG  . GLU A 1 139 ? -6.382  6.709   11.021  1.00 44.32 ? 139 GLU A CG  1 
ATOM   986  C  CD  . GLU A 1 139 ? -6.964  6.532   12.432  1.00 44.87 ? 139 GLU A CD  1 
ATOM   987  O  OE1 . GLU A 1 139 ? -7.086  5.379   12.923  1.00 45.31 ? 139 GLU A OE1 1 
ATOM   988  O  OE2 . GLU A 1 139 ? -7.304  7.553   13.066  1.00 44.16 ? 139 GLU A OE2 1 
ATOM   989  N  N   . LYS A 1 140 ? -7.474  10.378  8.238   1.00 44.23 ? 140 LYS A N   1 
ATOM   990  C  CA  . LYS A 1 140 ? -8.437  11.107  7.408   1.00 44.52 ? 140 LYS A CA  1 
ATOM   991  C  C   . LYS A 1 140 ? -8.205  10.950  5.912   1.00 44.76 ? 140 LYS A C   1 
ATOM   992  O  O   . LYS A 1 140 ? -9.098  11.192  5.109   1.00 44.90 ? 140 LYS A O   1 
ATOM   993  C  CB  . LYS A 1 140 ? -8.457  12.594  7.769   1.00 44.47 ? 140 LYS A CB  1 
ATOM   994  C  CG  . LYS A 1 140 ? -9.253  12.894  9.018   1.00 44.73 ? 140 LYS A CG  1 
ATOM   995  C  CD  . LYS A 1 140 ? -10.723 12.483  8.882   1.00 44.67 ? 140 LYS A CD  1 
ATOM   996  C  CE  . LYS A 1 140 ? -11.656 13.509  9.523   1.00 44.14 ? 140 LYS A CE  1 
ATOM   997  N  NZ  . LYS A 1 140 ? -12.995 12.929  9.801   1.00 44.21 ? 140 LYS A NZ  1 
ATOM   998  N  N   . LYS A 1 141 ? -7.006  10.534  5.533   1.00 45.30 ? 141 LYS A N   1 
ATOM   999  C  CA  . LYS A 1 141 ? -6.757  10.147  4.157   1.00 45.23 ? 141 LYS A CA  1 
ATOM   1000 C  C   . LYS A 1 141 ? -6.874  8.618   4.147   1.00 45.41 ? 141 LYS A C   1 
ATOM   1001 O  O   . LYS A 1 141 ? -5.880  7.875   4.126   1.00 45.24 ? 141 LYS A O   1 
ATOM   1002 C  CB  . LYS A 1 141 ? -5.408  10.668  3.666   1.00 45.39 ? 141 LYS A CB  1 
ATOM   1003 C  CG  . LYS A 1 141 ? -5.341  12.215  3.532   1.00 44.69 ? 141 LYS A CG  1 
ATOM   1004 C  CD  . LYS A 1 141 ? -5.448  12.932  4.886   1.00 44.66 ? 141 LYS A CD  1 
ATOM   1005 C  CE  . LYS A 1 141 ? -4.392  14.018  5.083   1.00 44.90 ? 141 LYS A CE  1 
ATOM   1006 N  NZ  . LYS A 1 141 ? -4.106  14.802  3.844   1.00 45.09 ? 141 LYS A NZ  1 
ATOM   1007 N  N   . GLN A 1 142 ? -8.148  8.206   4.249   1.00 45.69 ? 142 GLN A N   1 
ATOM   1008 C  CA  . GLN A 1 142 ? -8.629  6.847   4.035   1.00 45.75 ? 142 GLN A CA  1 
ATOM   1009 C  C   . GLN A 1 142 ? -7.872  6.220   2.888   1.00 45.94 ? 142 GLN A C   1 
ATOM   1010 O  O   . GLN A 1 142 ? -7.133  6.911   2.194   1.00 46.32 ? 142 GLN A O   1 
ATOM   1011 C  CB  . GLN A 1 142 ? -10.154 6.884   3.745   1.00 45.64 ? 142 GLN A CB  1 
ATOM   1012 C  CG  . GLN A 1 142 ? -10.612 7.234   2.300   1.00 45.96 ? 142 GLN A CG  1 
ATOM   1013 C  CD  . GLN A 1 142 ? -10.050 8.557   1.684   1.00 47.48 ? 142 GLN A CD  1 
ATOM   1014 O  OE1 . GLN A 1 142 ? -10.546 9.018   0.641   1.00 47.59 ? 142 GLN A OE1 1 
ATOM   1015 N  NE2 . GLN A 1 142 ? -9.044  9.145   2.309   1.00 48.27 ? 142 GLN A NE2 1 
ATOM   1016 N  N   . THR A 1 143 ? -8.063  4.919   2.657   1.00 46.43 ? 143 THR A N   1 
ATOM   1017 C  CA  . THR A 1 143 ? -7.481  4.305   1.450   1.00 46.13 ? 143 THR A CA  1 
ATOM   1018 C  C   . THR A 1 143 ? -8.428  4.633   0.343   1.00 45.89 ? 143 THR A C   1 
ATOM   1019 O  O   . THR A 1 143 ? -8.905  3.757   -0.376  1.00 46.24 ? 143 THR A O   1 
ATOM   1020 C  CB  . THR A 1 143 ? -7.405  2.824   1.504   1.00 46.29 ? 143 THR A CB  1 
ATOM   1021 O  OG1 . THR A 1 143 ? -6.847  2.414   2.753   1.00 48.06 ? 143 THR A OG1 1 
ATOM   1022 C  CG2 . THR A 1 143 ? -6.431  2.341   0.415   1.00 46.39 ? 143 THR A CG2 1 
ATOM   1023 N  N   . HIS A 1 144 ? -8.735  5.905   0.236   1.00 45.22 ? 144 HIS A N   1 
ATOM   1024 C  CA  . HIS A 1 144 ? -9.686  6.330   -0.718  1.00 44.89 ? 144 HIS A CA  1 
ATOM   1025 C  C   . HIS A 1 144 ? -10.749 5.232   -0.933  1.00 44.74 ? 144 HIS A C   1 
ATOM   1026 O  O   . HIS A 1 144 ? -10.483 4.136   -1.469  1.00 44.13 ? 144 HIS A O   1 
ATOM   1027 C  CB  . HIS A 1 144 ? -8.902  6.816   -1.928  1.00 44.72 ? 144 HIS A CB  1 
ATOM   1028 C  CG  . HIS A 1 144 ? -7.816  7.782   -1.544  1.00 44.50 ? 144 HIS A CG  1 
ATOM   1029 N  ND1 . HIS A 1 144 ? -8.084  9.061   -1.100  1.00 44.95 ? 144 HIS A ND1 1 
ATOM   1030 C  CD2 . HIS A 1 144 ? -6.471  7.631   -1.454  1.00 44.06 ? 144 HIS A CD2 1 
ATOM   1031 C  CE1 . HIS A 1 144 ? -6.947  9.669   -0.800  1.00 44.36 ? 144 HIS A CE1 1 
ATOM   1032 N  NE2 . HIS A 1 144 ? -5.952  8.824   -1.010  1.00 43.82 ? 144 HIS A NE2 1 
ATOM   1033 N  N   . ALA A 1 145 ? -11.943 5.537   -0.408  1.00 44.69 ? 145 ALA A N   1 
ATOM   1034 C  CA  . ALA A 1 145 ? -13.166 4.811   -0.719  1.00 44.50 ? 145 ALA A CA  1 
ATOM   1035 C  C   . ALA A 1 145 ? -13.356 4.993   -2.212  1.00 44.33 ? 145 ALA A C   1 
ATOM   1036 O  O   . ALA A 1 145 ? -14.103 4.253   -2.844  1.00 44.21 ? 145 ALA A O   1 
ATOM   1037 C  CB  . ALA A 1 145 ? -14.377 5.398   0.071   1.00 44.58 ? 145 ALA A CB  1 
ATOM   1038 N  N   . LEU A 1 146 ? -12.655 5.993   -2.760  1.00 44.21 ? 146 LEU A N   1 
ATOM   1039 C  CA  . LEU A 1 146 ? -12.625 6.246   -4.203  1.00 44.31 ? 146 LEU A CA  1 
ATOM   1040 C  C   . LEU A 1 146 ? -11.637 5.367   -5.005  1.00 44.21 ? 146 LEU A C   1 
ATOM   1041 O  O   . LEU A 1 146 ? -11.949 5.008   -6.139  1.00 44.06 ? 146 LEU A O   1 
ATOM   1042 C  CB  . LEU A 1 146 ? -12.352 7.734   -4.475  1.00 44.24 ? 146 LEU A CB  1 
ATOM   1043 C  CG  . LEU A 1 146 ? -13.558 8.645   -4.187  1.00 44.67 ? 146 LEU A CG  1 
ATOM   1044 C  CD1 . LEU A 1 146 ? -13.117 9.931   -3.501  1.00 44.80 ? 146 LEU A CD1 1 
ATOM   1045 C  CD2 . LEU A 1 146 ? -14.375 8.961   -5.464  1.00 44.51 ? 146 LEU A CD2 1 
ATOM   1046 N  N   . LEU A 1 147 ? -10.476 5.011   -4.440  1.00 44.14 ? 147 LEU A N   1 
ATOM   1047 C  CA  . LEU A 1 147 ? -9.473  4.246   -5.198  1.00 44.18 ? 147 LEU A CA  1 
ATOM   1048 C  C   . LEU A 1 147 ? -9.670  2.731   -5.247  1.00 44.32 ? 147 LEU A C   1 
ATOM   1049 O  O   . LEU A 1 147 ? -9.216  2.104   -6.197  1.00 44.30 ? 147 LEU A O   1 
ATOM   1050 C  CB  . LEU A 1 147 ? -8.029  4.560   -4.732  1.00 44.16 ? 147 LEU A CB  1 
ATOM   1051 C  CG  . LEU A 1 147 ? -7.447  5.888   -5.260  1.00 44.41 ? 147 LEU A CG  1 
ATOM   1052 C  CD1 . LEU A 1 147 ? -6.085  6.206   -4.678  1.00 44.30 ? 147 LEU A CD1 1 
ATOM   1053 C  CD2 . LEU A 1 147 ? -7.345  5.903   -6.776  1.00 44.67 ? 147 LEU A CD2 1 
ATOM   1054 N  N   . ASP A 1 148 ? -10.320 2.144   -4.240  1.00 44.37 ? 148 ASP A N   1 
ATOM   1055 C  CA  . ASP A 1 148 ? -10.549 0.695   -4.204  1.00 44.54 ? 148 ASP A CA  1 
ATOM   1056 C  C   . ASP A 1 148 ? -11.938 0.411   -4.747  1.00 44.51 ? 148 ASP A C   1 
ATOM   1057 O  O   . ASP A 1 148 ? -12.819 1.273   -4.680  1.00 44.53 ? 148 ASP A O   1 
ATOM   1058 C  CB  . ASP A 1 148 ? -10.479 0.147   -2.762  1.00 44.56 ? 148 ASP A CB  1 
ATOM   1059 C  CG  . ASP A 1 148 ? -9.064  0.091   -2.190  1.00 45.40 ? 148 ASP A CG  1 
ATOM   1060 O  OD1 . ASP A 1 148 ? -8.918  0.392   -0.975  1.00 46.71 ? 148 ASP A OD1 1 
ATOM   1061 O  OD2 . ASP A 1 148 ? -8.059  -0.298  -2.842  1.00 46.45 ? 148 ASP A OD2 1 
ATOM   1062 N  N   . LYS A 1 149 ? -12.133 -0.810  -5.245  1.00 44.61 ? 149 LYS A N   1 
ATOM   1063 C  CA  . LYS A 1 149 ? -13.442 -1.320  -5.680  1.00 44.65 ? 149 LYS A CA  1 
ATOM   1064 C  C   . LYS A 1 149 ? -14.116 -2.110  -4.534  1.00 44.66 ? 149 LYS A C   1 
ATOM   1065 O  O   . LYS A 1 149 ? -13.469 -2.956  -3.888  1.00 44.13 ? 149 LYS A O   1 
ATOM   1066 C  CB  . LYS A 1 149 ? -13.289 -2.237  -6.911  1.00 44.48 ? 149 LYS A CB  1 
ATOM   1067 C  CG  . LYS A 1 149 ? -12.438 -3.495  -6.628  1.00 45.12 ? 149 LYS A CG  1 
ATOM   1068 C  CD  . LYS A 1 149 ? -12.209 -4.465  -7.815  1.00 44.74 ? 149 LYS A CD  1 
ATOM   1069 C  CE  . LYS A 1 149 ? -11.023 -5.449  -7.506  1.00 43.79 ? 149 LYS A CE  1 
ATOM   1070 N  NZ  . LYS A 1 149 ? -11.332 -6.495  -6.500  1.00 41.79 ? 149 LYS A NZ  1 
ATOM   1071 N  N   . LEU A 1 150 ? -15.392 -1.825  -4.268  1.00 44.67 ? 150 LEU A N   1 
ATOM   1072 C  CA  . LEU A 1 150 ? -16.201 -2.676  -3.388  1.00 45.10 ? 150 LEU A CA  1 
ATOM   1073 C  C   . LEU A 1 150 ? -16.784 -3.695  -4.342  1.00 45.40 ? 150 LEU A C   1 
ATOM   1074 O  O   . LEU A 1 150 ? -17.295 -3.313  -5.397  1.00 45.84 ? 150 LEU A O   1 
ATOM   1075 C  CB  . LEU A 1 150 ? -17.318 -1.874  -2.684  1.00 45.06 ? 150 LEU A CB  1 
ATOM   1076 C  CG  . LEU A 1 150 ? -18.197 -2.467  -1.546  1.00 45.10 ? 150 LEU A CG  1 
ATOM   1077 C  CD1 . LEU A 1 150 ? -17.537 -3.545  -0.709  1.00 45.43 ? 150 LEU A CD1 1 
ATOM   1078 C  CD2 . LEU A 1 150 ? -18.706 -1.351  -0.622  1.00 44.93 ? 150 LEU A CD2 1 
ATOM   1079 N  N   . LEU A 1 151 ? -16.711 -4.975  -3.977  1.00 45.67 ? 151 LEU A N   1 
ATOM   1080 C  CA  . LEU A 1 151 ? -17.016 -6.081  -4.896  1.00 45.84 ? 151 LEU A CA  1 
ATOM   1081 C  C   . LEU A 1 151 ? -18.503 -6.143  -5.251  1.00 46.21 ? 151 LEU A C   1 
ATOM   1082 O  O   . LEU A 1 151 ? -19.284 -6.944  -4.721  1.00 46.63 ? 151 LEU A O   1 
ATOM   1083 C  CB  . LEU A 1 151 ? -16.538 -7.437  -4.322  1.00 45.82 ? 151 LEU A CB  1 
ATOM   1084 C  CG  . LEU A 1 151 ? -15.241 -7.512  -3.495  1.00 45.48 ? 151 LEU A CG  1 
ATOM   1085 C  CD1 . LEU A 1 151 ? -15.102 -8.877  -2.798  1.00 45.62 ? 151 LEU A CD1 1 
ATOM   1086 C  CD2 . LEU A 1 151 ? -14.002 -7.218  -4.307  1.00 45.19 ? 151 LEU A CD2 1 
ATOM   1087 O  OXT . LEU A 1 151 ? -19.002 -5.379  -6.093  1.00 46.72 ? 151 LEU A OXT 1 
HETATM 1088 I  I   . IOD B 2 .   ? -0.392  -16.694 -3.087  0.60 57.17 ? 152 IOD A I   1 
HETATM 1089 I  I   . IOD C 2 .   ? -1.345  -16.726 3.901   0.70 58.77 ? 153 IOD A I   1 
HETATM 1090 I  I   . IOD D 2 .   ? 7.936   4.563   -11.133 0.40 58.57 ? 154 IOD A I   1 
HETATM 1091 I  I   . IOD E 2 .   ? -16.180 0.548   2.713   0.40 59.30 ? 155 IOD A I   1 
HETATM 1092 I  I   . IOD F 2 .   ? -0.470  -9.966  -9.526  0.40 59.94 ? 156 IOD A I   1 
HETATM 1093 I  I   . IOD G 2 .   ? -6.725  13.672  -0.147  0.30 62.64 ? 157 IOD A I   1 
HETATM 1094 I  I   . IOD H 2 .   ? -0.823  -14.893 5.632   0.30 63.25 ? 158 IOD A I   1 
HETATM 1095 CL CL  . CL  I 3 .   ? 4.760   -5.961  13.388  1.00 60.94 ? 159 CL  A CL  1 
HETATM 1096 CL CL  . CL  J 3 .   ? 8.587   -5.386  9.510   1.00 59.68 ? 160 CL  A CL  1 
HETATM 1097 NA NA  . NA  K 4 .   ? 7.563   -10.692 -5.309  1.00 55.13 ? 161 NA  A NA  1 
HETATM 1098 NA NA  . NA  L 4 .   ? -1.463  -15.590 8.175   1.00 66.33 ? 162 NA  A NA  1 
HETATM 1099 NA NA  . NA  M 4 .   ? 0.208   -7.051  -12.005 1.00 62.18 ? 163 NA  A NA  1 
HETATM 1100 O  O   . HOH N 5 .   ? -4.300  -2.627  3.660   1.00 59.73 ? 164 HOH A O   1 
HETATM 1101 O  O   . HOH N 5 .   ? -1.714  -4.272  15.250  1.00 59.80 ? 165 HOH A O   1 
HETATM 1102 O  O   . HOH N 5 .   ? -27.290 -9.590  -8.149  1.00 63.08 ? 166 HOH A O   1 
HETATM 1103 O  O   . HOH N 5 .   ? 5.014   1.203   -17.176 1.00 52.88 ? 167 HOH A O   1 
HETATM 1104 O  O   . HOH N 5 .   ? 6.368   -10.634 7.547   1.00 53.45 ? 168 HOH A O   1 
HETATM 1105 O  O   . HOH N 5 .   ? 11.988  -15.536 1.137   1.00 58.10 ? 169 HOH A O   1 
HETATM 1106 O  O   . HOH N 5 .   ? 9.565   -11.422 -4.042  1.00 49.93 ? 170 HOH A O   1 
HETATM 1107 O  O   . HOH N 5 .   ? -18.162 -8.696  -7.373  1.00 63.13 ? 171 HOH A O   1 
HETATM 1108 O  O   . HOH N 5 .   ? -0.916  7.373   17.939  1.00 64.61 ? 172 HOH A O   1 
HETATM 1109 O  O   . HOH N 5 .   ? 13.108  -10.983 -9.591  1.00 54.40 ? 173 HOH A O   1 
HETATM 1110 O  O   . HOH N 5 .   ? 13.141  -12.901 -7.169  1.00 55.67 ? 174 HOH A O   1 
HETATM 1111 O  O   . HOH N 5 .   ? -19.093 3.628   1.892   1.00 62.29 ? 175 HOH A O   1 
HETATM 1112 O  O   . HOH N 5 .   ? -5.260  7.843   -13.364 1.00 60.98 ? 176 HOH A O   1 
HETATM 1113 O  O   . HOH N 5 .   ? -2.832  20.781  -1.152  1.00 60.30 ? 177 HOH A O   1 
HETATM 1114 O  O   . HOH N 5 .   ? -10.335 8.180   15.577  1.00 60.30 ? 178 HOH A O   1 
HETATM 1115 O  O   . HOH N 5 .   ? 19.298  -11.062 2.460   1.00 58.63 ? 179 HOH A O   1 
HETATM 1116 O  O   . HOH N 5 .   ? 2.319   -5.141  15.169  1.00 62.15 ? 180 HOH A O   1 
HETATM 1117 O  O   . HOH N 5 .   ? 18.488  -13.748 -3.165  1.00 54.46 ? 181 HOH A O   1 
HETATM 1118 O  O   . HOH N 5 .   ? 16.256  -1.255  -11.447 1.00 50.56 ? 182 HOH A O   1 
HETATM 1119 O  O   . HOH N 5 .   ? 14.745  2.545   -17.195 1.00 57.17 ? 183 HOH A O   1 
HETATM 1120 O  O   . HOH N 5 .   ? 4.613   -23.129 18.642  1.00 55.50 ? 184 HOH A O   1 
HETATM 1121 O  O   . HOH N 5 .   ? -1.735  -8.220  14.492  1.00 59.03 ? 185 HOH A O   1 
HETATM 1122 O  O   . HOH N 5 .   ? -0.189  -6.151  14.459  1.00 61.82 ? 186 HOH A O   1 
HETATM 1123 O  O   . HOH N 5 .   ? 0.909   -15.829 8.762   1.00 55.74 ? 187 HOH A O   1 
HETATM 1124 O  O   . HOH N 5 .   ? 16.947  -15.239 6.426   1.00 61.50 ? 188 HOH A O   1 
HETATM 1125 O  O   . HOH N 5 .   ? 5.596   -0.507  -17.826 1.00 44.48 ? 189 HOH A O   1 
HETATM 1126 O  O   . HOH N 5 .   ? -33.693 -10.288 4.307   1.00 60.65 ? 190 HOH A O   1 
HETATM 1127 O  O   . HOH N 5 .   ? 7.735   10.515  5.197   1.00 53.81 ? 191 HOH A O   1 
HETATM 1128 O  O   . HOH N 5 .   ? -3.829  17.775  11.707  1.00 59.45 ? 192 HOH A O   1 
HETATM 1129 O  O   . HOH N 5 .   ? 0.925   9.382   18.484  1.00 63.28 ? 193 HOH A O   1 
HETATM 1130 O  O   . HOH N 5 .   ? -20.529 11.747  -11.224 1.00 61.88 ? 194 HOH A O   1 
HETATM 1131 O  O   . HOH N 5 .   ? 13.523  -7.407  15.460  1.00 58.65 ? 195 HOH A O   1 
HETATM 1132 O  O   . HOH N 5 .   ? -13.181 -10.430 4.907   1.00 57.93 ? 196 HOH A O   1 
HETATM 1133 O  O   . HOH N 5 .   ? -4.799  -6.905  13.781  1.00 55.90 ? 197 HOH A O   1 
HETATM 1134 O  O   . HOH N 5 .   ? -18.677 4.034   -2.651  1.00 62.40 ? 198 HOH A O   1 
HETATM 1135 O  O   . HOH N 5 .   ? 8.836   3.017   9.434   1.00 64.65 ? 199 HOH A O   1 
HETATM 1136 O  O   . HOH N 5 .   ? -16.890 3.309   5.992   1.00 56.73 ? 200 HOH A O   1 
HETATM 1137 O  O   . HOH N 5 .   ? 12.802  13.675  9.794   1.00 61.72 ? 201 HOH A O   1 
HETATM 1138 O  O   . HOH N 5 .   ? -8.081  -4.971  -9.050  1.00 58.54 ? 202 HOH A O   1 
HETATM 1139 O  O   . HOH N 5 .   ? -5.928  0.509   -9.030  1.00 57.33 ? 203 HOH A O   1 
HETATM 1140 O  O   . HOH N 5 .   ? -17.351 23.110  -10.102 1.00 63.33 ? 204 HOH A O   1 
HETATM 1141 O  O   . HOH N 5 .   ? -21.880 20.704  -9.357  1.00 62.52 ? 205 HOH A O   1 
HETATM 1142 O  O   . HOH N 5 .   ? 5.343   -16.189 -12.044 1.00 61.41 ? 206 HOH A O   1 
HETATM 1143 O  O   . HOH N 5 .   ? 0.125   -18.167 12.846  1.00 60.29 ? 207 HOH A O   1 
HETATM 1144 O  O   . HOH N 5 .   ? 2.627   -18.551 5.450   1.00 55.13 ? 208 HOH A O   1 
HETATM 1145 O  O   . HOH N 5 .   ? 14.092  -1.773  1.215   1.00 59.35 ? 209 HOH A O   1 
HETATM 1146 O  O   . HOH N 5 .   ? 14.376  3.495   4.310   1.00 60.02 ? 210 HOH A O   1 
HETATM 1147 O  O   . HOH N 5 .   ? -16.232 22.531  2.668   1.00 59.59 ? 211 HOH A O   1 
HETATM 1148 O  O   . HOH N 5 .   ? 18.438  8.280   -5.919  1.00 54.09 ? 212 HOH A O   1 
HETATM 1149 O  O   . HOH N 5 .   ? 7.015   -13.321 -7.060  1.00 55.81 ? 213 HOH A O   1 
HETATM 1150 O  O   . HOH N 5 .   ? 3.732   -15.864 -4.421  1.00 57.43 ? 214 HOH A O   1 
HETATM 1151 O  O   . HOH N 5 .   ? 11.669  12.981  5.976   1.00 60.64 ? 215 HOH A O   1 
HETATM 1152 O  O   . HOH N 5 .   ? -11.660 3.282   -8.857  1.00 63.30 ? 216 HOH A O   1 
HETATM 1153 O  O   . HOH N 5 .   ? -20.639 25.128  -3.657  1.00 60.26 ? 217 HOH A O   1 
HETATM 1154 O  O   . HOH N 5 .   ? -17.462 20.540  -9.512  1.00 61.07 ? 218 HOH A O   1 
HETATM 1155 O  O   . HOH N 5 .   ? 1.082   15.998  -8.947  1.00 63.50 ? 219 HOH A O   1 
HETATM 1156 O  O   . HOH N 5 .   ? -7.603  21.750  3.633   1.00 60.50 ? 220 HOH A O   1 
HETATM 1157 O  O   . HOH N 5 .   ? -5.866  15.154  -18.802 1.00 61.87 ? 221 HOH A O   1 
HETATM 1158 O  O   . HOH N 5 .   ? 2.842   19.018  -9.217  1.00 62.10 ? 222 HOH A O   1 
HETATM 1159 O  O   . HOH N 5 .   ? 14.492  -14.769 0.557   1.00 58.74 ? 223 HOH A O   1 
HETATM 1160 O  O   . HOH N 5 .   ? 6.813   -8.862  10.337  1.00 58.28 ? 224 HOH A O   1 
# 
